data_6CAH
#
_entry.id   6CAH
#
_entity_poly.entity_id   1
_entity_poly.type   'polypeptide(L)'
_entity_poly.pdbx_seq_one_letter_code
;GHMWNLATSMMKILRPGRLTGELPPGAVRIGRANDNDIVIPEVLASRHHATLVPTPGGTEIRDNRSINGTFVNGARVDAA
LLHDGDVVTIGNIDLVFADGTLARREEN
;
_entity_poly.pdbx_strand_id   A
#
# COMPACT_ATOMS: atom_id res chain seq x y z
N GLY A 1 8.63 41.39 -24.81
CA GLY A 1 9.79 42.35 -24.68
C GLY A 1 10.54 42.43 -25.98
N HIS A 2 11.81 42.88 -25.94
CA HIS A 2 12.66 42.95 -27.11
C HIS A 2 13.27 41.60 -27.43
N MET A 3 13.60 41.35 -28.72
CA MET A 3 14.29 40.15 -29.16
C MET A 3 15.73 40.10 -28.64
N TRP A 4 16.15 38.94 -28.12
CA TRP A 4 17.50 38.71 -27.62
C TRP A 4 18.14 37.69 -28.55
N ASN A 5 19.45 37.85 -28.84
CA ASN A 5 20.16 37.10 -29.87
C ASN A 5 20.77 35.79 -29.40
N LEU A 6 20.48 35.34 -28.16
CA LEU A 6 20.94 34.05 -27.67
C LEU A 6 20.09 32.93 -28.27
N ALA A 7 20.74 31.90 -28.86
CA ALA A 7 20.07 30.79 -29.50
C ALA A 7 19.42 29.83 -28.50
N THR A 8 18.22 29.32 -28.86
CA THR A 8 17.47 28.35 -28.09
C THR A 8 17.66 26.96 -28.66
N SER A 9 17.28 25.91 -27.89
CA SER A 9 17.33 24.54 -28.34
C SER A 9 15.90 24.07 -28.54
N MET A 10 15.67 23.21 -29.56
CA MET A 10 14.41 22.57 -29.84
C MET A 10 13.97 21.57 -28.78
N MET A 11 14.93 20.94 -28.06
CA MET A 11 14.65 19.92 -27.08
C MET A 11 15.66 20.02 -25.94
N LYS A 12 15.30 19.44 -24.77
CA LYS A 12 16.17 19.30 -23.63
C LYS A 12 16.39 17.82 -23.40
N ILE A 13 17.59 17.43 -22.91
CA ILE A 13 17.95 16.05 -22.67
C ILE A 13 17.87 15.83 -21.17
N LEU A 14 17.13 14.79 -20.73
CA LEU A 14 16.91 14.49 -19.34
C LEU A 14 16.82 12.99 -19.19
N ARG A 15 16.99 12.47 -17.94
CA ARG A 15 16.96 11.06 -17.64
C ARG A 15 15.56 10.47 -17.85
N PRO A 16 15.32 9.44 -18.68
CA PRO A 16 13.99 8.86 -18.84
C PRO A 16 13.59 8.02 -17.64
N GLY A 17 12.26 7.82 -17.43
CA GLY A 17 11.74 7.04 -16.31
C GLY A 17 11.75 5.56 -16.58
N ARG A 18 12.96 4.98 -16.77
CA ARG A 18 13.16 3.60 -17.05
C ARG A 18 13.78 2.97 -15.81
N LEU A 19 12.99 2.11 -15.15
CA LEU A 19 13.40 1.34 -13.99
C LEU A 19 13.57 -0.11 -14.45
N THR A 20 14.60 -0.80 -13.96
CA THR A 20 15.03 -2.10 -14.44
C THR A 20 15.30 -3.01 -13.27
N GLY A 21 15.22 -4.35 -13.50
CA GLY A 21 15.53 -5.36 -12.50
C GLY A 21 14.42 -5.57 -11.49
N GLU A 22 14.79 -6.13 -10.32
CA GLU A 22 13.87 -6.41 -9.22
C GLU A 22 13.96 -5.33 -8.16
N LEU A 23 14.57 -4.18 -8.50
CA LEU A 23 14.80 -3.05 -7.63
C LEU A 23 13.51 -2.22 -7.50
N PRO A 24 12.90 -1.98 -6.34
CA PRO A 24 11.79 -1.05 -6.23
C PRO A 24 12.28 0.40 -6.29
N PRO A 25 11.47 1.39 -6.66
CA PRO A 25 11.91 2.78 -6.81
C PRO A 25 12.13 3.49 -5.48
N GLY A 26 11.75 2.86 -4.36
CA GLY A 26 11.93 3.40 -3.01
C GLY A 26 10.65 3.89 -2.38
N ALA A 27 9.58 4.00 -3.18
CA ALA A 27 8.25 4.33 -2.73
C ALA A 27 7.29 3.34 -3.36
N VAL A 28 6.11 3.12 -2.74
CA VAL A 28 5.11 2.19 -3.26
C VAL A 28 3.84 2.95 -3.47
N ARG A 29 3.23 2.86 -4.67
CA ARG A 29 1.93 3.43 -4.90
C ARG A 29 0.91 2.32 -4.67
N ILE A 30 -0.18 2.58 -3.93
CA ILE A 30 -1.26 1.59 -3.82
C ILE A 30 -2.36 1.95 -4.81
N GLY A 31 -2.81 0.97 -5.61
CA GLY A 31 -3.91 1.19 -6.52
C GLY A 31 -4.31 -0.05 -7.27
N ARG A 32 -4.99 0.16 -8.42
CA ARG A 32 -5.54 -0.89 -9.27
C ARG A 32 -4.67 -1.19 -10.48
N ALA A 33 -3.77 -0.27 -10.90
CA ALA A 33 -2.95 -0.49 -12.09
C ALA A 33 -1.51 -0.82 -11.84
N ASN A 34 -0.92 -1.66 -12.73
CA ASN A 34 0.28 -2.43 -12.47
C ASN A 34 1.57 -1.65 -12.73
N ASP A 35 1.45 -0.31 -12.86
CA ASP A 35 2.56 0.62 -12.85
C ASP A 35 2.99 0.87 -11.42
N ASN A 36 2.07 0.62 -10.46
CA ASN A 36 2.18 1.13 -9.12
C ASN A 36 3.04 0.31 -8.20
N ASP A 37 3.62 -0.81 -8.70
CA ASP A 37 4.36 -1.84 -8.00
C ASP A 37 3.48 -2.80 -7.21
N ILE A 38 2.52 -2.31 -6.38
CA ILE A 38 1.64 -3.17 -5.60
C ILE A 38 0.22 -2.82 -5.93
N VAL A 39 -0.55 -3.83 -6.40
CA VAL A 39 -1.89 -3.68 -6.92
C VAL A 39 -2.89 -4.54 -6.20
N ILE A 40 -4.05 -3.94 -5.82
CA ILE A 40 -5.14 -4.65 -5.16
C ILE A 40 -6.14 -5.01 -6.26
N PRO A 41 -6.52 -6.27 -6.52
CA PRO A 41 -7.49 -6.60 -7.57
C PRO A 41 -8.92 -6.31 -7.13
N GLU A 42 -9.27 -5.01 -6.93
CA GLU A 42 -10.57 -4.55 -6.50
C GLU A 42 -11.21 -3.48 -7.36
N VAL A 43 -12.55 -3.63 -7.52
CA VAL A 43 -13.47 -2.64 -8.07
C VAL A 43 -13.49 -1.43 -7.16
N LEU A 44 -13.45 -1.67 -5.83
CA LEU A 44 -13.47 -0.64 -4.80
C LEU A 44 -12.11 0.04 -4.62
N ALA A 45 -11.05 -0.41 -5.33
CA ALA A 45 -9.76 0.23 -5.29
C ALA A 45 -9.63 1.18 -6.48
N SER A 46 -9.32 2.46 -6.23
CA SER A 46 -9.04 3.44 -7.27
C SER A 46 -7.72 3.16 -7.96
N ARG A 47 -7.50 3.70 -9.19
CA ARG A 47 -6.29 3.45 -9.96
C ARG A 47 -5.04 3.95 -9.26
N HIS A 48 -5.13 5.14 -8.62
CA HIS A 48 -4.22 5.59 -7.59
C HIS A 48 -5.07 5.82 -6.36
N HIS A 49 -4.92 4.99 -5.30
CA HIS A 49 -5.81 5.03 -4.15
C HIS A 49 -5.10 5.63 -2.96
N ALA A 50 -3.87 5.16 -2.69
CA ALA A 50 -3.11 5.60 -1.55
C ALA A 50 -1.64 5.51 -1.88
N THR A 51 -0.77 6.23 -1.14
CA THR A 51 0.64 6.21 -1.38
C THR A 51 1.39 5.81 -0.15
N LEU A 52 2.45 5.00 -0.33
CA LEU A 52 3.49 4.81 0.66
C LEU A 52 4.74 5.56 0.27
N VAL A 53 5.25 6.46 1.17
CA VAL A 53 6.49 7.17 0.95
C VAL A 53 7.39 7.07 2.18
N PRO A 54 8.72 6.92 2.05
CA PRO A 54 9.63 6.98 3.20
C PRO A 54 9.78 8.41 3.69
N THR A 55 10.10 8.58 4.99
CA THR A 55 10.24 9.88 5.62
C THR A 55 11.53 9.78 6.43
N PRO A 56 12.15 10.83 6.97
CA PRO A 56 13.30 10.68 7.87
C PRO A 56 12.94 10.07 9.21
N GLY A 57 11.65 9.98 9.61
CA GLY A 57 11.24 9.46 10.90
C GLY A 57 10.48 8.17 10.85
N GLY A 58 10.39 7.52 9.67
CA GLY A 58 9.56 6.34 9.49
C GLY A 58 9.03 6.30 8.09
N THR A 59 7.92 5.59 7.85
CA THR A 59 7.25 5.55 6.55
C THR A 59 5.83 6.01 6.75
N GLU A 60 5.40 7.01 5.94
CA GLU A 60 4.01 7.41 5.85
C GLU A 60 3.22 6.60 4.86
N ILE A 61 1.95 6.35 5.24
CA ILE A 61 0.90 6.00 4.32
C ILE A 61 0.07 7.26 4.20
N ARG A 62 -0.24 7.68 2.96
CA ARG A 62 -1.05 8.86 2.69
C ARG A 62 -2.19 8.46 1.78
N ASP A 63 -3.42 8.82 2.17
CA ASP A 63 -4.63 8.24 1.63
C ASP A 63 -5.50 9.26 0.90
N ASN A 64 -6.18 8.83 -0.21
CA ASN A 64 -7.31 9.56 -0.76
C ASN A 64 -8.55 9.07 -0.05
N ARG A 65 -8.69 9.50 1.23
CA ARG A 65 -9.66 9.07 2.22
C ARG A 65 -11.10 9.41 1.89
N SER A 66 -11.29 10.34 0.94
CA SER A 66 -12.52 11.09 0.67
C SER A 66 -13.71 10.24 0.25
N ILE A 67 -13.53 9.28 -0.69
CA ILE A 67 -14.68 8.62 -1.30
C ILE A 67 -14.94 7.27 -0.67
N ASN A 68 -13.93 6.37 -0.67
CA ASN A 68 -14.08 5.02 -0.13
C ASN A 68 -13.42 4.93 1.23
N GLY A 69 -12.22 5.54 1.38
CA GLY A 69 -11.50 5.62 2.64
C GLY A 69 -10.47 4.54 2.82
N THR A 70 -9.53 4.76 3.77
CA THR A 70 -8.52 3.79 4.17
C THR A 70 -8.56 3.71 5.67
N PHE A 71 -8.55 2.49 6.24
CA PHE A 71 -8.45 2.30 7.68
C PHE A 71 -7.08 1.73 7.99
N VAL A 72 -6.40 2.20 9.06
CA VAL A 72 -5.19 1.59 9.58
C VAL A 72 -5.52 1.14 10.99
N ASN A 73 -5.39 -0.18 11.27
CA ASN A 73 -5.64 -0.84 12.55
C ASN A 73 -7.03 -0.54 13.11
N GLY A 74 -8.04 -0.37 12.21
CA GLY A 74 -9.42 -0.03 12.59
C GLY A 74 -9.72 1.45 12.62
N ALA A 75 -8.72 2.34 12.43
CA ALA A 75 -8.89 3.77 12.51
C ALA A 75 -8.79 4.37 11.11
N ARG A 76 -9.79 5.19 10.72
CA ARG A 76 -9.79 5.83 9.41
C ARG A 76 -8.92 7.08 9.44
N VAL A 77 -7.97 7.17 8.48
CA VAL A 77 -6.92 8.18 8.51
C VAL A 77 -6.74 8.83 7.15
N ASP A 78 -6.24 10.10 7.14
CA ASP A 78 -5.81 10.78 5.94
C ASP A 78 -4.34 10.49 5.65
N ALA A 79 -3.51 10.50 6.72
CA ALA A 79 -2.11 10.15 6.66
C ALA A 79 -1.75 9.55 8.00
N ALA A 80 -0.77 8.61 8.02
CA ALA A 80 -0.35 7.98 9.25
C ALA A 80 1.03 7.42 9.05
N LEU A 81 1.79 7.20 10.15
CA LEU A 81 3.04 6.48 10.13
C LEU A 81 2.79 5.01 10.34
N LEU A 82 3.38 4.14 9.49
CA LEU A 82 3.31 2.70 9.65
C LEU A 82 4.59 2.12 10.19
N HIS A 83 4.46 1.03 10.97
CA HIS A 83 5.53 0.18 11.40
C HIS A 83 5.12 -1.24 11.07
N ASP A 84 6.07 -2.20 11.10
CA ASP A 84 5.84 -3.56 10.67
C ASP A 84 4.81 -4.29 11.52
N GLY A 85 3.87 -4.92 10.81
CA GLY A 85 2.75 -5.66 11.39
C GLY A 85 1.48 -4.86 11.53
N ASP A 86 1.41 -3.61 10.98
CA ASP A 86 0.17 -2.86 10.93
C ASP A 86 -0.76 -3.42 9.86
N VAL A 87 -2.08 -3.34 10.14
CA VAL A 87 -3.11 -3.90 9.27
C VAL A 87 -3.86 -2.74 8.66
N VAL A 88 -3.94 -2.70 7.31
CA VAL A 88 -4.49 -1.57 6.58
C VAL A 88 -5.68 -2.11 5.79
N THR A 89 -6.87 -1.48 5.88
CA THR A 89 -8.02 -1.95 5.10
C THR A 89 -8.24 -1.00 3.94
N ILE A 90 -8.10 -1.51 2.70
CA ILE A 90 -8.39 -0.80 1.45
C ILE A 90 -9.23 -1.73 0.60
N GLY A 91 -10.40 -1.27 0.07
CA GLY A 91 -11.20 -2.02 -0.88
C GLY A 91 -11.86 -3.26 -0.31
N ASN A 92 -12.10 -3.26 1.03
CA ASN A 92 -12.49 -4.39 1.86
C ASN A 92 -11.47 -5.51 1.89
N ILE A 93 -10.18 -5.20 1.62
CA ILE A 93 -9.07 -6.13 1.67
C ILE A 93 -8.22 -5.70 2.84
N ASP A 94 -7.88 -6.62 3.78
CA ASP A 94 -6.97 -6.34 4.85
C ASP A 94 -5.52 -6.62 4.45
N LEU A 95 -4.73 -5.52 4.31
CA LEU A 95 -3.34 -5.50 3.92
C LEU A 95 -2.47 -5.49 5.13
N VAL A 96 -1.34 -6.21 5.04
CA VAL A 96 -0.42 -6.38 6.14
C VAL A 96 0.86 -5.69 5.71
N PHE A 97 1.37 -4.75 6.53
CA PHE A 97 2.54 -3.96 6.19
C PHE A 97 3.78 -4.57 6.81
N ALA A 98 4.78 -4.93 5.98
CA ALA A 98 6.06 -5.41 6.45
C ALA A 98 7.19 -4.73 5.68
N ASP A 99 7.99 -3.89 6.37
CA ASP A 99 9.24 -3.28 5.90
C ASP A 99 9.12 -2.56 4.56
N GLY A 100 8.03 -1.79 4.35
CA GLY A 100 7.79 -1.07 3.10
C GLY A 100 6.96 -1.83 2.10
N THR A 101 6.71 -3.13 2.33
CA THR A 101 5.99 -3.99 1.39
C THR A 101 4.67 -4.36 2.01
N LEU A 102 3.59 -4.31 1.19
CA LEU A 102 2.27 -4.72 1.57
C LEU A 102 1.94 -6.08 0.98
N ALA A 103 1.28 -6.94 1.78
CA ALA A 103 0.77 -8.22 1.32
C ALA A 103 -0.65 -8.39 1.83
N ARG A 104 -1.50 -9.15 1.10
CA ARG A 104 -2.78 -9.60 1.62
C ARG A 104 -2.60 -10.66 2.70
N ARG A 105 -3.43 -10.60 3.77
CA ARG A 105 -3.55 -11.69 4.71
C ARG A 105 -4.16 -12.94 4.07
N GLU A 106 -3.52 -14.12 4.25
CA GLU A 106 -4.06 -15.38 3.82
C GLU A 106 -3.68 -16.42 4.86
N GLU A 107 -4.63 -17.32 5.21
CA GLU A 107 -4.42 -18.32 6.24
C GLU A 107 -3.80 -19.55 5.59
N ASN A 108 -2.51 -19.44 5.21
CA ASN A 108 -1.81 -20.46 4.44
C ASN A 108 -1.59 -21.80 5.23
N GLY A 1 25.75 20.12 27.34
CA GLY A 1 24.54 19.28 27.03
C GLY A 1 24.80 18.43 25.81
N HIS A 2 23.73 17.90 25.17
CA HIS A 2 23.84 17.21 23.90
C HIS A 2 23.90 18.20 22.75
N MET A 3 24.31 17.72 21.56
CA MET A 3 24.38 18.53 20.36
C MET A 3 24.07 17.63 19.19
N TRP A 4 23.66 18.21 18.04
CA TRP A 4 23.33 17.46 16.84
C TRP A 4 24.31 17.92 15.78
N ASN A 5 24.88 16.97 15.01
CA ASN A 5 25.84 17.25 13.95
C ASN A 5 25.20 16.84 12.63
N LEU A 6 25.43 17.64 11.56
CA LEU A 6 24.89 17.40 10.24
C LEU A 6 25.53 16.16 9.61
N ALA A 7 24.69 15.21 9.16
CA ALA A 7 25.12 13.96 8.54
C ALA A 7 24.77 14.00 7.06
N THR A 8 25.65 13.42 6.21
CA THR A 8 25.47 13.37 4.76
C THR A 8 24.26 12.55 4.37
N SER A 9 23.34 13.13 3.59
CA SER A 9 22.15 12.46 3.13
C SER A 9 21.73 13.21 1.89
N MET A 10 20.64 12.77 1.21
CA MET A 10 20.10 13.43 0.05
C MET A 10 19.31 14.67 0.46
N MET A 11 19.55 15.81 -0.22
CA MET A 11 18.82 17.05 0.02
C MET A 11 17.43 17.00 -0.59
N LYS A 12 16.44 17.64 0.07
CA LYS A 12 15.07 17.63 -0.40
C LYS A 12 14.89 18.57 -1.57
N ILE A 13 14.22 18.10 -2.64
CA ILE A 13 13.99 18.85 -3.86
C ILE A 13 12.52 18.72 -4.22
N LEU A 14 12.02 19.63 -5.08
CA LEU A 14 10.65 19.59 -5.57
C LEU A 14 10.67 19.06 -6.99
N ARG A 15 9.71 18.17 -7.32
CA ARG A 15 9.57 17.57 -8.63
C ARG A 15 8.13 17.78 -9.08
N PRO A 16 7.81 17.87 -10.37
CA PRO A 16 6.43 17.90 -10.86
C PRO A 16 5.79 16.53 -10.74
N GLY A 17 4.45 16.45 -10.90
CA GLY A 17 3.75 15.17 -10.89
C GLY A 17 3.78 14.56 -12.26
N ARG A 18 4.64 13.55 -12.45
CA ARG A 18 4.86 12.85 -13.67
C ARG A 18 5.25 11.46 -13.24
N LEU A 19 5.21 10.51 -14.18
CA LEU A 19 5.61 9.12 -13.97
C LEU A 19 6.91 8.91 -14.72
N THR A 20 7.84 8.15 -14.11
CA THR A 20 9.17 7.87 -14.64
C THR A 20 9.38 6.37 -14.53
N GLY A 21 10.42 5.83 -15.21
CA GLY A 21 10.61 4.40 -15.38
C GLY A 21 11.42 3.71 -14.33
N GLU A 22 11.90 4.46 -13.34
CA GLU A 22 12.64 3.96 -12.21
C GLU A 22 11.93 4.36 -10.94
N LEU A 23 11.74 3.39 -10.01
CA LEU A 23 11.06 3.64 -8.76
C LEU A 23 11.91 3.03 -7.67
N PRO A 24 12.35 3.74 -6.62
CA PRO A 24 13.02 3.12 -5.47
C PRO A 24 12.11 2.15 -4.71
N PRO A 25 12.55 0.99 -4.22
CA PRO A 25 11.67 -0.06 -3.72
C PRO A 25 10.97 0.28 -2.42
N GLY A 26 11.39 1.35 -1.72
CA GLY A 26 10.76 1.82 -0.50
C GLY A 26 9.57 2.73 -0.75
N ALA A 27 9.30 3.11 -2.01
CA ALA A 27 8.13 3.88 -2.38
C ALA A 27 7.17 2.98 -3.13
N VAL A 28 5.91 2.87 -2.65
CA VAL A 28 4.90 2.01 -3.25
C VAL A 28 3.66 2.84 -3.48
N ARG A 29 3.08 2.81 -4.70
CA ARG A 29 1.80 3.48 -4.90
C ARG A 29 0.71 2.41 -4.92
N ILE A 30 -0.28 2.53 -4.00
CA ILE A 30 -1.38 1.56 -3.93
C ILE A 30 -2.51 1.99 -4.86
N GLY A 31 -3.00 1.06 -5.70
CA GLY A 31 -4.12 1.37 -6.56
C GLY A 31 -4.52 0.22 -7.41
N ARG A 32 -5.15 0.52 -8.57
CA ARG A 32 -5.71 -0.43 -9.50
C ARG A 32 -4.79 -0.73 -10.66
N ALA A 33 -3.94 0.24 -11.10
CA ALA A 33 -3.11 0.03 -12.26
C ALA A 33 -1.70 -0.47 -12.02
N ASN A 34 -1.26 -1.44 -12.86
CA ASN A 34 -0.18 -2.37 -12.60
C ASN A 34 1.19 -1.79 -12.86
N ASP A 35 1.27 -0.47 -13.09
CA ASP A 35 2.50 0.28 -13.17
C ASP A 35 3.01 0.57 -11.77
N ASN A 36 2.11 0.53 -10.77
CA ASN A 36 2.31 1.23 -9.52
C ASN A 36 3.00 0.37 -8.47
N ASP A 37 3.61 -0.76 -8.91
CA ASP A 37 4.28 -1.79 -8.13
C ASP A 37 3.33 -2.74 -7.38
N ILE A 38 2.34 -2.24 -6.61
CA ILE A 38 1.41 -3.11 -5.89
C ILE A 38 -0.01 -2.69 -6.23
N VAL A 39 -0.78 -3.67 -6.76
CA VAL A 39 -2.17 -3.52 -7.14
C VAL A 39 -3.05 -4.48 -6.39
N ILE A 40 -4.20 -3.96 -5.91
CA ILE A 40 -5.22 -4.74 -5.21
C ILE A 40 -6.26 -5.09 -6.28
N PRO A 41 -6.63 -6.33 -6.57
CA PRO A 41 -7.62 -6.65 -7.61
C PRO A 41 -9.05 -6.35 -7.16
N GLU A 42 -9.36 -5.06 -6.91
CA GLU A 42 -10.64 -4.59 -6.48
C GLU A 42 -11.24 -3.52 -7.35
N VAL A 43 -12.57 -3.62 -7.56
CA VAL A 43 -13.46 -2.62 -8.12
C VAL A 43 -13.50 -1.42 -7.19
N LEU A 44 -13.54 -1.68 -5.86
CA LEU A 44 -13.63 -0.67 -4.81
C LEU A 44 -12.31 0.11 -4.66
N ALA A 45 -11.19 -0.42 -5.19
CA ALA A 45 -9.92 0.28 -5.14
C ALA A 45 -9.78 1.29 -6.28
N SER A 46 -9.47 2.56 -5.94
CA SER A 46 -9.21 3.62 -6.91
C SER A 46 -7.89 3.41 -7.66
N ARG A 47 -7.73 4.08 -8.83
CA ARG A 47 -6.54 3.94 -9.68
C ARG A 47 -5.26 4.40 -8.97
N HIS A 48 -5.33 5.51 -8.21
CA HIS A 48 -4.43 5.71 -7.10
C HIS A 48 -5.31 5.85 -5.88
N HIS A 49 -5.14 4.96 -4.88
CA HIS A 49 -6.00 4.93 -3.71
C HIS A 49 -5.23 5.47 -2.54
N ALA A 50 -3.97 5.02 -2.40
CA ALA A 50 -3.13 5.42 -1.30
C ALA A 50 -1.69 5.36 -1.76
N THR A 51 -0.77 6.07 -1.10
CA THR A 51 0.63 6.02 -1.40
C THR A 51 1.40 5.67 -0.16
N LEU A 52 2.45 4.84 -0.31
CA LEU A 52 3.46 4.64 0.71
C LEU A 52 4.70 5.41 0.35
N VAL A 53 5.17 6.32 1.24
CA VAL A 53 6.38 7.10 1.04
C VAL A 53 7.29 7.00 2.27
N PRO A 54 8.61 6.80 2.14
CA PRO A 54 9.50 6.61 3.28
C PRO A 54 9.77 7.91 4.03
N THR A 55 10.08 7.82 5.34
CA THR A 55 10.34 8.97 6.20
C THR A 55 11.59 8.59 7.00
N PRO A 56 12.30 9.44 7.73
CA PRO A 56 13.40 9.00 8.59
C PRO A 56 12.97 8.19 9.80
N GLY A 57 11.67 8.15 10.18
CA GLY A 57 11.20 7.45 11.38
C GLY A 57 10.31 6.28 11.10
N GLY A 58 10.18 5.85 9.84
CA GLY A 58 9.24 4.81 9.43
C GLY A 58 8.76 5.12 8.05
N THR A 59 7.59 4.59 7.65
CA THR A 59 7.00 4.87 6.35
C THR A 59 5.64 5.47 6.56
N GLU A 60 5.36 6.62 5.94
CA GLU A 60 4.01 7.14 5.86
C GLU A 60 3.17 6.45 4.82
N ILE A 61 1.91 6.19 5.20
CA ILE A 61 0.86 5.86 4.27
C ILE A 61 0.03 7.12 4.15
N ARG A 62 -0.24 7.55 2.91
CA ARG A 62 -1.00 8.75 2.64
C ARG A 62 -2.15 8.38 1.75
N ASP A 63 -3.40 8.74 2.16
CA ASP A 63 -4.60 8.16 1.61
C ASP A 63 -5.43 9.17 0.82
N ASN A 64 -6.04 8.74 -0.31
CA ASN A 64 -7.11 9.49 -0.94
C ASN A 64 -8.40 9.06 -0.27
N ARG A 65 -8.62 9.54 0.97
CA ARG A 65 -9.65 9.08 1.88
C ARG A 65 -11.08 9.37 1.46
N SER A 66 -11.23 10.26 0.46
CA SER A 66 -12.42 11.04 0.17
C SER A 66 -13.65 10.26 -0.20
N ILE A 67 -13.54 9.21 -1.05
CA ILE A 67 -14.73 8.55 -1.61
C ILE A 67 -14.99 7.25 -0.88
N ASN A 68 -14.03 6.29 -0.89
CA ASN A 68 -14.22 4.98 -0.27
C ASN A 68 -13.50 4.92 1.07
N GLY A 69 -12.27 5.47 1.14
CA GLY A 69 -11.52 5.63 2.38
C GLY A 69 -10.53 4.52 2.67
N THR A 70 -9.63 4.76 3.65
CA THR A 70 -8.62 3.80 4.08
C THR A 70 -8.67 3.73 5.59
N PHE A 71 -8.65 2.51 6.17
CA PHE A 71 -8.56 2.34 7.62
C PHE A 71 -7.18 1.78 7.94
N VAL A 72 -6.52 2.28 9.01
CA VAL A 72 -5.30 1.67 9.55
C VAL A 72 -5.64 1.25 10.95
N ASN A 73 -5.48 -0.06 11.27
CA ASN A 73 -5.74 -0.67 12.57
C ASN A 73 -7.17 -0.41 13.09
N GLY A 74 -8.15 -0.28 12.16
CA GLY A 74 -9.54 0.02 12.49
C GLY A 74 -9.89 1.49 12.50
N ALA A 75 -8.92 2.42 12.32
CA ALA A 75 -9.14 3.85 12.38
C ALA A 75 -9.00 4.44 10.99
N ARG A 76 -9.99 5.26 10.57
CA ARG A 76 -9.97 5.91 9.27
C ARG A 76 -9.07 7.13 9.29
N VAL A 77 -8.10 7.21 8.36
CA VAL A 77 -7.04 8.20 8.39
C VAL A 77 -6.78 8.84 7.04
N ASP A 78 -6.24 10.09 7.06
CA ASP A 78 -5.72 10.78 5.89
C ASP A 78 -4.26 10.40 5.67
N ALA A 79 -3.46 10.37 6.76
CA ALA A 79 -2.07 9.99 6.74
C ALA A 79 -1.81 9.29 8.06
N ALA A 80 -0.85 8.35 8.09
CA ALA A 80 -0.52 7.62 9.28
C ALA A 80 0.89 7.13 9.04
N LEU A 81 1.63 6.83 10.12
CA LEU A 81 3.01 6.40 10.01
C LEU A 81 3.03 4.93 10.37
N LEU A 82 3.50 4.07 9.46
CA LEU A 82 3.42 2.63 9.62
C LEU A 82 4.74 2.06 10.10
N HIS A 83 4.62 1.13 11.07
CA HIS A 83 5.69 0.35 11.62
C HIS A 83 5.23 -1.10 11.58
N ASP A 84 6.13 -2.08 11.81
CA ASP A 84 5.90 -3.46 11.50
C ASP A 84 4.75 -4.08 12.29
N GLY A 85 3.85 -4.71 11.52
CA GLY A 85 2.66 -5.38 12.03
C GLY A 85 1.40 -4.54 12.00
N ASP A 86 1.43 -3.27 11.51
CA ASP A 86 0.22 -2.51 11.29
C ASP A 86 -0.60 -3.07 10.13
N VAL A 87 -1.94 -3.04 10.28
CA VAL A 87 -2.87 -3.63 9.32
C VAL A 87 -3.69 -2.52 8.73
N VAL A 88 -3.74 -2.44 7.38
CA VAL A 88 -4.37 -1.38 6.62
C VAL A 88 -5.51 -2.03 5.86
N THR A 89 -6.74 -1.49 5.91
CA THR A 89 -7.86 -2.07 5.16
C THR A 89 -8.15 -1.16 3.97
N ILE A 90 -7.98 -1.69 2.74
CA ILE A 90 -8.30 -1.03 1.49
C ILE A 90 -9.10 -2.00 0.64
N GLY A 91 -10.29 -1.61 0.12
CA GLY A 91 -11.03 -2.43 -0.83
C GLY A 91 -11.66 -3.66 -0.22
N ASN A 92 -11.85 -3.64 1.12
CA ASN A 92 -12.16 -4.77 1.99
C ASN A 92 -11.07 -5.84 2.01
N ILE A 93 -9.81 -5.46 1.66
CA ILE A 93 -8.66 -6.33 1.65
C ILE A 93 -7.73 -5.80 2.74
N ASP A 94 -7.25 -6.68 3.65
CA ASP A 94 -6.35 -6.28 4.70
C ASP A 94 -4.91 -6.40 4.24
N LEU A 95 -4.18 -5.26 4.24
CA LEU A 95 -2.79 -5.11 3.87
C LEU A 95 -1.96 -5.00 5.11
N VAL A 96 -0.87 -5.78 5.18
CA VAL A 96 -0.10 -5.94 6.41
C VAL A 96 1.28 -5.39 6.13
N PHE A 97 1.78 -4.47 6.99
CA PHE A 97 3.05 -3.81 6.76
C PHE A 97 4.15 -4.59 7.47
N ALA A 98 5.13 -5.09 6.69
CA ALA A 98 6.28 -5.80 7.22
C ALA A 98 7.55 -5.32 6.55
N ASP A 99 8.46 -4.68 7.32
CA ASP A 99 9.79 -4.24 6.90
C ASP A 99 9.79 -3.38 5.63
N GLY A 100 8.82 -2.44 5.51
CA GLY A 100 8.71 -1.57 4.35
C GLY A 100 7.84 -2.12 3.24
N THR A 101 7.44 -3.40 3.33
CA THR A 101 6.79 -4.13 2.25
C THR A 101 5.40 -4.51 2.70
N LEU A 102 4.41 -4.39 1.77
CA LEU A 102 3.05 -4.78 2.05
C LEU A 102 2.81 -6.19 1.55
N ALA A 103 2.09 -7.01 2.35
CA ALA A 103 1.51 -8.25 1.90
C ALA A 103 0.03 -8.18 2.21
N ARG A 104 -0.86 -8.64 1.31
CA ARG A 104 -2.27 -8.74 1.68
C ARG A 104 -2.53 -10.06 2.39
N ARG A 105 -3.46 -10.05 3.36
CA ARG A 105 -3.74 -11.21 4.18
C ARG A 105 -4.79 -12.09 3.51
N GLU A 106 -4.52 -13.40 3.40
CA GLU A 106 -5.42 -14.37 2.82
C GLU A 106 -5.38 -15.60 3.71
N GLU A 107 -6.54 -16.24 3.95
CA GLU A 107 -6.68 -17.38 4.83
C GLU A 107 -6.30 -18.67 4.11
N ASN A 108 -5.03 -18.72 3.65
CA ASN A 108 -4.57 -19.75 2.74
C ASN A 108 -4.26 -21.10 3.49
N GLY A 1 0.31 -8.99 62.04
CA GLY A 1 1.20 -9.78 61.12
C GLY A 1 0.39 -10.39 60.02
N HIS A 2 1.03 -10.84 58.94
CA HIS A 2 0.34 -11.43 57.80
C HIS A 2 1.05 -12.72 57.46
N MET A 3 0.33 -13.69 56.84
CA MET A 3 0.90 -14.96 56.44
C MET A 3 1.42 -14.86 55.01
N TRP A 4 2.62 -15.42 54.75
CA TRP A 4 3.22 -15.44 53.44
C TRP A 4 2.93 -16.77 52.76
N ASN A 5 2.58 -16.73 51.45
CA ASN A 5 2.31 -17.90 50.65
C ASN A 5 3.06 -17.71 49.34
N LEU A 6 3.73 -18.78 48.86
CA LEU A 6 4.35 -18.87 47.55
C LEU A 6 3.35 -18.82 46.42
N ALA A 7 2.17 -19.48 46.61
CA ALA A 7 1.11 -19.66 45.63
C ALA A 7 1.55 -20.36 44.35
N THR A 8 1.33 -19.72 43.16
CA THR A 8 1.55 -20.34 41.86
C THR A 8 2.56 -19.55 41.06
N SER A 9 3.38 -20.24 40.25
CA SER A 9 4.34 -19.63 39.36
C SER A 9 4.50 -20.55 38.17
N MET A 10 5.11 -20.06 37.06
CA MET A 10 5.35 -20.84 35.87
C MET A 10 6.86 -20.98 35.72
N MET A 11 7.34 -22.22 35.45
CA MET A 11 8.75 -22.57 35.39
C MET A 11 9.54 -21.88 34.28
N LYS A 12 8.99 -21.83 33.05
CA LYS A 12 9.62 -21.16 31.93
C LYS A 12 8.62 -20.20 31.34
N ILE A 13 9.05 -18.96 31.00
CA ILE A 13 8.18 -17.92 30.49
C ILE A 13 7.72 -18.15 29.04
N LEU A 14 8.55 -18.85 28.24
CA LEU A 14 8.39 -19.17 26.82
C LEU A 14 8.60 -17.95 25.93
N ARG A 15 9.54 -18.04 24.96
CA ARG A 15 9.78 -16.97 24.02
C ARG A 15 8.71 -16.90 22.93
N PRO A 16 8.36 -15.72 22.40
CA PRO A 16 7.43 -15.62 21.27
C PRO A 16 8.09 -16.05 19.97
N GLY A 17 7.28 -16.43 18.95
CA GLY A 17 7.77 -16.72 17.61
C GLY A 17 7.68 -15.48 16.78
N ARG A 18 8.83 -14.84 16.50
CA ARG A 18 8.91 -13.62 15.75
C ARG A 18 10.05 -13.83 14.79
N LEU A 19 9.82 -13.49 13.51
CA LEU A 19 10.78 -13.65 12.44
C LEU A 19 11.38 -12.28 12.15
N THR A 20 12.72 -12.23 11.96
CA THR A 20 13.47 -11.00 11.74
C THR A 20 14.02 -11.02 10.32
N GLY A 21 14.32 -9.84 9.76
CA GLY A 21 14.78 -9.69 8.40
C GLY A 21 15.03 -8.23 8.20
N GLU A 22 15.42 -7.83 6.97
CA GLU A 22 15.66 -6.47 6.62
C GLU A 22 15.15 -6.35 5.20
N LEU A 23 14.45 -5.23 4.95
CA LEU A 23 13.70 -4.99 3.75
C LEU A 23 13.81 -3.50 3.47
N PRO A 24 13.64 -2.99 2.24
CA PRO A 24 13.74 -1.57 1.95
C PRO A 24 12.55 -0.80 2.54
N PRO A 25 12.63 0.50 2.86
CA PRO A 25 11.65 1.18 3.69
C PRO A 25 10.29 1.39 3.04
N GLY A 26 10.20 1.23 1.70
CA GLY A 26 8.92 1.11 1.00
C GLY A 26 8.43 2.37 0.36
N ALA A 27 8.76 2.58 -0.93
CA ALA A 27 8.03 3.52 -1.76
C ALA A 27 7.13 2.73 -2.68
N VAL A 28 5.81 2.74 -2.37
CA VAL A 28 4.80 1.95 -3.06
C VAL A 28 3.63 2.85 -3.36
N ARG A 29 3.15 2.95 -4.61
CA ARG A 29 1.85 3.56 -4.84
C ARG A 29 0.81 2.46 -4.97
N ILE A 30 -0.22 2.52 -4.10
CA ILE A 30 -1.30 1.54 -4.03
C ILE A 30 -2.44 2.01 -4.95
N GLY A 31 -2.96 1.10 -5.80
CA GLY A 31 -4.04 1.47 -6.69
C GLY A 31 -4.47 0.34 -7.56
N ARG A 32 -5.19 0.64 -8.68
CA ARG A 32 -5.75 -0.41 -9.51
C ARG A 32 -4.88 -0.71 -10.71
N ALA A 33 -3.98 0.21 -11.12
CA ALA A 33 -3.17 0.00 -12.31
C ALA A 33 -1.76 -0.46 -12.06
N ASN A 34 -1.30 -1.41 -12.90
CA ASN A 34 -0.23 -2.35 -12.63
C ASN A 34 1.17 -1.79 -12.82
N ASP A 35 1.26 -0.47 -13.07
CA ASP A 35 2.51 0.24 -13.17
C ASP A 35 2.97 0.70 -11.81
N ASN A 36 2.02 0.88 -10.87
CA ASN A 36 2.24 1.75 -9.75
C ASN A 36 3.19 1.17 -8.72
N ASP A 37 3.01 -0.14 -8.40
CA ASP A 37 4.00 -1.09 -7.93
C ASP A 37 3.23 -2.32 -7.50
N ILE A 38 2.16 -2.08 -6.70
CA ILE A 38 1.33 -3.12 -6.09
C ILE A 38 -0.10 -2.77 -6.37
N VAL A 39 -0.87 -3.76 -6.90
CA VAL A 39 -2.26 -3.61 -7.28
C VAL A 39 -3.15 -4.55 -6.54
N ILE A 40 -4.29 -4.01 -6.03
CA ILE A 40 -5.31 -4.78 -5.34
C ILE A 40 -6.34 -5.15 -6.41
N PRO A 41 -6.70 -6.41 -6.67
CA PRO A 41 -7.68 -6.76 -7.70
C PRO A 41 -9.12 -6.46 -7.26
N GLU A 42 -9.45 -5.18 -7.04
CA GLU A 42 -10.75 -4.71 -6.61
C GLU A 42 -11.34 -3.63 -7.48
N VAL A 43 -12.68 -3.73 -7.69
CA VAL A 43 -13.52 -2.68 -8.24
C VAL A 43 -13.66 -1.52 -7.27
N LEU A 44 -13.52 -1.79 -5.94
CA LEU A 44 -13.56 -0.81 -4.88
C LEU A 44 -12.25 -0.03 -4.74
N ALA A 45 -11.17 -0.47 -5.42
CA ALA A 45 -9.89 0.19 -5.36
C ALA A 45 -9.78 1.27 -6.43
N SER A 46 -9.58 2.54 -6.03
CA SER A 46 -9.33 3.65 -6.94
C SER A 46 -7.99 3.52 -7.62
N ARG A 47 -7.79 4.18 -8.79
CA ARG A 47 -6.58 4.01 -9.59
C ARG A 47 -5.32 4.45 -8.88
N HIS A 48 -5.36 5.60 -8.18
CA HIS A 48 -4.33 6.00 -7.26
C HIS A 48 -5.06 6.15 -5.95
N HIS A 49 -4.96 5.15 -5.03
CA HIS A 49 -5.85 5.09 -3.88
C HIS A 49 -5.10 5.59 -2.66
N ALA A 50 -3.86 5.08 -2.48
CA ALA A 50 -3.05 5.45 -1.36
C ALA A 50 -1.60 5.37 -1.77
N THR A 51 -0.71 6.13 -1.11
CA THR A 51 0.71 6.11 -1.36
C THR A 51 1.45 5.75 -0.11
N LEU A 52 2.43 4.85 -0.26
CA LEU A 52 3.48 4.66 0.72
C LEU A 52 4.70 5.43 0.26
N VAL A 53 5.26 6.31 1.15
CA VAL A 53 6.54 6.94 0.91
C VAL A 53 7.41 6.83 2.16
N PRO A 54 8.73 6.65 2.06
CA PRO A 54 9.63 6.83 3.18
C PRO A 54 9.76 8.30 3.53
N THR A 55 9.97 8.63 4.82
CA THR A 55 9.97 10.02 5.26
C THR A 55 11.18 10.17 6.17
N PRO A 56 11.66 11.35 6.57
CA PRO A 56 12.73 11.44 7.56
C PRO A 56 12.32 11.00 8.95
N GLY A 57 11.00 10.84 9.23
CA GLY A 57 10.51 10.40 10.54
C GLY A 57 10.08 8.96 10.59
N GLY A 58 10.06 8.24 9.45
CA GLY A 58 9.48 6.91 9.41
C GLY A 58 9.14 6.54 7.99
N THR A 59 8.11 5.68 7.81
CA THR A 59 7.46 5.48 6.52
C THR A 59 6.02 5.81 6.75
N GLU A 60 5.47 6.71 5.90
CA GLU A 60 4.08 7.10 5.94
C GLU A 60 3.27 6.40 4.90
N ILE A 61 2.02 6.08 5.30
CA ILE A 61 0.96 5.75 4.37
C ILE A 61 0.13 7.02 4.28
N ARG A 62 -0.15 7.46 3.05
CA ARG A 62 -0.92 8.67 2.80
C ARG A 62 -2.07 8.31 1.88
N ASP A 63 -3.30 8.72 2.27
CA ASP A 63 -4.52 8.14 1.74
C ASP A 63 -5.37 9.16 1.01
N ASN A 64 -5.95 8.79 -0.15
CA ASN A 64 -7.01 9.57 -0.78
C ASN A 64 -8.33 9.12 -0.16
N ARG A 65 -8.58 9.62 1.07
CA ARG A 65 -9.65 9.23 1.97
C ARG A 65 -11.06 9.51 1.50
N SER A 66 -11.18 10.33 0.44
CA SER A 66 -12.35 11.15 0.11
C SER A 66 -13.63 10.40 -0.19
N ILE A 67 -13.58 9.29 -0.98
CA ILE A 67 -14.80 8.63 -1.42
C ILE A 67 -15.02 7.34 -0.65
N ASN A 68 -14.07 6.38 -0.71
CA ASN A 68 -14.22 5.07 -0.08
C ASN A 68 -13.50 5.05 1.26
N GLY A 69 -12.32 5.69 1.34
CA GLY A 69 -11.54 5.81 2.56
C GLY A 69 -10.50 4.73 2.70
N THR A 70 -9.62 4.88 3.71
CA THR A 70 -8.62 3.88 4.08
C THR A 70 -8.65 3.77 5.58
N PHE A 71 -8.63 2.53 6.13
CA PHE A 71 -8.55 2.33 7.57
C PHE A 71 -7.21 1.73 7.90
N VAL A 72 -6.53 2.21 8.97
CA VAL A 72 -5.32 1.60 9.50
C VAL A 72 -5.68 1.16 10.91
N ASN A 73 -5.55 -0.15 11.22
CA ASN A 73 -5.85 -0.78 12.50
C ASN A 73 -7.27 -0.50 13.00
N GLY A 74 -8.24 -0.34 12.06
CA GLY A 74 -9.62 -0.01 12.38
C GLY A 74 -9.93 1.48 12.44
N ALA A 75 -8.92 2.37 12.27
CA ALA A 75 -9.09 3.81 12.38
C ALA A 75 -8.91 4.44 11.02
N ARG A 76 -9.85 5.32 10.62
CA ARG A 76 -9.80 6.01 9.33
C ARG A 76 -8.90 7.22 9.44
N VAL A 77 -7.90 7.32 8.53
CA VAL A 77 -6.85 8.32 8.60
C VAL A 77 -6.59 8.93 7.23
N ASP A 78 -6.02 10.17 7.21
CA ASP A 78 -5.51 10.79 6.01
C ASP A 78 -4.07 10.41 5.76
N ALA A 79 -3.25 10.39 6.83
CA ALA A 79 -1.87 9.98 6.79
C ALA A 79 -1.51 9.41 8.14
N ALA A 80 -0.59 8.44 8.17
CA ALA A 80 -0.09 7.88 9.41
C ALA A 80 1.26 7.25 9.14
N LEU A 81 2.12 7.13 10.18
CA LEU A 81 3.28 6.26 10.13
C LEU A 81 2.85 4.82 10.30
N LEU A 82 3.41 3.90 9.49
CA LEU A 82 3.24 2.49 9.70
C LEU A 82 4.44 1.88 10.37
N HIS A 83 4.17 1.04 11.39
CA HIS A 83 5.14 0.23 12.09
C HIS A 83 4.80 -1.21 11.80
N ASP A 84 5.75 -2.15 12.05
CA ASP A 84 5.62 -3.53 11.67
C ASP A 84 4.50 -4.23 12.41
N GLY A 85 3.63 -4.88 11.62
CA GLY A 85 2.44 -5.57 12.09
C GLY A 85 1.17 -4.75 12.01
N ASP A 86 1.22 -3.48 11.52
CA ASP A 86 0.01 -2.71 11.27
C ASP A 86 -0.81 -3.29 10.12
N VAL A 87 -2.15 -3.22 10.25
CA VAL A 87 -3.09 -3.79 9.29
C VAL A 87 -3.87 -2.63 8.67
N VAL A 88 -3.88 -2.58 7.32
CA VAL A 88 -4.48 -1.49 6.56
C VAL A 88 -5.61 -2.11 5.76
N THR A 89 -6.83 -1.53 5.78
CA THR A 89 -7.95 -2.07 5.01
C THR A 89 -8.20 -1.14 3.83
N ILE A 90 -8.04 -1.66 2.59
CA ILE A 90 -8.34 -0.95 1.34
C ILE A 90 -9.16 -1.90 0.48
N GLY A 91 -10.35 -1.48 -0.02
CA GLY A 91 -11.15 -2.26 -0.97
C GLY A 91 -11.76 -3.50 -0.36
N ASN A 92 -11.97 -3.49 0.97
CA ASN A 92 -12.29 -4.62 1.83
C ASN A 92 -11.22 -5.71 1.83
N ILE A 93 -9.96 -5.35 1.49
CA ILE A 93 -8.82 -6.26 1.47
C ILE A 93 -7.89 -5.78 2.56
N ASP A 94 -7.45 -6.70 3.45
CA ASP A 94 -6.53 -6.36 4.51
C ASP A 94 -5.09 -6.49 4.02
N LEU A 95 -4.32 -5.39 4.13
CA LEU A 95 -2.90 -5.33 3.88
C LEU A 95 -2.19 -5.31 5.20
N VAL A 96 -1.09 -6.08 5.31
CA VAL A 96 -0.30 -6.17 6.52
C VAL A 96 1.09 -5.68 6.21
N PHE A 97 1.65 -4.81 7.10
CA PHE A 97 2.90 -4.12 6.86
C PHE A 97 4.02 -4.79 7.63
N ALA A 98 5.08 -5.25 6.90
CA ALA A 98 6.27 -5.78 7.51
C ALA A 98 7.50 -5.11 6.96
N ASP A 99 8.13 -4.26 7.80
CA ASP A 99 9.41 -3.59 7.60
C ASP A 99 9.54 -2.89 6.24
N GLY A 100 8.49 -2.16 5.80
CA GLY A 100 8.49 -1.47 4.52
C GLY A 100 7.78 -2.20 3.41
N THR A 101 7.48 -3.50 3.58
CA THR A 101 6.85 -4.30 2.54
C THR A 101 5.44 -4.63 2.99
N LEU A 102 4.47 -4.49 2.06
CA LEU A 102 3.08 -4.83 2.29
C LEU A 102 2.77 -6.19 1.68
N ALA A 103 2.02 -7.01 2.42
CA ALA A 103 1.51 -8.28 1.93
C ALA A 103 0.01 -8.30 2.16
N ARG A 104 -0.75 -9.11 1.39
CA ARG A 104 -2.16 -9.32 1.57
C ARG A 104 -2.41 -10.30 2.71
N ARG A 105 -3.30 -9.94 3.66
CA ARG A 105 -3.59 -10.76 4.82
C ARG A 105 -4.92 -11.47 4.64
N GLU A 106 -4.90 -12.83 4.74
CA GLU A 106 -6.06 -13.67 4.76
C GLU A 106 -5.87 -14.68 5.87
N GLU A 107 -6.97 -15.12 6.52
CA GLU A 107 -6.94 -16.12 7.57
C GLU A 107 -6.95 -17.50 6.94
N ASN A 108 -5.84 -17.87 6.27
CA ASN A 108 -5.74 -19.08 5.47
C ASN A 108 -5.80 -20.40 6.33
N GLY A 1 16.26 14.16 25.80
CA GLY A 1 15.15 14.54 24.86
C GLY A 1 13.98 13.62 25.03
N HIS A 2 12.81 13.99 24.46
CA HIS A 2 11.59 13.20 24.56
C HIS A 2 11.08 12.97 23.16
N MET A 3 10.42 11.81 22.93
CA MET A 3 9.76 11.39 21.70
C MET A 3 10.66 11.13 20.49
N TRP A 4 11.63 12.03 20.20
CA TRP A 4 12.49 11.90 19.04
C TRP A 4 13.87 12.48 19.32
N ASN A 5 14.85 12.09 18.46
CA ASN A 5 16.18 12.65 18.43
C ASN A 5 16.27 13.46 17.15
N LEU A 6 16.97 14.62 17.18
CA LEU A 6 17.19 15.42 15.99
C LEU A 6 18.59 15.14 15.49
N ALA A 7 18.74 14.92 14.17
CA ALA A 7 20.01 14.60 13.56
C ALA A 7 19.90 15.02 12.10
N THR A 8 21.05 15.16 11.41
CA THR A 8 21.13 15.53 10.01
C THR A 8 21.79 14.41 9.24
N SER A 9 21.67 14.42 7.89
CA SER A 9 22.30 13.44 7.03
C SER A 9 22.76 14.22 5.82
N MET A 10 23.85 13.77 5.17
CA MET A 10 24.45 14.47 4.06
C MET A 10 25.14 13.45 3.18
N MET A 11 25.42 13.85 1.90
CA MET A 11 25.96 13.04 0.82
C MET A 11 24.94 12.09 0.22
N LYS A 12 24.69 12.22 -1.10
CA LYS A 12 23.75 11.39 -1.83
C LYS A 12 24.53 10.61 -2.88
N ILE A 13 24.03 9.40 -3.21
CA ILE A 13 24.64 8.52 -4.19
C ILE A 13 23.59 8.15 -5.20
N LEU A 14 24.00 7.70 -6.40
CA LEU A 14 23.10 7.36 -7.49
C LEU A 14 23.02 5.85 -7.63
N ARG A 15 21.81 5.32 -7.88
CA ARG A 15 21.60 3.91 -8.16
C ARG A 15 22.02 3.58 -9.60
N PRO A 16 22.59 2.41 -9.90
CA PRO A 16 23.12 2.10 -11.23
C PRO A 16 22.02 1.82 -12.24
N GLY A 17 22.35 1.89 -13.55
CA GLY A 17 21.46 1.44 -14.60
C GLY A 17 21.78 0.01 -14.92
N ARG A 18 20.93 -0.92 -14.44
CA ARG A 18 21.08 -2.34 -14.54
C ARG A 18 19.71 -2.85 -14.95
N LEU A 19 19.71 -4.05 -15.53
CA LEU A 19 18.60 -4.75 -16.16
C LEU A 19 17.59 -5.37 -15.21
N THR A 20 17.86 -5.25 -13.91
CA THR A 20 17.12 -5.85 -12.82
C THR A 20 15.79 -5.15 -12.56
N GLY A 21 14.86 -5.84 -11.84
CA GLY A 21 13.53 -5.31 -11.62
C GLY A 21 12.87 -6.18 -10.59
N GLU A 22 11.56 -5.93 -10.35
CA GLU A 22 10.71 -6.57 -9.38
C GLU A 22 11.22 -6.47 -7.95
N LEU A 23 11.79 -5.29 -7.61
CA LEU A 23 12.20 -4.90 -6.29
C LEU A 23 11.52 -3.56 -6.10
N PRO A 24 10.80 -3.21 -5.02
CA PRO A 24 10.22 -1.88 -4.87
C PRO A 24 11.29 -0.85 -4.56
N PRO A 25 11.17 0.43 -4.93
CA PRO A 25 12.22 1.42 -4.79
C PRO A 25 12.41 1.93 -3.38
N GLY A 26 11.50 1.54 -2.45
CA GLY A 26 11.46 2.01 -1.07
C GLY A 26 10.25 2.86 -0.80
N ALA A 27 9.53 3.26 -1.87
CA ALA A 27 8.23 3.88 -1.81
C ALA A 27 7.27 2.96 -2.55
N VAL A 28 5.99 2.91 -2.13
CA VAL A 28 4.98 2.09 -2.78
C VAL A 28 3.79 2.95 -3.14
N ARG A 29 3.47 3.07 -4.44
CA ARG A 29 2.14 3.52 -4.83
C ARG A 29 1.18 2.34 -4.82
N ILE A 30 0.03 2.50 -4.15
CA ILE A 30 -1.05 1.51 -4.11
C ILE A 30 -2.18 1.89 -5.10
N GLY A 31 -2.65 0.93 -5.93
CA GLY A 31 -3.86 1.18 -6.71
C GLY A 31 -4.42 -0.07 -7.35
N ARG A 32 -5.33 0.09 -8.35
CA ARG A 32 -5.84 -1.03 -9.15
C ARG A 32 -5.09 -1.23 -10.44
N ALA A 33 -4.13 -0.34 -10.80
CA ALA A 33 -3.46 -0.47 -12.07
C ALA A 33 -1.98 -0.69 -11.95
N ASN A 34 -1.42 -1.43 -12.94
CA ASN A 34 -0.07 -1.95 -12.97
C ASN A 34 0.94 -0.94 -13.47
N ASP A 35 0.58 0.35 -13.33
CA ASP A 35 1.48 1.48 -13.41
C ASP A 35 2.16 1.65 -12.07
N ASN A 36 1.53 1.12 -10.99
CA ASN A 36 1.97 1.34 -9.66
C ASN A 36 2.84 0.18 -9.25
N ASP A 37 3.50 0.30 -8.09
CA ASP A 37 4.33 -0.71 -7.50
C ASP A 37 3.55 -1.97 -7.11
N ILE A 38 2.36 -1.78 -6.50
CA ILE A 38 1.58 -2.84 -5.90
C ILE A 38 0.14 -2.61 -6.26
N VAL A 39 -0.55 -3.68 -6.73
CA VAL A 39 -1.88 -3.56 -7.28
C VAL A 39 -2.84 -4.45 -6.56
N ILE A 40 -4.00 -3.90 -6.13
CA ILE A 40 -5.02 -4.64 -5.41
C ILE A 40 -6.06 -5.08 -6.45
N PRO A 41 -6.42 -6.35 -6.62
CA PRO A 41 -7.44 -6.77 -7.59
C PRO A 41 -8.85 -6.47 -7.09
N GLU A 42 -9.20 -5.18 -6.91
CA GLU A 42 -10.48 -4.70 -6.46
C GLU A 42 -11.15 -3.69 -7.35
N VAL A 43 -12.49 -3.84 -7.45
CA VAL A 43 -13.45 -2.89 -7.99
C VAL A 43 -13.45 -1.63 -7.14
N LEU A 44 -13.39 -1.81 -5.79
CA LEU A 44 -13.41 -0.74 -4.82
C LEU A 44 -12.08 0.01 -4.70
N ALA A 45 -11.02 -0.46 -5.40
CA ALA A 45 -9.75 0.24 -5.46
C ALA A 45 -9.77 1.23 -6.60
N SER A 46 -9.28 2.47 -6.36
CA SER A 46 -9.04 3.45 -7.42
C SER A 46 -7.72 3.12 -8.11
N ARG A 47 -7.48 3.58 -9.36
CA ARG A 47 -6.28 3.24 -10.12
C ARG A 47 -5.01 3.76 -9.47
N HIS A 48 -5.09 4.90 -8.75
CA HIS A 48 -4.09 5.32 -7.80
C HIS A 48 -4.88 5.63 -6.55
N HIS A 49 -4.80 4.77 -5.51
CA HIS A 49 -5.72 4.80 -4.39
C HIS A 49 -5.05 5.41 -3.19
N ALA A 50 -3.81 4.97 -2.90
CA ALA A 50 -3.09 5.46 -1.73
C ALA A 50 -1.61 5.40 -1.98
N THR A 51 -0.81 6.21 -1.26
CA THR A 51 0.62 6.22 -1.41
C THR A 51 1.29 5.86 -0.11
N LEU A 52 2.34 5.02 -0.22
CA LEU A 52 3.33 4.87 0.83
C LEU A 52 4.60 5.63 0.48
N VAL A 53 5.10 6.48 1.41
CA VAL A 53 6.35 7.20 1.24
C VAL A 53 7.24 7.00 2.48
N PRO A 54 8.56 6.77 2.37
CA PRO A 54 9.42 6.54 3.53
C PRO A 54 9.71 7.80 4.30
N THR A 55 9.99 7.68 5.62
CA THR A 55 10.27 8.79 6.51
C THR A 55 11.47 8.35 7.33
N PRO A 56 12.21 9.16 8.09
CA PRO A 56 13.27 8.65 8.96
C PRO A 56 12.78 7.84 10.16
N GLY A 57 11.47 7.88 10.53
CA GLY A 57 10.95 7.19 11.70
C GLY A 57 10.01 6.06 11.39
N GLY A 58 9.88 5.66 10.10
CA GLY A 58 8.90 4.69 9.67
C GLY A 58 8.49 5.02 8.26
N THR A 59 7.33 4.54 7.82
CA THR A 59 6.81 4.85 6.49
C THR A 59 5.47 5.48 6.69
N GLU A 60 5.23 6.66 6.06
CA GLU A 60 3.90 7.21 5.97
C GLU A 60 3.05 6.55 4.92
N ILE A 61 1.78 6.29 5.29
CA ILE A 61 0.73 5.98 4.33
C ILE A 61 -0.09 7.24 4.24
N ARG A 62 -0.40 7.67 3.00
CA ARG A 62 -1.20 8.86 2.75
C ARG A 62 -2.47 8.44 2.02
N ASP A 63 -3.63 8.88 2.54
CA ASP A 63 -4.90 8.24 2.30
C ASP A 63 -5.83 9.08 1.45
N ASN A 64 -6.59 8.42 0.53
CA ASN A 64 -7.64 9.05 -0.23
C ASN A 64 -8.93 8.67 0.47
N ARG A 65 -9.36 9.57 1.36
CA ARG A 65 -10.60 9.54 2.11
C ARG A 65 -11.87 9.69 1.27
N SER A 66 -11.75 10.26 0.04
CA SER A 66 -12.86 10.91 -0.68
C SER A 66 -14.03 10.00 -1.05
N ILE A 67 -13.77 8.79 -1.62
CA ILE A 67 -14.85 7.97 -2.15
C ILE A 67 -15.12 6.77 -1.24
N ASN A 68 -14.11 5.88 -1.05
CA ASN A 68 -14.27 4.68 -0.25
C ASN A 68 -13.54 4.79 1.07
N GLY A 69 -12.33 5.38 1.07
CA GLY A 69 -11.54 5.57 2.27
C GLY A 69 -10.51 4.49 2.49
N THR A 70 -9.58 4.75 3.42
CA THR A 70 -8.56 3.81 3.88
C THR A 70 -8.56 3.86 5.38
N PHE A 71 -8.54 2.69 6.06
CA PHE A 71 -8.48 2.63 7.51
C PHE A 71 -7.18 1.96 7.89
N VAL A 72 -6.54 2.40 9.00
CA VAL A 72 -5.36 1.71 9.55
C VAL A 72 -5.76 1.25 10.93
N ASN A 73 -5.68 -0.08 11.18
CA ASN A 73 -5.75 -0.72 12.49
C ASN A 73 -6.97 -0.30 13.31
N GLY A 74 -8.15 -0.22 12.65
CA GLY A 74 -9.41 0.16 13.27
C GLY A 74 -9.77 1.63 13.22
N ALA A 75 -8.90 2.51 12.67
CA ALA A 75 -9.15 3.94 12.67
C ALA A 75 -8.92 4.50 11.29
N ARG A 76 -9.76 5.48 10.87
CA ARG A 76 -9.46 6.26 9.67
C ARG A 76 -8.50 7.39 9.98
N VAL A 77 -7.60 7.64 9.02
CA VAL A 77 -6.53 8.62 9.11
C VAL A 77 -6.38 9.33 7.77
N ASP A 78 -5.86 10.58 7.77
CA ASP A 78 -5.52 11.29 6.54
C ASP A 78 -4.14 10.86 6.07
N ALA A 79 -3.20 10.76 7.04
CA ALA A 79 -1.88 10.24 6.85
C ALA A 79 -1.49 9.68 8.20
N ALA A 80 -0.65 8.63 8.22
CA ALA A 80 -0.19 8.05 9.46
C ALA A 80 1.09 7.31 9.20
N LEU A 81 1.92 7.08 10.25
CA LEU A 81 3.09 6.23 10.17
C LEU A 81 2.70 4.77 10.32
N LEU A 82 3.21 3.92 9.41
CA LEU A 82 3.13 2.48 9.52
C LEU A 82 4.47 1.95 9.96
N HIS A 83 4.40 0.94 10.83
CA HIS A 83 5.51 0.16 11.30
C HIS A 83 5.11 -1.28 11.11
N ASP A 84 6.07 -2.24 11.18
CA ASP A 84 5.85 -3.60 10.79
C ASP A 84 4.79 -4.31 11.61
N GLY A 85 3.84 -4.91 10.89
CA GLY A 85 2.70 -5.61 11.46
C GLY A 85 1.44 -4.79 11.61
N ASP A 86 1.40 -3.50 11.17
CA ASP A 86 0.14 -2.77 11.11
C ASP A 86 -0.77 -3.32 10.02
N VAL A 87 -2.09 -3.36 10.30
CA VAL A 87 -3.11 -3.87 9.40
C VAL A 87 -3.86 -2.70 8.82
N VAL A 88 -3.96 -2.63 7.47
CA VAL A 88 -4.51 -1.51 6.72
C VAL A 88 -5.70 -2.05 5.95
N THR A 89 -6.86 -1.37 5.94
CA THR A 89 -8.02 -1.83 5.18
C THR A 89 -8.18 -0.94 3.97
N ILE A 90 -8.04 -1.53 2.74
CA ILE A 90 -8.24 -0.85 1.46
C ILE A 90 -9.15 -1.73 0.64
N GLY A 91 -10.28 -1.23 0.10
CA GLY A 91 -11.12 -1.98 -0.85
C GLY A 91 -11.76 -3.23 -0.31
N ASN A 92 -12.02 -3.27 1.03
CA ASN A 92 -12.40 -4.43 1.83
C ASN A 92 -11.37 -5.55 1.83
N ILE A 93 -10.08 -5.22 1.60
CA ILE A 93 -8.94 -6.13 1.67
C ILE A 93 -8.18 -5.72 2.91
N ASP A 94 -7.85 -6.69 3.80
CA ASP A 94 -6.92 -6.44 4.88
C ASP A 94 -5.50 -6.57 4.34
N LEU A 95 -4.73 -5.47 4.39
CA LEU A 95 -3.33 -5.39 4.02
C LEU A 95 -2.50 -5.44 5.26
N VAL A 96 -1.37 -6.17 5.20
CA VAL A 96 -0.40 -6.27 6.28
C VAL A 96 0.90 -5.68 5.79
N PHE A 97 1.54 -4.83 6.64
CA PHE A 97 2.71 -4.07 6.27
C PHE A 97 3.97 -4.70 6.87
N ALA A 98 4.97 -5.03 6.02
CA ALA A 98 6.26 -5.50 6.49
C ALA A 98 7.38 -4.97 5.61
N ASP A 99 8.40 -4.30 6.21
CA ASP A 99 9.63 -3.84 5.60
C ASP A 99 9.43 -3.02 4.31
N GLY A 100 8.44 -2.10 4.31
CA GLY A 100 8.15 -1.26 3.15
C GLY A 100 7.21 -1.89 2.16
N THR A 101 6.83 -3.17 2.34
CA THR A 101 6.07 -3.95 1.38
C THR A 101 4.73 -4.29 2.00
N LEU A 102 3.65 -4.17 1.23
CA LEU A 102 2.31 -4.57 1.61
C LEU A 102 1.98 -5.92 1.00
N ALA A 103 1.33 -6.79 1.79
CA ALA A 103 0.83 -8.06 1.35
C ALA A 103 -0.61 -8.18 1.82
N ARG A 104 -1.44 -9.03 1.18
CA ARG A 104 -2.76 -9.35 1.68
C ARG A 104 -2.70 -10.26 2.90
N ARG A 105 -3.53 -9.97 3.92
CA ARG A 105 -3.61 -10.75 5.14
C ARG A 105 -4.57 -11.92 4.95
N GLU A 106 -4.13 -13.15 5.32
CA GLU A 106 -4.90 -14.35 5.14
C GLU A 106 -6.03 -14.49 6.15
N GLU A 107 -7.19 -15.05 5.72
CA GLU A 107 -8.36 -15.22 6.56
C GLU A 107 -8.42 -16.60 7.18
N ASN A 108 -7.45 -17.46 6.84
CA ASN A 108 -7.42 -18.87 7.21
C ASN A 108 -7.25 -19.11 8.74
N GLY A 1 27.52 -26.84 37.84
CA GLY A 1 26.64 -26.26 38.90
C GLY A 1 27.40 -26.33 40.19
N HIS A 2 27.55 -25.18 40.89
CA HIS A 2 28.48 -24.92 41.99
C HIS A 2 29.93 -24.88 41.52
N MET A 3 30.36 -25.91 40.75
CA MET A 3 31.52 -25.87 39.89
C MET A 3 31.06 -25.45 38.50
N TRP A 4 31.93 -24.72 37.76
CA TRP A 4 31.64 -24.16 36.44
C TRP A 4 31.40 -25.24 35.38
N ASN A 5 30.32 -25.08 34.58
CA ASN A 5 30.06 -25.91 33.41
C ASN A 5 30.58 -25.19 32.18
N LEU A 6 31.47 -25.85 31.41
CA LEU A 6 32.07 -25.30 30.22
C LEU A 6 32.31 -26.44 29.27
N ALA A 7 32.50 -26.13 27.97
CA ALA A 7 32.81 -27.13 26.97
C ALA A 7 33.65 -26.44 25.92
N THR A 8 34.49 -27.20 25.18
CA THR A 8 35.32 -26.67 24.11
C THR A 8 34.92 -27.37 22.85
N SER A 9 34.60 -26.61 21.77
CA SER A 9 34.38 -27.17 20.46
C SER A 9 34.70 -26.06 19.47
N MET A 10 34.96 -26.42 18.19
CA MET A 10 35.17 -25.46 17.13
C MET A 10 34.35 -25.95 15.96
N MET A 11 33.80 -25.01 15.16
CA MET A 11 33.01 -25.35 14.00
C MET A 11 33.19 -24.25 12.99
N LYS A 12 32.89 -24.54 11.70
CA LYS A 12 32.90 -23.54 10.64
C LYS A 12 31.46 -23.33 10.21
N ILE A 13 31.05 -22.05 10.02
CA ILE A 13 29.69 -21.71 9.63
C ILE A 13 29.76 -21.11 8.25
N LEU A 14 29.01 -21.68 7.29
CA LEU A 14 28.95 -21.20 5.93
C LEU A 14 27.60 -21.63 5.41
N ARG A 15 27.13 -20.99 4.31
CA ARG A 15 25.90 -21.30 3.59
C ARG A 15 24.64 -21.46 4.46
N PRO A 16 24.17 -20.43 5.16
CA PRO A 16 23.18 -20.56 6.24
C PRO A 16 21.79 -20.92 5.76
N GLY A 17 21.50 -20.76 4.45
CA GLY A 17 20.17 -20.87 3.88
C GLY A 17 19.64 -19.50 3.61
N ARG A 18 19.43 -19.16 2.32
CA ARG A 18 18.90 -17.90 1.91
C ARG A 18 18.25 -18.21 0.59
N LEU A 19 17.29 -17.36 0.19
CA LEU A 19 16.53 -17.51 -1.04
C LEU A 19 16.52 -16.15 -1.71
N THR A 20 16.51 -16.12 -3.05
CA THR A 20 16.52 -14.91 -3.86
C THR A 20 15.17 -14.20 -3.87
N GLY A 21 15.15 -12.90 -4.24
CA GLY A 21 13.93 -12.13 -4.24
C GLY A 21 14.22 -10.79 -4.84
N GLU A 22 13.20 -9.91 -4.90
CA GLU A 22 13.24 -8.59 -5.40
C GLU A 22 12.23 -7.95 -4.50
N LEU A 23 12.42 -6.67 -4.16
CA LEU A 23 11.70 -6.02 -3.10
C LEU A 23 11.43 -4.59 -3.53
N PRO A 24 10.39 -3.91 -3.04
CA PRO A 24 10.08 -2.54 -3.45
C PRO A 24 11.09 -1.55 -2.86
N PRO A 25 11.26 -0.34 -3.42
CA PRO A 25 12.33 0.59 -3.04
C PRO A 25 12.08 1.29 -1.72
N GLY A 26 10.90 1.08 -1.11
CA GLY A 26 10.48 1.72 0.14
C GLY A 26 9.40 2.74 -0.09
N ALA A 27 9.19 3.14 -1.36
CA ALA A 27 8.03 3.88 -1.78
C ALA A 27 7.13 2.93 -2.54
N VAL A 28 5.82 2.92 -2.22
CA VAL A 28 4.84 2.08 -2.89
C VAL A 28 3.67 2.94 -3.30
N ARG A 29 3.36 3.04 -4.61
CA ARG A 29 2.06 3.52 -5.03
C ARG A 29 1.08 2.36 -4.99
N ILE A 30 -0.03 2.50 -4.21
CA ILE A 30 -1.07 1.47 -4.12
C ILE A 30 -2.25 1.84 -5.00
N GLY A 31 -2.74 0.89 -5.83
CA GLY A 31 -3.92 1.14 -6.63
C GLY A 31 -4.44 -0.06 -7.36
N ARG A 32 -5.14 0.20 -8.49
CA ARG A 32 -5.77 -0.78 -9.34
C ARG A 32 -4.96 -1.07 -10.59
N ALA A 33 -4.10 -0.15 -11.06
CA ALA A 33 -3.39 -0.36 -12.30
C ALA A 33 -1.94 -0.76 -12.14
N ASN A 34 -1.49 -1.68 -13.04
CA ASN A 34 -0.27 -2.47 -12.94
C ASN A 34 0.95 -1.70 -13.44
N ASP A 35 0.82 -0.36 -13.49
CA ASP A 35 1.87 0.59 -13.71
C ASP A 35 2.51 0.89 -12.37
N ASN A 36 1.77 0.65 -11.27
CA ASN A 36 2.21 1.01 -9.97
C ASN A 36 2.93 -0.18 -9.38
N ASP A 37 3.53 0.02 -8.20
CA ASP A 37 4.29 -0.99 -7.50
C ASP A 37 3.45 -2.18 -7.07
N ILE A 38 2.23 -1.91 -6.53
CA ILE A 38 1.39 -2.92 -5.91
C ILE A 38 -0.04 -2.66 -6.30
N VAL A 39 -0.74 -3.72 -6.76
CA VAL A 39 -2.11 -3.64 -7.23
C VAL A 39 -3.02 -4.60 -6.51
N ILE A 40 -4.19 -4.09 -6.06
CA ILE A 40 -5.21 -4.89 -5.39
C ILE A 40 -6.27 -5.19 -6.44
N PRO A 41 -6.64 -6.42 -6.78
CA PRO A 41 -7.68 -6.69 -7.78
C PRO A 41 -9.08 -6.47 -7.23
N GLU A 42 -9.43 -5.20 -6.90
CA GLU A 42 -10.71 -4.80 -6.37
C GLU A 42 -11.46 -3.76 -7.15
N VAL A 43 -12.81 -3.91 -7.14
CA VAL A 43 -13.81 -2.98 -7.65
C VAL A 43 -13.73 -1.69 -6.85
N LEU A 44 -13.52 -1.83 -5.52
CA LEU A 44 -13.41 -0.73 -4.60
C LEU A 44 -12.04 -0.05 -4.62
N ALA A 45 -11.06 -0.53 -5.42
CA ALA A 45 -9.76 0.09 -5.51
C ALA A 45 -9.72 1.13 -6.64
N SER A 46 -9.32 2.37 -6.30
CA SER A 46 -9.05 3.43 -7.26
C SER A 46 -7.73 3.21 -7.99
N ARG A 47 -7.52 3.86 -9.16
CA ARG A 47 -6.32 3.68 -9.98
C ARG A 47 -5.04 4.06 -9.26
N HIS A 48 -5.06 5.20 -8.54
CA HIS A 48 -4.23 5.43 -7.36
C HIS A 48 -5.18 5.54 -6.20
N HIS A 49 -4.98 4.73 -5.14
CA HIS A 49 -5.89 4.70 -4.00
C HIS A 49 -5.16 5.25 -2.79
N ALA A 50 -3.92 4.80 -2.59
CA ALA A 50 -3.07 5.29 -1.52
C ALA A 50 -1.67 5.37 -2.03
N THR A 51 -0.82 6.09 -1.28
CA THR A 51 0.59 6.12 -1.58
C THR A 51 1.36 5.90 -0.31
N LEU A 52 2.36 4.99 -0.33
CA LEU A 52 3.38 4.91 0.71
C LEU A 52 4.60 5.73 0.32
N VAL A 53 5.10 6.59 1.24
CA VAL A 53 6.35 7.31 1.04
C VAL A 53 7.28 7.09 2.23
N PRO A 54 8.60 7.00 2.07
CA PRO A 54 9.54 6.91 3.19
C PRO A 54 9.69 8.25 3.90
N THR A 55 10.03 8.22 5.20
CA THR A 55 10.19 9.43 6.02
C THR A 55 11.49 9.22 6.79
N PRO A 56 12.11 10.18 7.47
CA PRO A 56 13.26 9.88 8.34
C PRO A 56 12.90 9.08 9.59
N GLY A 57 11.61 8.93 9.95
CA GLY A 57 11.21 8.24 11.19
C GLY A 57 10.41 6.98 10.96
N GLY A 58 10.36 6.47 9.71
CA GLY A 58 9.51 5.34 9.36
C GLY A 58 9.01 5.52 7.96
N THR A 59 7.88 4.86 7.62
CA THR A 59 7.25 5.00 6.30
C THR A 59 5.85 5.51 6.53
N GLU A 60 5.41 6.53 5.77
CA GLU A 60 4.10 7.11 5.96
C GLU A 60 3.20 6.62 4.86
N ILE A 61 1.95 6.28 5.20
CA ILE A 61 0.92 6.00 4.23
C ILE A 61 0.11 7.27 4.07
N ARG A 62 -0.18 7.67 2.82
CA ARG A 62 -1.02 8.82 2.50
C ARG A 62 -2.26 8.31 1.80
N ASP A 63 -3.45 8.71 2.31
CA ASP A 63 -4.73 8.13 1.97
C ASP A 63 -5.68 9.10 1.31
N ASN A 64 -6.41 8.63 0.26
CA ASN A 64 -7.54 9.33 -0.33
C ASN A 64 -8.78 8.84 0.38
N ARG A 65 -9.05 9.37 1.59
CA ARG A 65 -10.14 8.95 2.47
C ARG A 65 -11.54 9.21 1.93
N SER A 66 -11.64 10.11 0.94
CA SER A 66 -12.86 10.80 0.54
C SER A 66 -13.99 9.93 0.01
N ILE A 67 -13.71 8.97 -0.91
CA ILE A 67 -14.78 8.29 -1.63
C ILE A 67 -15.03 6.90 -1.06
N ASN A 68 -14.00 6.04 -1.01
CA ASN A 68 -14.13 4.67 -0.53
C ASN A 68 -13.48 4.54 0.84
N GLY A 69 -12.31 5.18 1.06
CA GLY A 69 -11.65 5.24 2.35
C GLY A 69 -10.54 4.25 2.52
N THR A 70 -9.58 4.60 3.41
CA THR A 70 -8.53 3.70 3.87
C THR A 70 -8.58 3.76 5.37
N PHE A 71 -8.56 2.60 6.07
CA PHE A 71 -8.53 2.54 7.52
C PHE A 71 -7.21 1.91 7.92
N VAL A 72 -6.55 2.42 8.98
CA VAL A 72 -5.35 1.83 9.54
C VAL A 72 -5.71 1.43 10.96
N ASN A 73 -5.60 0.12 11.30
CA ASN A 73 -5.90 -0.46 12.59
C ASN A 73 -7.33 -0.15 13.09
N GLY A 74 -8.29 0.00 12.15
CA GLY A 74 -9.68 0.34 12.46
C GLY A 74 -10.00 1.81 12.42
N ALA A 75 -9.00 2.71 12.26
CA ALA A 75 -9.19 4.14 12.27
C ALA A 75 -8.89 4.70 10.90
N ARG A 76 -9.79 5.54 10.35
CA ARG A 76 -9.48 6.28 9.14
C ARG A 76 -8.59 7.47 9.43
N VAL A 77 -7.63 7.65 8.52
CA VAL A 77 -6.59 8.67 8.60
C VAL A 77 -6.39 9.30 7.24
N ASP A 78 -5.90 10.56 7.20
CA ASP A 78 -5.41 11.19 5.99
C ASP A 78 -4.00 10.71 5.67
N ALA A 79 -3.14 10.64 6.70
CA ALA A 79 -1.78 10.20 6.56
C ALA A 79 -1.35 9.63 7.89
N ALA A 80 -0.39 8.68 7.92
CA ALA A 80 -0.01 8.06 9.18
C ALA A 80 1.29 7.32 8.99
N LEU A 81 2.12 7.18 10.05
CA LEU A 81 3.35 6.41 9.99
C LEU A 81 3.06 4.95 10.27
N LEU A 82 3.42 4.05 9.34
CA LEU A 82 3.25 2.63 9.53
C LEU A 82 4.47 2.01 10.17
N HIS A 83 4.19 1.16 11.18
CA HIS A 83 5.14 0.46 12.00
C HIS A 83 4.76 -1.00 11.92
N ASP A 84 5.68 -1.92 12.33
CA ASP A 84 5.58 -3.32 12.05
C ASP A 84 4.36 -3.96 12.67
N GLY A 85 3.57 -4.63 11.82
CA GLY A 85 2.36 -5.33 12.20
C GLY A 85 1.11 -4.50 12.16
N ASP A 86 1.16 -3.25 11.63
CA ASP A 86 -0.04 -2.46 11.39
C ASP A 86 -0.87 -3.07 10.26
N VAL A 87 -2.20 -3.03 10.42
CA VAL A 87 -3.14 -3.62 9.47
C VAL A 87 -3.90 -2.48 8.84
N VAL A 88 -3.85 -2.41 7.49
CA VAL A 88 -4.42 -1.35 6.71
C VAL A 88 -5.55 -1.98 5.91
N THR A 89 -6.77 -1.39 5.93
CA THR A 89 -7.89 -1.93 5.17
C THR A 89 -8.09 -1.08 3.94
N ILE A 90 -7.93 -1.69 2.75
CA ILE A 90 -8.21 -1.07 1.46
C ILE A 90 -9.09 -2.04 0.70
N GLY A 91 -10.29 -1.62 0.24
CA GLY A 91 -11.14 -2.41 -0.65
C GLY A 91 -11.67 -3.69 -0.04
N ASN A 92 -11.85 -3.70 1.30
CA ASN A 92 -12.14 -4.85 2.15
C ASN A 92 -11.02 -5.90 2.16
N ILE A 93 -9.78 -5.51 1.81
CA ILE A 93 -8.61 -6.37 1.81
C ILE A 93 -7.71 -5.86 2.92
N ASP A 94 -7.25 -6.76 3.82
CA ASP A 94 -6.31 -6.42 4.86
C ASP A 94 -4.89 -6.42 4.32
N LEU A 95 -4.21 -5.27 4.39
CA LEU A 95 -2.82 -5.05 4.04
C LEU A 95 -2.00 -4.98 5.30
N VAL A 96 -0.89 -5.74 5.35
CA VAL A 96 -0.12 -5.93 6.56
C VAL A 96 1.26 -5.38 6.31
N PHE A 97 1.76 -4.49 7.20
CA PHE A 97 3.03 -3.81 7.00
C PHE A 97 4.13 -4.52 7.78
N ALA A 98 5.22 -4.95 7.10
CA ALA A 98 6.37 -5.52 7.80
C ALA A 98 7.68 -5.09 7.13
N ASP A 99 8.60 -4.46 7.91
CA ASP A 99 9.96 -4.12 7.53
C ASP A 99 10.08 -3.36 6.21
N GLY A 100 9.18 -2.39 5.96
CA GLY A 100 9.14 -1.61 4.73
C GLY A 100 8.28 -2.20 3.65
N THR A 101 7.82 -3.46 3.80
CA THR A 101 6.97 -4.13 2.82
C THR A 101 5.53 -4.11 3.24
N LEU A 102 4.62 -4.25 2.24
CA LEU A 102 3.23 -4.55 2.47
C LEU A 102 2.91 -5.87 1.80
N ALA A 103 2.15 -6.74 2.50
CA ALA A 103 1.60 -7.95 1.95
C ALA A 103 0.12 -7.94 2.24
N ARG A 104 -0.73 -8.42 1.31
CA ARG A 104 -2.15 -8.53 1.59
C ARG A 104 -2.49 -9.92 2.10
N ARG A 105 -3.48 -9.98 3.02
CA ARG A 105 -3.80 -11.20 3.73
C ARG A 105 -4.61 -12.15 2.86
N GLU A 106 -4.17 -13.42 2.75
CA GLU A 106 -4.87 -14.45 2.03
C GLU A 106 -4.70 -15.74 2.79
N GLU A 107 -5.77 -16.56 2.89
CA GLU A 107 -5.77 -17.78 3.68
C GLU A 107 -5.23 -18.93 2.84
N ASN A 108 -3.93 -18.85 2.49
CA ASN A 108 -3.29 -19.77 1.57
C ASN A 108 -3.09 -21.20 2.16
N GLY A 1 7.37 -31.36 -16.90
CA GLY A 1 7.71 -31.84 -15.51
C GLY A 1 6.99 -31.02 -14.48
N HIS A 2 7.29 -31.22 -13.19
CA HIS A 2 6.65 -30.55 -12.05
C HIS A 2 5.14 -30.77 -12.00
N MET A 3 4.34 -29.68 -12.03
CA MET A 3 2.89 -29.75 -11.97
C MET A 3 2.32 -29.51 -13.36
N TRP A 4 1.28 -30.28 -13.74
CA TRP A 4 0.59 -30.08 -15.00
C TRP A 4 -0.42 -28.94 -14.87
N ASN A 5 -0.42 -28.01 -15.85
CA ASN A 5 -1.30 -26.85 -15.88
C ASN A 5 -2.77 -27.20 -16.05
N LEU A 6 -3.10 -28.13 -16.97
CA LEU A 6 -4.42 -28.69 -17.22
C LEU A 6 -5.48 -27.71 -17.70
N ALA A 7 -5.09 -26.53 -18.23
CA ALA A 7 -5.98 -25.57 -18.85
C ALA A 7 -6.38 -25.96 -20.26
N THR A 8 -7.33 -25.22 -20.86
CA THR A 8 -7.85 -25.49 -22.20
C THR A 8 -6.89 -25.04 -23.30
N SER A 9 -7.06 -25.60 -24.52
CA SER A 9 -6.21 -25.33 -25.67
C SER A 9 -6.29 -23.90 -26.18
N MET A 10 -7.51 -23.31 -26.20
CA MET A 10 -7.73 -21.91 -26.44
C MET A 10 -8.22 -21.28 -25.16
N MET A 11 -7.60 -20.14 -24.77
CA MET A 11 -8.00 -19.35 -23.63
C MET A 11 -7.47 -17.96 -23.88
N LYS A 12 -8.01 -16.93 -23.19
CA LYS A 12 -7.58 -15.56 -23.37
C LYS A 12 -6.80 -15.13 -22.14
N ILE A 13 -5.54 -14.68 -22.33
CA ILE A 13 -4.66 -14.28 -21.24
C ILE A 13 -4.30 -12.82 -21.46
N LEU A 14 -4.70 -11.91 -20.54
CA LEU A 14 -4.20 -10.53 -20.54
C LEU A 14 -2.83 -10.37 -19.91
N ARG A 15 -2.58 -11.03 -18.75
CA ARG A 15 -1.29 -11.14 -18.11
C ARG A 15 -1.26 -12.58 -17.59
N PRO A 16 -0.16 -13.31 -17.55
CA PRO A 16 -0.16 -14.70 -17.07
C PRO A 16 -0.28 -14.82 -15.56
N GLY A 17 0.00 -13.74 -14.79
CA GLY A 17 -0.14 -13.73 -13.33
C GLY A 17 0.98 -14.42 -12.59
N ARG A 18 2.00 -14.89 -13.32
CA ARG A 18 3.06 -15.77 -12.85
C ARG A 18 4.00 -15.18 -11.80
N LEU A 19 4.32 -13.87 -11.88
CA LEU A 19 5.23 -13.21 -10.97
C LEU A 19 4.46 -12.16 -10.20
N THR A 20 4.57 -12.19 -8.84
CA THR A 20 3.92 -11.22 -7.96
C THR A 20 4.75 -9.96 -7.82
N GLY A 21 4.18 -8.91 -7.17
CA GLY A 21 4.85 -7.63 -6.99
C GLY A 21 5.72 -7.65 -5.77
N GLU A 22 7.04 -7.77 -5.98
CA GLU A 22 8.02 -8.00 -4.98
C GLU A 22 9.20 -7.07 -5.21
N LEU A 23 10.00 -6.81 -4.15
CA LEU A 23 11.16 -5.94 -4.14
C LEU A 23 10.93 -4.50 -4.65
N PRO A 24 10.10 -3.68 -4.01
CA PRO A 24 9.90 -2.29 -4.42
C PRO A 24 11.12 -1.43 -4.10
N PRO A 25 11.33 -0.27 -4.72
CA PRO A 25 12.56 0.52 -4.57
C PRO A 25 12.65 1.23 -3.24
N GLY A 26 11.56 1.27 -2.46
CA GLY A 26 11.52 1.93 -1.16
C GLY A 26 10.20 2.62 -0.96
N ALA A 27 9.58 3.06 -2.07
CA ALA A 27 8.26 3.63 -2.08
C ALA A 27 7.34 2.71 -2.86
N VAL A 28 6.06 2.62 -2.44
CA VAL A 28 5.03 1.88 -3.16
C VAL A 28 3.87 2.82 -3.39
N ARG A 29 3.49 3.13 -4.65
CA ARG A 29 2.16 3.66 -4.87
C ARG A 29 1.20 2.50 -5.08
N ILE A 30 0.04 2.57 -4.36
CA ILE A 30 -1.01 1.55 -4.35
C ILE A 30 -2.19 1.98 -5.23
N GLY A 31 -2.71 1.09 -6.10
CA GLY A 31 -3.95 1.40 -6.82
C GLY A 31 -4.59 0.23 -7.51
N ARG A 32 -5.37 0.52 -8.58
CA ARG A 32 -6.17 -0.44 -9.32
C ARG A 32 -5.61 -0.71 -10.72
N ALA A 33 -4.81 0.22 -11.27
CA ALA A 33 -4.18 -0.01 -12.56
C ALA A 33 -2.70 -0.24 -12.43
N ASN A 34 -2.12 -0.95 -13.44
CA ASN A 34 -0.74 -1.39 -13.48
C ASN A 34 0.20 -0.30 -13.98
N ASP A 35 -0.19 0.94 -13.64
CA ASP A 35 0.60 2.15 -13.61
C ASP A 35 1.32 2.16 -12.28
N ASN A 36 0.70 1.55 -11.24
CA ASN A 36 1.22 1.56 -9.92
C ASN A 36 2.23 0.44 -9.77
N ASP A 37 2.99 0.50 -8.66
CA ASP A 37 3.87 -0.56 -8.23
C ASP A 37 3.11 -1.84 -7.88
N ILE A 38 1.97 -1.67 -7.17
CA ILE A 38 1.22 -2.77 -6.57
C ILE A 38 -0.25 -2.48 -6.81
N VAL A 39 -1.00 -3.49 -7.31
CA VAL A 39 -2.33 -3.30 -7.80
C VAL A 39 -3.29 -4.24 -7.10
N ILE A 40 -4.43 -3.70 -6.59
CA ILE A 40 -5.43 -4.50 -5.90
C ILE A 40 -6.54 -4.78 -6.91
N PRO A 41 -6.93 -6.01 -7.24
CA PRO A 41 -8.02 -6.28 -8.18
C PRO A 41 -9.39 -6.07 -7.53
N GLU A 42 -9.70 -4.82 -7.13
CA GLU A 42 -10.95 -4.41 -6.52
C GLU A 42 -11.64 -3.30 -7.26
N VAL A 43 -12.99 -3.42 -7.39
CA VAL A 43 -13.90 -2.38 -7.80
C VAL A 43 -13.92 -1.23 -6.80
N LEU A 44 -13.66 -1.56 -5.51
CA LEU A 44 -13.59 -0.62 -4.41
C LEU A 44 -12.24 0.10 -4.34
N ALA A 45 -11.26 -0.24 -5.21
CA ALA A 45 -10.01 0.47 -5.28
C ALA A 45 -10.11 1.61 -6.28
N SER A 46 -9.53 2.77 -5.94
CA SER A 46 -9.32 3.88 -6.88
C SER A 46 -8.12 3.61 -7.76
N ARG A 47 -7.99 4.32 -8.92
CA ARG A 47 -6.96 4.08 -9.91
C ARG A 47 -5.54 4.27 -9.38
N HIS A 48 -5.33 5.33 -8.58
CA HIS A 48 -4.28 5.46 -7.59
C HIS A 48 -5.07 5.69 -6.32
N HIS A 49 -4.86 4.89 -5.26
CA HIS A 49 -5.73 4.90 -4.10
C HIS A 49 -4.97 5.45 -2.93
N ALA A 50 -3.74 4.96 -2.73
CA ALA A 50 -2.94 5.33 -1.58
C ALA A 50 -1.48 5.26 -1.96
N THR A 51 -0.61 5.97 -1.25
CA THR A 51 0.80 5.94 -1.47
C THR A 51 1.52 5.61 -0.20
N LEU A 52 2.51 4.72 -0.32
CA LEU A 52 3.54 4.52 0.70
C LEU A 52 4.79 5.28 0.33
N VAL A 53 5.29 6.16 1.24
CA VAL A 53 6.53 6.89 1.03
C VAL A 53 7.43 6.78 2.26
N PRO A 54 8.76 6.65 2.13
CA PRO A 54 9.68 6.75 3.26
C PRO A 54 9.80 8.18 3.75
N THR A 55 10.12 8.39 5.04
CA THR A 55 10.27 9.72 5.61
C THR A 55 11.57 9.66 6.40
N PRO A 56 12.21 10.73 6.89
CA PRO A 56 13.38 10.61 7.75
C PRO A 56 13.08 10.02 9.12
N GLY A 57 11.79 9.94 9.53
CA GLY A 57 11.41 9.41 10.83
C GLY A 57 10.69 8.09 10.76
N GLY A 58 10.56 7.46 9.58
CA GLY A 58 9.77 6.24 9.44
C GLY A 58 9.24 6.11 8.04
N THR A 59 8.06 5.48 7.88
CA THR A 59 7.37 5.36 6.60
C THR A 59 5.96 5.82 6.80
N GLU A 60 5.48 6.72 5.91
CA GLU A 60 4.10 7.14 5.86
C GLU A 60 3.30 6.38 4.84
N ILE A 61 2.03 6.13 5.22
CA ILE A 61 0.98 5.79 4.29
C ILE A 61 0.16 7.06 4.15
N ARG A 62 -0.14 7.47 2.89
CA ARG A 62 -0.96 8.63 2.62
C ARG A 62 -2.15 8.16 1.82
N ASP A 63 -3.38 8.53 2.25
CA ASP A 63 -4.61 7.95 1.79
C ASP A 63 -5.54 8.96 1.15
N ASN A 64 -6.21 8.57 0.04
CA ASN A 64 -7.33 9.32 -0.51
C ASN A 64 -8.59 8.81 0.19
N ARG A 65 -8.79 9.26 1.45
CA ARG A 65 -9.84 8.81 2.36
C ARG A 65 -11.26 9.14 1.93
N SER A 66 -11.38 10.08 0.97
CA SER A 66 -12.58 10.84 0.66
C SER A 66 -13.76 10.01 0.16
N ILE A 67 -13.57 9.07 -0.78
CA ILE A 67 -14.70 8.44 -1.46
C ILE A 67 -14.96 7.04 -0.91
N ASN A 68 -13.94 6.14 -0.94
CA ASN A 68 -14.10 4.76 -0.50
C ASN A 68 -13.44 4.58 0.86
N GLY A 69 -12.24 5.16 1.06
CA GLY A 69 -11.57 5.20 2.35
C GLY A 69 -10.49 4.16 2.53
N THR A 70 -9.55 4.46 3.43
CA THR A 70 -8.52 3.53 3.90
C THR A 70 -8.60 3.55 5.40
N PHE A 71 -8.61 2.37 6.06
CA PHE A 71 -8.61 2.28 7.51
C PHE A 71 -7.28 1.69 7.95
N VAL A 72 -6.65 2.23 9.02
CA VAL A 72 -5.45 1.66 9.61
C VAL A 72 -5.84 1.26 11.02
N ASN A 73 -5.72 -0.05 11.36
CA ASN A 73 -6.07 -0.64 12.65
C ASN A 73 -7.51 -0.33 13.09
N GLY A 74 -8.44 -0.22 12.12
CA GLY A 74 -9.84 0.11 12.37
C GLY A 74 -10.19 1.57 12.30
N ALA A 75 -9.19 2.49 12.17
CA ALA A 75 -9.42 3.92 12.16
C ALA A 75 -9.09 4.48 10.80
N ARG A 76 -9.99 5.27 10.19
CA ARG A 76 -9.63 5.96 8.96
C ARG A 76 -8.79 7.19 9.21
N VAL A 77 -7.78 7.35 8.36
CA VAL A 77 -6.76 8.38 8.46
C VAL A 77 -6.46 8.96 7.10
N ASP A 78 -5.97 10.22 7.04
CA ASP A 78 -5.49 10.83 5.82
C ASP A 78 -4.03 10.46 5.58
N ALA A 79 -3.23 10.48 6.67
CA ALA A 79 -1.85 10.05 6.65
C ALA A 79 -1.53 9.47 8.00
N ALA A 80 -0.60 8.49 8.05
CA ALA A 80 -0.18 7.89 9.30
C ALA A 80 1.19 7.26 9.12
N LEU A 81 1.94 7.09 10.23
CA LEU A 81 3.18 6.34 10.23
C LEU A 81 2.90 4.88 10.50
N LEU A 82 3.25 3.98 9.55
CA LEU A 82 3.07 2.57 9.76
C LEU A 82 4.23 1.96 10.51
N HIS A 83 3.87 1.19 11.55
CA HIS A 83 4.74 0.53 12.48
C HIS A 83 4.51 -0.96 12.31
N ASP A 84 5.47 -1.79 12.74
CA ASP A 84 5.56 -3.20 12.44
C ASP A 84 4.39 -3.95 13.08
N GLY A 85 3.54 -4.56 12.22
CA GLY A 85 2.35 -5.29 12.63
C GLY A 85 1.06 -4.52 12.50
N ASP A 86 1.07 -3.31 11.86
CA ASP A 86 -0.16 -2.59 11.57
C ASP A 86 -0.95 -3.25 10.45
N VAL A 87 -2.30 -3.20 10.57
CA VAL A 87 -3.20 -3.80 9.61
C VAL A 87 -3.97 -2.67 8.96
N VAL A 88 -3.94 -2.63 7.61
CA VAL A 88 -4.48 -1.56 6.80
C VAL A 88 -5.59 -2.16 5.96
N THR A 89 -6.79 -1.56 5.93
CA THR A 89 -7.89 -2.05 5.09
C THR A 89 -8.02 -1.14 3.90
N ILE A 90 -7.81 -1.67 2.67
CA ILE A 90 -8.03 -0.97 1.42
C ILE A 90 -8.94 -1.85 0.58
N GLY A 91 -10.11 -1.35 0.12
CA GLY A 91 -10.98 -2.07 -0.80
C GLY A 91 -11.58 -3.34 -0.26
N ASN A 92 -11.75 -3.41 1.08
CA ASN A 92 -12.06 -4.59 1.89
C ASN A 92 -10.99 -5.69 1.81
N ILE A 93 -9.73 -5.32 1.50
CA ILE A 93 -8.59 -6.22 1.50
C ILE A 93 -7.73 -5.79 2.67
N ASP A 94 -7.37 -6.75 3.56
CA ASP A 94 -6.52 -6.48 4.70
C ASP A 94 -5.05 -6.57 4.27
N LEU A 95 -4.31 -5.46 4.41
CA LEU A 95 -2.88 -5.33 4.18
C LEU A 95 -2.16 -5.28 5.50
N VAL A 96 -1.02 -6.00 5.60
CA VAL A 96 -0.29 -6.13 6.84
C VAL A 96 1.07 -5.51 6.60
N PHE A 97 1.53 -4.60 7.49
CA PHE A 97 2.80 -3.95 7.34
C PHE A 97 3.81 -4.61 8.25
N ALA A 98 4.88 -5.19 7.68
CA ALA A 98 5.96 -5.72 8.50
C ALA A 98 7.28 -5.61 7.78
N ASP A 99 8.35 -5.19 8.52
CA ASP A 99 9.72 -5.04 8.06
C ASP A 99 9.85 -4.20 6.76
N GLY A 100 9.05 -3.11 6.64
CA GLY A 100 9.04 -2.26 5.46
C GLY A 100 8.25 -2.80 4.29
N THR A 101 7.62 -3.99 4.43
CA THR A 101 7.00 -4.72 3.34
C THR A 101 5.52 -4.84 3.61
N LEU A 102 4.70 -4.64 2.56
CA LEU A 102 3.26 -4.81 2.59
C LEU A 102 2.92 -6.19 2.07
N ALA A 103 2.05 -6.92 2.79
CA ALA A 103 1.58 -8.22 2.36
C ALA A 103 0.09 -8.32 2.63
N ARG A 104 -0.66 -9.09 1.80
CA ARG A 104 -2.07 -9.35 1.98
C ARG A 104 -2.27 -10.37 3.08
N ARG A 105 -3.23 -10.10 4.00
CA ARG A 105 -3.40 -10.86 5.22
C ARG A 105 -4.08 -12.20 4.93
N GLU A 106 -3.50 -13.32 5.41
CA GLU A 106 -4.00 -14.64 5.15
C GLU A 106 -4.07 -15.41 6.45
N GLU A 107 -5.06 -16.34 6.56
CA GLU A 107 -5.33 -17.11 7.77
C GLU A 107 -4.56 -18.41 7.83
N ASN A 108 -3.81 -18.70 6.76
CA ASN A 108 -3.12 -19.96 6.53
C ASN A 108 -2.00 -20.26 7.58
N GLY A 1 10.57 -41.48 -2.15
CA GLY A 1 9.16 -41.59 -1.62
C GLY A 1 8.74 -40.30 -0.99
N HIS A 2 7.43 -40.15 -0.68
CA HIS A 2 6.90 -38.95 -0.07
C HIS A 2 6.07 -39.40 1.11
N MET A 3 5.89 -38.52 2.12
CA MET A 3 5.09 -38.80 3.29
C MET A 3 4.44 -37.51 3.72
N TRP A 4 3.34 -37.59 4.50
CA TRP A 4 2.47 -36.46 4.83
C TRP A 4 3.13 -35.38 5.67
N ASN A 5 3.89 -35.75 6.71
CA ASN A 5 4.55 -34.82 7.60
C ASN A 5 6.04 -35.10 7.66
N LEU A 6 6.87 -34.05 7.87
CA LEU A 6 8.31 -34.17 8.00
C LEU A 6 8.70 -33.74 9.41
N ALA A 7 9.69 -34.42 10.03
CA ALA A 7 10.21 -34.07 11.33
C ALA A 7 10.93 -32.74 11.36
N THR A 8 11.79 -32.47 10.36
CA THR A 8 12.44 -31.18 10.14
C THR A 8 12.27 -30.86 8.67
N SER A 9 12.39 -29.57 8.29
CA SER A 9 12.34 -29.15 6.90
C SER A 9 13.49 -28.21 6.67
N MET A 10 14.05 -28.20 5.44
CA MET A 10 15.06 -27.24 5.02
C MET A 10 14.35 -26.18 4.20
N MET A 11 14.74 -24.89 4.38
CA MET A 11 14.03 -23.79 3.76
C MET A 11 14.99 -22.65 3.53
N LYS A 12 14.61 -21.72 2.63
CA LYS A 12 15.26 -20.44 2.47
C LYS A 12 14.22 -19.40 2.84
N ILE A 13 14.65 -18.28 3.46
CA ILE A 13 13.75 -17.26 3.97
C ILE A 13 14.18 -15.91 3.42
N LEU A 14 13.23 -14.94 3.44
CA LEU A 14 13.44 -13.56 3.02
C LEU A 14 14.42 -12.81 3.93
N ARG A 15 14.35 -13.08 5.25
CA ARG A 15 15.08 -12.41 6.32
C ARG A 15 14.91 -10.88 6.37
N PRO A 16 13.73 -10.31 6.61
CA PRO A 16 13.59 -8.91 6.98
C PRO A 16 14.09 -8.70 8.41
N GLY A 17 14.38 -7.44 8.81
CA GLY A 17 14.79 -7.13 10.18
C GLY A 17 13.61 -6.93 11.09
N ARG A 18 12.40 -6.94 10.50
CA ARG A 18 11.07 -6.86 11.09
C ARG A 18 10.74 -5.51 11.72
N LEU A 19 11.64 -4.98 12.57
CA LEU A 19 11.50 -3.74 13.31
C LEU A 19 11.49 -2.48 12.44
N THR A 20 10.74 -1.46 12.92
CA THR A 20 10.83 -0.08 12.45
C THR A 20 12.17 0.52 12.87
N GLY A 21 12.74 1.43 12.05
CA GLY A 21 14.11 1.88 12.22
C GLY A 21 14.60 2.35 10.89
N GLU A 22 15.90 2.10 10.59
CA GLU A 22 16.45 2.29 9.25
C GLU A 22 16.00 1.15 8.37
N LEU A 23 15.57 1.44 7.12
CA LEU A 23 14.72 0.53 6.38
C LEU A 23 14.99 0.69 4.89
N PRO A 24 14.67 -0.26 4.01
CA PRO A 24 14.85 -0.08 2.56
C PRO A 24 13.81 0.87 1.98
N PRO A 25 14.03 1.50 0.82
CA PRO A 25 13.11 2.49 0.26
C PRO A 25 11.88 1.88 -0.36
N GLY A 26 11.00 1.36 0.50
CA GLY A 26 9.76 0.66 0.18
C GLY A 26 8.65 1.61 -0.17
N ALA A 27 8.86 2.38 -1.24
CA ALA A 27 7.88 3.27 -1.81
C ALA A 27 6.93 2.51 -2.73
N VAL A 28 5.62 2.57 -2.43
CA VAL A 28 4.59 1.88 -3.21
C VAL A 28 3.46 2.83 -3.50
N ARG A 29 3.18 3.12 -4.79
CA ARG A 29 1.89 3.69 -5.14
C ARG A 29 0.86 2.57 -5.25
N ILE A 30 -0.26 2.70 -4.51
CA ILE A 30 -1.36 1.72 -4.52
C ILE A 30 -2.57 2.22 -5.33
N GLY A 31 -3.11 1.37 -6.24
CA GLY A 31 -4.35 1.70 -6.92
C GLY A 31 -4.98 0.52 -7.62
N ARG A 32 -5.92 0.80 -8.54
CA ARG A 32 -6.56 -0.16 -9.43
C ARG A 32 -5.89 -0.20 -10.79
N ALA A 33 -5.03 0.77 -11.15
CA ALA A 33 -4.38 0.76 -12.44
C ALA A 33 -2.91 0.49 -12.41
N ASN A 34 -2.42 -0.17 -13.48
CA ASN A 34 -1.10 -0.77 -13.61
C ASN A 34 -0.03 0.23 -14.01
N ASP A 35 -0.34 1.53 -13.77
CA ASP A 35 0.57 2.64 -13.82
C ASP A 35 1.27 2.75 -12.49
N ASN A 36 0.66 2.16 -11.43
CA ASN A 36 1.17 2.23 -10.11
C ASN A 36 2.01 0.99 -9.90
N ASP A 37 2.74 0.94 -8.78
CA ASP A 37 3.58 -0.18 -8.40
C ASP A 37 2.80 -1.46 -8.15
N ILE A 38 1.66 -1.34 -7.44
CA ILE A 38 0.90 -2.48 -6.93
C ILE A 38 -0.56 -2.21 -7.15
N VAL A 39 -1.27 -3.20 -7.73
CA VAL A 39 -2.65 -3.04 -8.15
C VAL A 39 -3.53 -4.06 -7.47
N ILE A 40 -4.65 -3.59 -6.85
CA ILE A 40 -5.58 -4.48 -6.17
C ILE A 40 -6.75 -4.70 -7.14
N PRO A 41 -7.11 -5.91 -7.59
CA PRO A 41 -8.23 -6.12 -8.50
C PRO A 41 -9.58 -6.03 -7.77
N GLU A 42 -9.91 -4.83 -7.25
CA GLU A 42 -11.15 -4.53 -6.56
C GLU A 42 -11.98 -3.45 -7.20
N VAL A 43 -13.31 -3.64 -7.21
CA VAL A 43 -14.32 -2.65 -7.57
C VAL A 43 -14.30 -1.48 -6.59
N LEU A 44 -13.91 -1.76 -5.33
CA LEU A 44 -13.80 -0.77 -4.28
C LEU A 44 -12.46 -0.04 -4.30
N ALA A 45 -11.53 -0.38 -5.23
CA ALA A 45 -10.26 0.29 -5.34
C ALA A 45 -10.32 1.41 -6.37
N SER A 46 -9.89 2.62 -5.99
CA SER A 46 -9.75 3.77 -6.88
C SER A 46 -8.53 3.64 -7.76
N ARG A 47 -8.47 4.40 -8.90
CA ARG A 47 -7.38 4.32 -9.86
C ARG A 47 -6.02 4.69 -9.28
N HIS A 48 -5.99 5.72 -8.40
CA HIS A 48 -4.99 5.92 -7.38
C HIS A 48 -5.79 5.87 -6.09
N HIS A 49 -5.36 5.07 -5.09
CA HIS A 49 -6.13 4.92 -3.87
C HIS A 49 -5.29 5.35 -2.69
N ALA A 50 -4.02 4.92 -2.66
CA ALA A 50 -3.11 5.28 -1.60
C ALA A 50 -1.70 5.35 -2.09
N THR A 51 -0.83 5.96 -1.29
CA THR A 51 0.59 5.90 -1.53
C THR A 51 1.27 5.51 -0.25
N LEU A 52 2.18 4.51 -0.32
CA LEU A 52 3.19 4.29 0.72
C LEU A 52 4.48 4.97 0.32
N VAL A 53 5.09 5.78 1.23
CA VAL A 53 6.37 6.42 0.95
C VAL A 53 7.26 6.47 2.21
N PRO A 54 8.55 6.15 2.12
CA PRO A 54 9.48 6.21 3.25
C PRO A 54 9.77 7.64 3.68
N THR A 55 10.08 7.83 4.98
CA THR A 55 10.34 9.12 5.58
C THR A 55 11.64 8.93 6.36
N PRO A 56 12.36 9.91 6.89
CA PRO A 56 13.52 9.65 7.74
C PRO A 56 13.18 9.00 9.08
N GLY A 57 11.89 8.98 9.49
CA GLY A 57 11.49 8.40 10.77
C GLY A 57 10.63 7.17 10.63
N GLY A 58 10.47 6.60 9.41
CA GLY A 58 9.58 5.46 9.21
C GLY A 58 9.03 5.45 7.82
N THR A 59 7.81 4.93 7.65
CA THR A 59 7.08 4.99 6.37
C THR A 59 5.74 5.59 6.63
N GLU A 60 5.38 6.64 5.87
CA GLU A 60 4.02 7.14 5.78
C GLU A 60 3.19 6.37 4.81
N ILE A 61 1.90 6.22 5.20
CA ILE A 61 0.86 5.83 4.30
C ILE A 61 0.04 7.09 4.11
N ARG A 62 -0.23 7.46 2.84
CA ARG A 62 -0.97 8.64 2.47
C ARG A 62 -2.14 8.17 1.64
N ASP A 63 -3.38 8.59 1.99
CA ASP A 63 -4.57 7.97 1.47
C ASP A 63 -5.47 8.97 0.76
N ASN A 64 -6.18 8.52 -0.32
CA ASN A 64 -7.29 9.25 -0.88
C ASN A 64 -8.52 8.86 -0.07
N ARG A 65 -8.68 9.58 1.05
CA ARG A 65 -9.71 9.47 2.08
C ARG A 65 -11.09 9.70 1.49
N SER A 66 -11.12 10.57 0.46
CA SER A 66 -12.25 11.34 0.00
C SER A 66 -13.45 10.54 -0.49
N ILE A 67 -13.24 9.47 -1.29
CA ILE A 67 -14.35 8.79 -1.94
C ILE A 67 -14.74 7.53 -1.20
N ASN A 68 -13.80 6.56 -1.07
CA ASN A 68 -14.06 5.28 -0.40
C ASN A 68 -13.39 5.25 0.96
N GLY A 69 -12.14 5.75 1.05
CA GLY A 69 -11.38 5.84 2.29
C GLY A 69 -10.46 4.66 2.52
N THR A 70 -9.55 4.80 3.50
CA THR A 70 -8.60 3.75 3.89
C THR A 70 -8.59 3.68 5.40
N PHE A 71 -8.61 2.46 5.98
CA PHE A 71 -8.49 2.31 7.42
C PHE A 71 -7.11 1.75 7.74
N VAL A 72 -6.47 2.29 8.81
CA VAL A 72 -5.29 1.69 9.42
C VAL A 72 -5.72 1.29 10.80
N ASN A 73 -5.63 -0.02 11.12
CA ASN A 73 -5.75 -0.60 12.45
C ASN A 73 -7.05 -0.19 13.16
N GLY A 74 -8.18 -0.16 12.39
CA GLY A 74 -9.49 0.22 12.89
C GLY A 74 -9.83 1.69 12.77
N ALA A 75 -8.89 2.55 12.31
CA ALA A 75 -9.08 3.98 12.27
C ALA A 75 -8.96 4.49 10.85
N ARG A 76 -9.90 5.33 10.41
CA ARG A 76 -9.90 5.91 9.07
C ARG A 76 -9.02 7.14 9.05
N VAL A 77 -8.03 7.18 8.13
CA VAL A 77 -6.96 8.16 8.15
C VAL A 77 -6.71 8.78 6.78
N ASP A 78 -6.21 10.04 6.77
CA ASP A 78 -5.72 10.69 5.56
C ASP A 78 -4.23 10.41 5.36
N ALA A 79 -3.46 10.47 6.47
CA ALA A 79 -2.06 10.12 6.51
C ALA A 79 -1.81 9.52 7.87
N ALA A 80 -0.84 8.60 7.98
CA ALA A 80 -0.50 7.96 9.21
C ALA A 80 0.90 7.47 9.03
N LEU A 81 1.64 7.22 10.12
CA LEU A 81 2.99 6.73 10.03
C LEU A 81 2.92 5.27 10.45
N LEU A 82 3.42 4.34 9.61
CA LEU A 82 3.30 2.92 9.87
C LEU A 82 4.53 2.35 10.55
N HIS A 83 4.29 1.41 11.47
CA HIS A 83 5.31 0.61 12.13
C HIS A 83 4.87 -0.83 12.03
N ASP A 84 5.77 -1.79 12.33
CA ASP A 84 5.58 -3.18 12.04
C ASP A 84 4.44 -3.83 12.80
N GLY A 85 3.65 -4.60 12.03
CA GLY A 85 2.47 -5.30 12.52
C GLY A 85 1.19 -4.51 12.36
N ASP A 86 1.23 -3.30 11.76
CA ASP A 86 0.04 -2.54 11.48
C ASP A 86 -0.76 -3.18 10.34
N VAL A 87 -2.10 -3.22 10.49
CA VAL A 87 -3.05 -3.71 9.52
C VAL A 87 -3.68 -2.53 8.82
N VAL A 88 -3.66 -2.54 7.48
CA VAL A 88 -4.27 -1.52 6.66
C VAL A 88 -5.38 -2.22 5.89
N THR A 89 -6.59 -1.62 5.86
CA THR A 89 -7.70 -2.17 5.07
C THR A 89 -7.94 -1.25 3.89
N ILE A 90 -7.75 -1.78 2.66
CA ILE A 90 -8.05 -1.10 1.40
C ILE A 90 -8.95 -2.00 0.61
N GLY A 91 -10.17 -1.55 0.21
CA GLY A 91 -11.04 -2.30 -0.69
C GLY A 91 -11.54 -3.62 -0.14
N ASN A 92 -11.67 -3.70 1.20
CA ASN A 92 -11.90 -4.90 2.01
C ASN A 92 -10.76 -5.92 1.94
N ILE A 93 -9.53 -5.51 1.58
CA ILE A 93 -8.37 -6.37 1.52
C ILE A 93 -7.45 -5.93 2.66
N ASP A 94 -7.01 -6.91 3.49
CA ASP A 94 -6.12 -6.70 4.62
C ASP A 94 -4.67 -6.77 4.20
N LEU A 95 -4.00 -5.64 4.41
CA LEU A 95 -2.58 -5.41 4.16
C LEU A 95 -1.83 -5.30 5.45
N VAL A 96 -0.69 -6.00 5.55
CA VAL A 96 0.08 -6.16 6.77
C VAL A 96 1.44 -5.54 6.52
N PHE A 97 1.88 -4.61 7.40
CA PHE A 97 3.12 -3.88 7.20
C PHE A 97 4.26 -4.46 8.05
N ALA A 98 5.41 -4.80 7.43
CA ALA A 98 6.63 -5.06 8.17
C ALA A 98 7.86 -4.60 7.38
N ASP A 99 8.74 -3.78 8.03
CA ASP A 99 10.04 -3.36 7.52
C ASP A 99 10.04 -2.79 6.10
N GLY A 100 9.05 -1.91 5.77
CA GLY A 100 8.94 -1.29 4.46
C GLY A 100 8.27 -2.16 3.43
N THR A 101 7.84 -3.38 3.79
CA THR A 101 7.23 -4.34 2.87
C THR A 101 5.81 -4.58 3.35
N LEU A 102 4.86 -4.60 2.40
CA LEU A 102 3.48 -4.92 2.67
C LEU A 102 3.18 -6.29 2.14
N ALA A 103 2.45 -7.10 2.94
CA ALA A 103 1.97 -8.41 2.55
C ALA A 103 0.46 -8.41 2.62
N ARG A 104 -0.21 -9.11 1.67
CA ARG A 104 -1.63 -9.33 1.66
C ARG A 104 -1.96 -10.52 2.54
N ARG A 105 -2.93 -10.38 3.47
CA ARG A 105 -3.28 -11.46 4.37
C ARG A 105 -4.22 -12.44 3.69
N GLU A 106 -3.88 -13.75 3.75
CA GLU A 106 -4.74 -14.80 3.23
C GLU A 106 -5.82 -15.17 4.22
N GLU A 107 -7.06 -15.37 3.75
CA GLU A 107 -8.07 -16.07 4.52
C GLU A 107 -8.28 -17.40 3.84
N ASN A 108 -7.87 -18.50 4.49
CA ASN A 108 -8.08 -19.85 3.99
C ASN A 108 -9.48 -20.46 4.33
N GLY A 1 2.76 31.76 4.06
CA GLY A 1 2.67 30.42 3.39
C GLY A 1 3.74 30.27 2.35
N HIS A 2 3.82 29.08 1.71
CA HIS A 2 4.81 28.80 0.69
C HIS A 2 4.09 28.22 -0.50
N MET A 3 4.67 28.32 -1.71
CA MET A 3 4.08 27.81 -2.92
C MET A 3 5.21 27.38 -3.83
N TRP A 4 4.92 26.55 -4.85
CA TRP A 4 5.91 26.08 -5.81
C TRP A 4 6.18 27.15 -6.87
N ASN A 5 7.47 27.36 -7.21
CA ASN A 5 7.87 28.29 -8.25
C ASN A 5 8.22 27.52 -9.51
N LEU A 6 7.88 28.10 -10.68
CA LEU A 6 8.16 27.51 -11.98
C LEU A 6 9.59 27.76 -12.41
N ALA A 7 10.18 26.80 -13.17
CA ALA A 7 11.53 26.90 -13.65
C ALA A 7 11.60 26.22 -15.00
N THR A 8 12.61 26.58 -15.83
CA THR A 8 12.85 26.02 -17.15
C THR A 8 13.24 24.56 -17.08
N SER A 9 12.60 23.69 -17.91
CA SER A 9 12.90 22.27 -17.97
C SER A 9 13.12 21.93 -19.42
N MET A 10 14.01 20.95 -19.71
CA MET A 10 14.41 20.63 -21.07
C MET A 10 13.50 19.58 -21.69
N MET A 11 12.52 20.03 -22.50
CA MET A 11 11.57 19.19 -23.22
C MET A 11 12.20 18.31 -24.30
N LYS A 12 13.43 18.67 -24.72
CA LYS A 12 14.27 17.95 -25.66
C LYS A 12 14.67 16.56 -25.18
N ILE A 13 14.90 16.37 -23.86
CA ILE A 13 15.45 15.13 -23.33
C ILE A 13 14.31 14.16 -23.05
N LEU A 14 14.33 12.99 -23.74
CA LEU A 14 13.28 11.97 -23.70
C LEU A 14 13.12 11.29 -22.34
N ARG A 15 14.24 10.92 -21.68
CA ARG A 15 14.22 10.11 -20.48
C ARG A 15 14.38 10.98 -19.24
N PRO A 16 13.78 10.67 -18.09
CA PRO A 16 13.82 11.53 -16.90
C PRO A 16 15.15 11.52 -16.18
N GLY A 17 16.08 10.61 -16.53
CA GLY A 17 17.38 10.48 -15.84
C GLY A 17 17.32 9.63 -14.62
N ARG A 18 16.23 8.85 -14.44
CA ARG A 18 16.00 7.94 -13.37
C ARG A 18 15.60 6.67 -14.05
N LEU A 19 16.06 5.53 -13.50
CA LEU A 19 15.81 4.20 -13.99
C LEU A 19 14.42 3.68 -13.67
N THR A 20 13.94 2.70 -14.45
CA THR A 20 12.89 1.78 -14.03
C THR A 20 13.36 0.38 -14.40
N GLY A 21 12.78 -0.66 -13.78
CA GLY A 21 13.26 -2.01 -13.99
C GLY A 21 12.60 -2.89 -12.97
N GLU A 22 13.22 -4.04 -12.65
CA GLU A 22 12.74 -5.00 -11.67
C GLU A 22 13.01 -4.64 -10.23
N LEU A 23 13.74 -3.53 -10.08
CA LEU A 23 14.09 -2.91 -8.83
C LEU A 23 13.09 -1.79 -8.60
N PRO A 24 12.27 -1.74 -7.53
CA PRO A 24 11.27 -0.70 -7.36
C PRO A 24 11.90 0.62 -6.94
N PRO A 25 11.26 1.78 -7.14
CA PRO A 25 11.87 3.09 -6.91
C PRO A 25 11.98 3.45 -5.45
N GLY A 26 11.39 2.65 -4.53
CA GLY A 26 11.44 2.86 -3.10
C GLY A 26 10.17 3.43 -2.54
N ALA A 27 9.27 3.93 -3.42
CA ALA A 27 7.95 4.40 -3.07
C ALA A 27 6.95 3.54 -3.80
N VAL A 28 5.76 3.31 -3.20
CA VAL A 28 4.71 2.50 -3.81
C VAL A 28 3.47 3.36 -3.95
N ARG A 29 2.92 3.47 -5.17
CA ARG A 29 1.60 4.02 -5.38
C ARG A 29 0.64 2.85 -5.46
N ILE A 30 -0.32 2.80 -4.51
CA ILE A 30 -1.30 1.71 -4.37
C ILE A 30 -2.55 2.10 -5.15
N GLY A 31 -3.07 1.20 -6.01
CA GLY A 31 -4.25 1.55 -6.78
C GLY A 31 -4.73 0.46 -7.69
N ARG A 32 -5.34 0.87 -8.82
CA ARG A 32 -6.03 0.04 -9.80
C ARG A 32 -5.18 -0.23 -11.03
N ALA A 33 -4.37 0.74 -11.49
CA ALA A 33 -3.65 0.58 -12.74
C ALA A 33 -2.23 0.07 -12.56
N ASN A 34 -1.88 -1.00 -13.32
CA ASN A 34 -0.81 -1.93 -13.00
C ASN A 34 0.54 -1.44 -13.53
N ASP A 35 0.62 -0.12 -13.80
CA ASP A 35 1.81 0.59 -14.16
C ASP A 35 2.47 1.11 -12.91
N ASN A 36 1.68 1.36 -11.83
CA ASN A 36 2.12 2.23 -10.78
C ASN A 36 3.15 1.62 -9.85
N ASP A 37 2.90 0.39 -9.34
CA ASP A 37 3.91 -0.52 -8.83
C ASP A 37 3.16 -1.77 -8.35
N ILE A 38 2.09 -1.56 -7.53
CA ILE A 38 1.33 -2.62 -6.89
C ILE A 38 -0.14 -2.31 -7.06
N VAL A 39 -0.92 -3.30 -7.54
CA VAL A 39 -2.35 -3.20 -7.76
C VAL A 39 -3.14 -4.25 -7.02
N ILE A 40 -4.25 -3.82 -6.38
CA ILE A 40 -5.22 -4.68 -5.71
C ILE A 40 -6.31 -4.92 -6.75
N PRO A 41 -6.80 -6.13 -7.05
CA PRO A 41 -7.76 -6.37 -8.14
C PRO A 41 -9.17 -5.88 -7.85
N GLU A 42 -9.40 -5.17 -6.73
CA GLU A 42 -10.66 -4.62 -6.31
C GLU A 42 -11.30 -3.57 -7.20
N VAL A 43 -12.65 -3.65 -7.29
CA VAL A 43 -13.57 -2.67 -7.87
C VAL A 43 -13.48 -1.37 -7.08
N LEU A 44 -13.39 -1.49 -5.74
CA LEU A 44 -13.32 -0.38 -4.81
C LEU A 44 -11.98 0.36 -4.83
N ALA A 45 -10.95 -0.17 -5.54
CA ALA A 45 -9.67 0.49 -5.62
C ALA A 45 -9.71 1.59 -6.70
N SER A 46 -9.33 2.84 -6.33
CA SER A 46 -9.20 3.95 -7.27
C SER A 46 -7.87 3.85 -8.00
N ARG A 47 -7.62 4.68 -9.05
CA ARG A 47 -6.42 4.60 -9.87
C ARG A 47 -5.16 4.83 -9.05
N HIS A 48 -5.16 5.87 -8.20
CA HIS A 48 -4.31 5.95 -7.03
C HIS A 48 -5.26 6.00 -5.84
N HIS A 49 -5.17 4.99 -4.93
CA HIS A 49 -6.08 4.87 -3.81
C HIS A 49 -5.36 5.35 -2.56
N ALA A 50 -4.09 4.92 -2.42
CA ALA A 50 -3.25 5.26 -1.30
C ALA A 50 -1.84 5.27 -1.82
N THR A 51 -0.90 5.90 -1.11
CA THR A 51 0.50 5.86 -1.42
C THR A 51 1.24 5.44 -0.19
N LEU A 52 2.26 4.60 -0.39
CA LEU A 52 3.29 4.33 0.62
C LEU A 52 4.59 5.02 0.23
N VAL A 53 5.12 5.90 1.13
CA VAL A 53 6.36 6.61 0.89
C VAL A 53 7.29 6.51 2.10
N PRO A 54 8.62 6.36 1.94
CA PRO A 54 9.56 6.42 3.05
C PRO A 54 9.76 7.86 3.51
N THR A 55 10.13 8.06 4.79
CA THR A 55 10.32 9.39 5.37
C THR A 55 11.62 9.34 6.14
N PRO A 56 12.22 10.44 6.59
CA PRO A 56 13.37 10.41 7.50
C PRO A 56 13.12 9.74 8.85
N GLY A 57 11.86 9.64 9.33
CA GLY A 57 11.55 9.11 10.65
C GLY A 57 10.69 7.87 10.65
N GLY A 58 10.54 7.18 9.51
CA GLY A 58 9.65 6.04 9.40
C GLY A 58 9.12 5.95 8.00
N THR A 59 7.98 5.27 7.81
CA THR A 59 7.31 5.15 6.51
C THR A 59 5.90 5.64 6.70
N GLU A 60 5.46 6.57 5.83
CA GLU A 60 4.10 7.02 5.79
C GLU A 60 3.25 6.28 4.81
N ILE A 61 1.99 6.02 5.24
CA ILE A 61 0.89 5.71 4.37
C ILE A 61 0.10 7.00 4.24
N ARG A 62 -0.24 7.40 3.00
CA ARG A 62 -1.04 8.58 2.73
C ARG A 62 -2.24 8.13 1.93
N ASP A 63 -3.45 8.56 2.35
CA ASP A 63 -4.69 7.97 1.89
C ASP A 63 -5.60 8.97 1.19
N ASN A 64 -6.26 8.54 0.09
CA ASN A 64 -7.29 9.30 -0.56
C ASN A 64 -8.61 8.87 0.04
N ARG A 65 -9.00 9.59 1.10
CA ARG A 65 -10.16 9.40 1.94
C ARG A 65 -11.49 9.50 1.21
N SER A 66 -11.51 10.24 0.08
CA SER A 66 -12.66 10.95 -0.47
C SER A 66 -13.85 10.06 -0.85
N ILE A 67 -13.64 8.92 -1.52
CA ILE A 67 -14.75 8.14 -2.06
C ILE A 67 -15.01 6.91 -1.20
N ASN A 68 -14.00 6.01 -1.07
CA ASN A 68 -14.16 4.76 -0.32
C ASN A 68 -13.40 4.83 0.99
N GLY A 69 -12.16 5.38 0.98
CA GLY A 69 -11.35 5.57 2.17
C GLY A 69 -10.43 4.41 2.45
N THR A 70 -9.52 4.59 3.45
CA THR A 70 -8.57 3.59 3.90
C THR A 70 -8.59 3.58 5.40
N PHE A 71 -8.59 2.39 6.04
CA PHE A 71 -8.55 2.27 7.49
C PHE A 71 -7.20 1.69 7.88
N VAL A 72 -6.58 2.21 8.96
CA VAL A 72 -5.38 1.62 9.57
C VAL A 72 -5.77 1.23 10.97
N ASN A 73 -5.65 -0.07 11.33
CA ASN A 73 -5.96 -0.66 12.63
C ASN A 73 -7.41 -0.39 13.08
N GLY A 74 -8.34 -0.25 12.12
CA GLY A 74 -9.74 0.07 12.38
C GLY A 74 -10.06 1.55 12.39
N ALA A 75 -9.06 2.45 12.24
CA ALA A 75 -9.25 3.87 12.29
C ALA A 75 -9.02 4.46 10.91
N ARG A 76 -9.94 5.34 10.47
CA ARG A 76 -9.87 5.95 9.15
C ARG A 76 -9.02 7.21 9.22
N VAL A 77 -7.97 7.28 8.38
CA VAL A 77 -6.90 8.26 8.51
C VAL A 77 -6.57 8.89 7.17
N ASP A 78 -6.00 10.12 7.20
CA ASP A 78 -5.49 10.78 6.01
C ASP A 78 -4.04 10.41 5.76
N ALA A 79 -3.22 10.38 6.83
CA ALA A 79 -1.84 9.99 6.80
C ALA A 79 -1.50 9.37 8.13
N ALA A 80 -0.55 8.41 8.15
CA ALA A 80 -0.12 7.77 9.37
C ALA A 80 1.25 7.16 9.14
N LEU A 81 2.02 6.94 10.24
CA LEU A 81 3.27 6.20 10.18
C LEU A 81 3.02 4.73 10.44
N LEU A 82 3.35 3.84 9.47
CA LEU A 82 3.20 2.43 9.68
C LEU A 82 4.41 1.83 10.34
N HIS A 83 4.12 1.01 11.37
CA HIS A 83 5.06 0.34 12.22
C HIS A 83 4.73 -1.15 12.09
N ASP A 84 5.68 -2.03 12.47
CA ASP A 84 5.60 -3.45 12.21
C ASP A 84 4.40 -4.08 12.89
N GLY A 85 3.58 -4.77 12.08
CA GLY A 85 2.38 -5.44 12.53
C GLY A 85 1.11 -4.62 12.43
N ASP A 86 1.15 -3.37 11.90
CA ASP A 86 -0.07 -2.64 11.61
C ASP A 86 -0.87 -3.28 10.48
N VAL A 87 -2.22 -3.22 10.60
CA VAL A 87 -3.14 -3.84 9.66
C VAL A 87 -3.90 -2.71 8.97
N VAL A 88 -3.91 -2.71 7.63
CA VAL A 88 -4.46 -1.65 6.82
C VAL A 88 -5.58 -2.26 6.01
N THR A 89 -6.77 -1.62 5.94
CA THR A 89 -7.88 -2.14 5.13
C THR A 89 -8.05 -1.23 3.93
N ILE A 90 -7.85 -1.78 2.71
CA ILE A 90 -8.08 -1.11 1.44
C ILE A 90 -9.02 -1.98 0.65
N GLY A 91 -10.21 -1.47 0.23
CA GLY A 91 -11.10 -2.19 -0.67
C GLY A 91 -11.70 -3.45 -0.08
N ASN A 92 -11.83 -3.49 1.27
CA ASN A 92 -12.15 -4.64 2.10
C ASN A 92 -11.11 -5.76 2.02
N ILE A 93 -9.83 -5.44 1.67
CA ILE A 93 -8.72 -6.37 1.66
C ILE A 93 -7.83 -5.98 2.81
N ASP A 94 -7.47 -6.95 3.69
CA ASP A 94 -6.60 -6.70 4.82
C ASP A 94 -5.14 -6.79 4.40
N LEU A 95 -4.40 -5.69 4.55
CA LEU A 95 -2.98 -5.58 4.34
C LEU A 95 -2.27 -5.56 5.67
N VAL A 96 -1.11 -6.25 5.76
CA VAL A 96 -0.28 -6.29 6.95
C VAL A 96 1.09 -5.74 6.59
N PHE A 97 1.65 -4.88 7.48
CA PHE A 97 2.90 -4.18 7.25
C PHE A 97 4.03 -4.85 8.03
N ALA A 98 5.10 -5.28 7.33
CA ALA A 98 6.28 -5.79 7.99
C ALA A 98 7.54 -5.36 7.24
N ASP A 99 8.48 -4.70 7.94
CA ASP A 99 9.81 -4.31 7.47
C ASP A 99 9.81 -3.56 6.14
N GLY A 100 8.87 -2.61 5.95
CA GLY A 100 8.74 -1.83 4.72
C GLY A 100 7.97 -2.52 3.62
N THR A 101 7.51 -3.76 3.85
CA THR A 101 6.85 -4.59 2.84
C THR A 101 5.40 -4.76 3.24
N LEU A 102 4.51 -4.62 2.25
CA LEU A 102 3.08 -4.80 2.39
C LEU A 102 2.72 -6.18 1.85
N ALA A 103 1.94 -6.95 2.63
CA ALA A 103 1.47 -8.25 2.21
C ALA A 103 0.00 -8.35 2.55
N ARG A 104 -0.79 -9.13 1.79
CA ARG A 104 -2.18 -9.38 2.10
C ARG A 104 -2.28 -10.42 3.21
N ARG A 105 -3.15 -10.16 4.22
CA ARG A 105 -3.31 -11.02 5.37
C ARG A 105 -4.39 -12.05 5.07
N GLU A 106 -4.06 -13.35 5.22
CA GLU A 106 -4.92 -14.44 4.82
C GLU A 106 -5.57 -15.08 6.02
N GLU A 107 -6.86 -15.49 5.90
CA GLU A 107 -7.58 -16.27 6.89
C GLU A 107 -7.07 -17.69 6.94
N ASN A 108 -6.73 -18.12 5.74
CA ASN A 108 -6.52 -19.47 5.27
C ASN A 108 -5.35 -20.22 5.98
N GLY A 1 14.21 -33.34 16.10
CA GLY A 1 15.66 -33.18 16.47
C GLY A 1 15.76 -32.99 17.95
N HIS A 2 16.51 -31.97 18.41
CA HIS A 2 16.37 -31.45 19.77
C HIS A 2 15.03 -30.76 19.97
N MET A 3 14.58 -29.96 18.97
CA MET A 3 13.21 -29.52 18.83
C MET A 3 12.39 -30.57 18.10
N TRP A 4 11.09 -30.67 18.45
CA TRP A 4 10.17 -31.64 17.92
C TRP A 4 8.78 -31.05 17.85
N ASN A 5 7.91 -31.63 16.98
CA ASN A 5 6.54 -31.22 16.84
C ASN A 5 5.80 -32.50 16.49
N LEU A 6 4.56 -32.69 17.03
CA LEU A 6 3.71 -33.80 16.66
C LEU A 6 2.48 -33.26 16.00
N ALA A 7 2.05 -33.91 14.88
CA ALA A 7 0.89 -33.52 14.12
C ALA A 7 0.43 -34.76 13.40
N THR A 8 -0.80 -34.75 12.85
CA THR A 8 -1.33 -35.89 12.12
C THR A 8 -1.41 -35.49 10.66
N SER A 9 -0.81 -36.29 9.75
CA SER A 9 -0.82 -36.05 8.32
C SER A 9 -2.19 -36.21 7.70
N MET A 10 -2.50 -35.41 6.67
CA MET A 10 -3.74 -35.48 5.93
C MET A 10 -3.39 -35.89 4.51
N MET A 11 -4.12 -36.89 3.95
CA MET A 11 -3.80 -37.51 2.68
C MET A 11 -3.89 -36.58 1.47
N LYS A 12 -4.95 -35.75 1.40
CA LYS A 12 -5.11 -34.76 0.36
C LYS A 12 -5.44 -33.46 1.06
N ILE A 13 -4.70 -32.37 0.75
CA ILE A 13 -4.89 -31.08 1.38
C ILE A 13 -5.44 -30.15 0.32
N LEU A 14 -6.63 -29.56 0.58
CA LEU A 14 -7.35 -28.68 -0.34
C LEU A 14 -6.61 -27.37 -0.63
N ARG A 15 -6.04 -26.75 0.43
CA ARG A 15 -5.40 -25.44 0.46
C ARG A 15 -6.43 -24.30 0.37
N PRO A 16 -6.12 -23.04 0.73
CA PRO A 16 -7.01 -21.92 0.47
C PRO A 16 -7.05 -21.52 -1.01
N GLY A 17 -6.11 -22.03 -1.84
CA GLY A 17 -6.06 -21.73 -3.27
C GLY A 17 -5.35 -20.44 -3.59
N ARG A 18 -4.76 -19.80 -2.57
CA ARG A 18 -4.13 -18.51 -2.66
C ARG A 18 -2.75 -18.65 -2.07
N LEU A 19 -1.72 -18.36 -2.89
CA LEU A 19 -0.33 -18.33 -2.52
C LEU A 19 0.24 -17.09 -3.17
N THR A 20 1.20 -16.41 -2.52
CA THR A 20 1.84 -15.22 -3.05
C THR A 20 3.34 -15.44 -3.05
N GLY A 21 4.06 -14.78 -3.98
CA GLY A 21 5.50 -14.88 -4.12
C GLY A 21 6.09 -13.59 -4.59
N GLU A 22 5.44 -12.48 -4.22
CA GLU A 22 5.77 -11.14 -4.59
C GLU A 22 5.94 -10.33 -3.32
N LEU A 23 6.83 -9.32 -3.35
CA LEU A 23 7.11 -8.51 -2.19
C LEU A 23 7.36 -7.08 -2.67
N PRO A 24 7.16 -6.03 -1.89
CA PRO A 24 7.32 -4.66 -2.36
C PRO A 24 8.80 -4.25 -2.47
N PRO A 25 9.19 -3.31 -3.32
CA PRO A 25 10.57 -2.81 -3.39
C PRO A 25 10.90 -1.85 -2.25
N GLY A 26 9.89 -1.37 -1.49
CA GLY A 26 10.06 -0.42 -0.40
C GLY A 26 9.00 0.64 -0.49
N ALA A 27 9.11 1.57 -1.47
CA ALA A 27 8.09 2.55 -1.74
C ALA A 27 7.03 1.94 -2.65
N VAL A 28 5.74 2.04 -2.27
CA VAL A 28 4.67 1.37 -2.98
C VAL A 28 3.61 2.37 -3.34
N ARG A 29 3.30 2.54 -4.65
CA ARG A 29 2.10 3.23 -5.04
C ARG A 29 1.01 2.18 -5.23
N ILE A 30 -0.07 2.28 -4.42
CA ILE A 30 -1.17 1.32 -4.41
C ILE A 30 -2.34 1.82 -5.28
N GLY A 31 -2.89 0.95 -6.16
CA GLY A 31 -4.09 1.30 -6.88
C GLY A 31 -4.73 0.15 -7.60
N ARG A 32 -5.63 0.45 -8.55
CA ARG A 32 -6.28 -0.49 -9.45
C ARG A 32 -5.59 -0.53 -10.81
N ALA A 33 -4.69 0.43 -11.11
CA ALA A 33 -3.99 0.44 -12.37
C ALA A 33 -2.52 0.12 -12.26
N ASN A 34 -1.99 -0.55 -13.31
CA ASN A 34 -0.64 -1.12 -13.35
C ASN A 34 0.35 -0.06 -13.81
N ASP A 35 -0.02 1.22 -13.60
CA ASP A 35 0.79 2.39 -13.78
C ASP A 35 1.44 2.80 -12.48
N ASN A 36 1.09 2.13 -11.35
CA ASN A 36 1.56 2.52 -10.05
C ASN A 36 2.73 1.63 -9.69
N ASP A 37 2.60 0.75 -8.66
CA ASP A 37 3.58 -0.27 -8.40
C ASP A 37 2.89 -1.61 -8.16
N ILE A 38 1.83 -1.59 -7.34
CA ILE A 38 1.15 -2.78 -6.87
C ILE A 38 -0.33 -2.56 -7.03
N VAL A 39 -1.02 -3.54 -7.65
CA VAL A 39 -2.38 -3.38 -8.09
C VAL A 39 -3.30 -4.38 -7.42
N ILE A 40 -4.42 -3.90 -6.84
CA ILE A 40 -5.37 -4.74 -6.14
C ILE A 40 -6.53 -4.97 -7.11
N PRO A 41 -6.91 -6.18 -7.52
CA PRO A 41 -8.04 -6.39 -8.43
C PRO A 41 -9.39 -6.23 -7.71
N GLU A 42 -9.71 -5.02 -7.25
CA GLU A 42 -10.93 -4.66 -6.57
C GLU A 42 -11.76 -3.60 -7.25
N VAL A 43 -13.09 -3.77 -7.14
CA VAL A 43 -14.13 -2.81 -7.52
C VAL A 43 -13.98 -1.56 -6.66
N LEU A 44 -13.67 -1.76 -5.36
CA LEU A 44 -13.53 -0.69 -4.40
C LEU A 44 -12.17 0.03 -4.50
N ALA A 45 -11.24 -0.44 -5.35
CA ALA A 45 -9.96 0.21 -5.52
C ALA A 45 -10.04 1.30 -6.59
N SER A 46 -9.55 2.51 -6.27
CA SER A 46 -9.42 3.60 -7.22
C SER A 46 -8.15 3.42 -8.05
N ARG A 47 -8.00 4.16 -9.19
CA ARG A 47 -6.88 3.99 -10.10
C ARG A 47 -5.54 4.26 -9.44
N HIS A 48 -5.46 5.33 -8.61
CA HIS A 48 -4.51 5.44 -7.53
C HIS A 48 -5.32 5.59 -6.24
N HIS A 49 -5.04 4.75 -5.23
CA HIS A 49 -5.91 4.66 -4.05
C HIS A 49 -5.16 5.15 -2.84
N ALA A 50 -3.90 4.71 -2.70
CA ALA A 50 -3.08 5.04 -1.56
C ALA A 50 -1.64 4.96 -1.96
N THR A 51 -0.73 5.63 -1.24
CA THR A 51 0.68 5.55 -1.46
C THR A 51 1.37 5.22 -0.17
N LEU A 52 2.40 4.37 -0.26
CA LEU A 52 3.40 4.19 0.78
C LEU A 52 4.68 4.91 0.38
N VAL A 53 5.20 5.81 1.26
CA VAL A 53 6.46 6.49 1.03
C VAL A 53 7.36 6.38 2.26
N PRO A 54 8.67 6.15 2.14
CA PRO A 54 9.58 6.16 3.29
C PRO A 54 9.84 7.56 3.78
N THR A 55 10.18 7.73 5.09
CA THR A 55 10.45 9.03 5.67
C THR A 55 11.75 8.85 6.44
N PRO A 56 12.49 9.86 6.92
CA PRO A 56 13.66 9.62 7.76
C PRO A 56 13.32 9.07 9.14
N GLY A 57 12.04 9.11 9.58
CA GLY A 57 11.64 8.61 10.88
C GLY A 57 10.77 7.38 10.83
N GLY A 58 10.59 6.76 9.64
CA GLY A 58 9.68 5.64 9.50
C GLY A 58 9.16 5.53 8.09
N THR A 59 7.92 5.03 7.94
CA THR A 59 7.22 5.00 6.65
C THR A 59 5.86 5.59 6.83
N GLU A 60 5.49 6.56 5.98
CA GLU A 60 4.15 7.07 5.90
C GLU A 60 3.32 6.32 4.90
N ILE A 61 2.03 6.18 5.27
CA ILE A 61 1.00 5.75 4.35
C ILE A 61 0.17 7.00 4.13
N ARG A 62 -0.15 7.32 2.85
CA ARG A 62 -0.92 8.48 2.49
C ARG A 62 -2.10 8.02 1.66
N ASP A 63 -3.32 8.43 2.06
CA ASP A 63 -4.54 7.79 1.66
C ASP A 63 -5.52 8.73 0.99
N ASN A 64 -6.28 8.24 -0.02
CA ASN A 64 -7.46 8.92 -0.52
C ASN A 64 -8.63 8.44 0.31
N ARG A 65 -8.81 9.08 1.47
CA ARG A 65 -9.90 8.86 2.41
C ARG A 65 -11.28 9.24 1.87
N SER A 66 -11.30 10.12 0.85
CA SER A 66 -12.47 10.91 0.46
C SER A 66 -13.66 10.12 -0.06
N ILE A 67 -13.44 9.13 -0.96
CA ILE A 67 -14.56 8.51 -1.68
C ILE A 67 -14.85 7.12 -1.15
N ASN A 68 -13.87 6.19 -1.20
CA ASN A 68 -14.06 4.82 -0.76
C ASN A 68 -13.43 4.60 0.60
N GLY A 69 -12.24 5.19 0.84
CA GLY A 69 -11.58 5.19 2.14
C GLY A 69 -10.50 4.15 2.27
N THR A 70 -9.52 4.44 3.15
CA THR A 70 -8.50 3.50 3.59
C THR A 70 -8.54 3.56 5.09
N PHE A 71 -8.57 2.39 5.77
CA PHE A 71 -8.64 2.34 7.22
C PHE A 71 -7.33 1.80 7.74
N VAL A 72 -6.75 2.41 8.79
CA VAL A 72 -5.56 1.90 9.46
C VAL A 72 -6.02 1.56 10.86
N ASN A 73 -5.89 0.28 11.27
CA ASN A 73 -6.30 -0.27 12.56
C ASN A 73 -7.76 0.01 12.91
N GLY A 74 -8.65 0.06 11.87
CA GLY A 74 -10.07 0.35 12.03
C GLY A 74 -10.46 1.80 11.91
N ALA A 75 -9.51 2.74 11.78
CA ALA A 75 -9.78 4.16 11.72
C ALA A 75 -9.35 4.67 10.36
N ARG A 76 -10.22 5.43 9.65
CA ARG A 76 -9.77 6.06 8.43
C ARG A 76 -8.97 7.33 8.70
N VAL A 77 -7.87 7.46 7.94
CA VAL A 77 -6.88 8.51 8.09
C VAL A 77 -6.50 9.05 6.73
N ASP A 78 -5.98 10.30 6.67
CA ASP A 78 -5.40 10.87 5.46
C ASP A 78 -3.95 10.49 5.31
N ALA A 79 -3.21 10.54 6.43
CA ALA A 79 -1.83 10.15 6.54
C ALA A 79 -1.64 9.57 7.91
N ALA A 80 -0.68 8.63 8.06
CA ALA A 80 -0.37 8.02 9.32
C ALA A 80 1.02 7.50 9.16
N LEU A 81 1.75 7.29 10.27
CA LEU A 81 3.12 6.81 10.21
C LEU A 81 3.03 5.36 10.65
N LEU A 82 3.40 4.41 9.77
CA LEU A 82 3.22 3.00 10.05
C LEU A 82 4.32 2.42 10.90
N HIS A 83 3.88 1.69 11.93
CA HIS A 83 4.68 1.07 12.96
C HIS A 83 4.35 -0.41 12.94
N ASP A 84 5.22 -1.25 13.55
CA ASP A 84 5.19 -2.70 13.42
C ASP A 84 3.91 -3.28 13.98
N GLY A 85 3.22 -4.05 13.12
CA GLY A 85 1.98 -4.73 13.45
C GLY A 85 0.74 -3.94 13.11
N ASP A 86 0.84 -2.74 12.48
CA ASP A 86 -0.33 -2.03 12.00
C ASP A 86 -0.99 -2.77 10.85
N VAL A 87 -2.34 -2.77 10.83
CA VAL A 87 -3.14 -3.44 9.82
C VAL A 87 -3.89 -2.36 9.07
N VAL A 88 -3.77 -2.37 7.73
CA VAL A 88 -4.34 -1.38 6.84
C VAL A 88 -5.38 -2.09 6.00
N THR A 89 -6.62 -1.58 5.91
CA THR A 89 -7.67 -2.21 5.11
C THR A 89 -7.92 -1.33 3.89
N ILE A 90 -7.70 -1.88 2.67
CA ILE A 90 -7.98 -1.24 1.39
C ILE A 90 -8.85 -2.18 0.60
N GLY A 91 -10.06 -1.76 0.18
CA GLY A 91 -10.92 -2.55 -0.70
C GLY A 91 -11.35 -3.89 -0.16
N ASN A 92 -11.50 -3.99 1.19
CA ASN A 92 -11.65 -5.20 1.99
C ASN A 92 -10.47 -6.16 1.92
N ILE A 93 -9.26 -5.67 1.56
CA ILE A 93 -8.02 -6.43 1.53
C ILE A 93 -7.17 -5.89 2.66
N ASP A 94 -6.65 -6.78 3.54
CA ASP A 94 -5.86 -6.37 4.67
C ASP A 94 -4.37 -6.42 4.35
N LEU A 95 -3.67 -5.28 4.57
CA LEU A 95 -2.22 -5.15 4.50
C LEU A 95 -1.68 -5.05 5.90
N VAL A 96 -0.57 -5.77 6.19
CA VAL A 96 0.04 -5.79 7.51
C VAL A 96 1.49 -5.34 7.38
N PHE A 97 1.93 -4.44 8.30
CA PHE A 97 3.22 -3.78 8.21
C PHE A 97 4.20 -4.38 9.21
N ALA A 98 5.38 -4.85 8.73
CA ALA A 98 6.44 -5.29 9.62
C ALA A 98 7.80 -4.97 9.02
N ASP A 99 8.69 -4.33 9.83
CA ASP A 99 10.09 -4.08 9.51
C ASP A 99 10.34 -3.26 8.24
N GLY A 100 9.37 -2.40 7.84
CA GLY A 100 9.45 -1.64 6.60
C GLY A 100 8.80 -2.31 5.42
N THR A 101 8.31 -3.56 5.60
CA THR A 101 7.77 -4.37 4.53
C THR A 101 6.29 -4.55 4.79
N LEU A 102 5.46 -4.42 3.73
CA LEU A 102 4.05 -4.73 3.78
C LEU A 102 3.81 -6.10 3.20
N ALA A 103 2.96 -6.90 3.86
CA ALA A 103 2.49 -8.17 3.37
C ALA A 103 0.98 -8.14 3.32
N ARG A 104 0.37 -8.91 2.40
CA ARG A 104 -1.06 -9.05 2.28
C ARG A 104 -1.52 -10.15 3.23
N ARG A 105 -2.54 -9.86 4.07
CA ARG A 105 -2.96 -10.74 5.14
C ARG A 105 -4.34 -11.29 4.82
N GLU A 106 -4.51 -12.62 4.93
CA GLU A 106 -5.77 -13.28 4.71
C GLU A 106 -6.82 -13.02 5.78
N GLU A 107 -8.10 -12.95 5.35
CA GLU A 107 -9.22 -13.28 6.20
C GLU A 107 -9.89 -14.45 5.52
N ASN A 108 -9.92 -15.62 6.20
CA ASN A 108 -10.59 -16.82 5.69
C ASN A 108 -12.04 -16.93 6.28
N GLY A 1 -18.27 5.31 -1.62
CA GLY A 1 -19.30 4.40 -1.03
C GLY A 1 -19.51 3.25 -1.98
N HIS A 2 -19.28 2.01 -1.52
CA HIS A 2 -19.26 0.84 -2.37
C HIS A 2 -20.63 0.24 -2.64
N MET A 3 -20.70 -0.64 -3.66
CA MET A 3 -21.84 -1.52 -3.90
C MET A 3 -21.83 -2.64 -2.88
N TRP A 4 -23.02 -3.20 -2.54
CA TRP A 4 -23.09 -4.32 -1.61
C TRP A 4 -22.94 -5.62 -2.39
N ASN A 5 -22.07 -6.53 -1.89
CA ASN A 5 -21.74 -7.78 -2.54
C ASN A 5 -22.54 -8.96 -2.01
N LEU A 6 -23.54 -8.72 -1.12
CA LEU A 6 -24.26 -9.77 -0.45
C LEU A 6 -25.55 -10.03 -1.21
N ALA A 7 -25.71 -11.28 -1.69
CA ALA A 7 -26.88 -11.74 -2.40
C ALA A 7 -26.83 -13.25 -2.28
N THR A 8 -27.93 -13.95 -2.59
CA THR A 8 -28.00 -15.42 -2.49
C THR A 8 -27.01 -16.09 -3.44
N SER A 9 -26.94 -15.62 -4.71
CA SER A 9 -26.06 -16.17 -5.73
C SER A 9 -24.80 -15.34 -5.86
N MET A 10 -24.17 -14.92 -4.74
CA MET A 10 -22.98 -14.10 -4.76
C MET A 10 -21.72 -14.86 -5.16
N MET A 11 -20.74 -14.12 -5.74
CA MET A 11 -19.47 -14.64 -6.18
C MET A 11 -18.40 -13.72 -5.61
N LYS A 12 -17.18 -14.25 -5.34
CA LYS A 12 -16.08 -13.45 -4.87
C LYS A 12 -14.81 -13.99 -5.49
N ILE A 13 -13.76 -13.13 -5.57
CA ILE A 13 -12.53 -13.36 -6.32
C ILE A 13 -11.66 -14.51 -5.80
N LEU A 14 -11.63 -14.72 -4.46
CA LEU A 14 -10.89 -15.74 -3.71
C LEU A 14 -9.39 -15.55 -3.69
N ARG A 15 -8.75 -15.28 -4.84
CA ARG A 15 -7.31 -15.10 -4.96
C ARG A 15 -6.99 -13.64 -5.21
N PRO A 16 -5.87 -13.06 -4.76
CA PRO A 16 -5.52 -11.68 -5.08
C PRO A 16 -5.02 -11.53 -6.52
N GLY A 17 -4.74 -12.64 -7.23
CA GLY A 17 -4.27 -12.64 -8.60
C GLY A 17 -2.77 -12.57 -8.73
N ARG A 18 -2.07 -12.43 -7.58
CA ARG A 18 -0.65 -12.23 -7.50
C ARG A 18 -0.11 -13.18 -6.47
N LEU A 19 0.87 -14.00 -6.88
CA LEU A 19 1.58 -14.95 -6.07
C LEU A 19 2.64 -14.31 -5.18
N THR A 20 3.12 -15.07 -4.16
CA THR A 20 4.20 -14.64 -3.28
C THR A 20 5.56 -14.79 -3.96
N GLY A 21 6.62 -14.21 -3.37
CA GLY A 21 7.97 -14.24 -3.93
C GLY A 21 8.30 -13.05 -4.77
N GLU A 22 7.43 -12.02 -4.78
CA GLU A 22 7.68 -10.73 -5.37
C GLU A 22 7.75 -9.75 -4.22
N LEU A 23 8.75 -8.85 -4.25
CA LEU A 23 9.06 -8.00 -3.12
C LEU A 23 9.15 -6.57 -3.64
N PRO A 24 8.45 -5.56 -3.13
CA PRO A 24 8.61 -4.18 -3.59
C PRO A 24 9.91 -3.56 -3.07
N PRO A 25 10.46 -2.50 -3.68
CA PRO A 25 11.75 -1.92 -3.28
C PRO A 25 11.69 -1.13 -1.98
N GLY A 26 10.48 -0.80 -1.48
CA GLY A 26 10.31 -0.04 -0.26
C GLY A 26 9.21 0.97 -0.43
N ALA A 27 9.29 1.79 -1.49
CA ALA A 27 8.22 2.69 -1.87
C ALA A 27 7.17 1.94 -2.69
N VAL A 28 5.88 2.09 -2.33
CA VAL A 28 4.79 1.43 -3.03
C VAL A 28 3.72 2.43 -3.35
N ARG A 29 3.43 2.68 -4.64
CA ARG A 29 2.16 3.27 -5.00
C ARG A 29 1.10 2.18 -5.07
N ILE A 30 -0.03 2.36 -4.35
CA ILE A 30 -1.15 1.42 -4.34
C ILE A 30 -2.31 1.93 -5.22
N GLY A 31 -2.86 1.07 -6.12
CA GLY A 31 -4.05 1.46 -6.86
C GLY A 31 -4.70 0.36 -7.67
N ARG A 32 -5.45 0.75 -8.73
CA ARG A 32 -6.19 -0.14 -9.61
C ARG A 32 -5.49 -0.31 -10.95
N ALA A 33 -4.67 0.66 -11.39
CA ALA A 33 -3.96 0.52 -12.65
C ALA A 33 -2.50 0.21 -12.47
N ASN A 34 -1.93 -0.48 -13.48
CA ASN A 34 -0.60 -1.05 -13.47
C ASN A 34 0.48 -0.03 -13.81
N ASP A 35 0.13 1.25 -13.58
CA ASP A 35 1.00 2.40 -13.53
C ASP A 35 1.61 2.47 -12.15
N ASN A 36 0.93 1.87 -11.15
CA ASN A 36 1.38 1.87 -9.81
C ASN A 36 2.26 0.64 -9.66
N ASP A 37 2.99 0.56 -8.54
CA ASP A 37 3.79 -0.59 -8.18
C ASP A 37 2.96 -1.84 -7.94
N ILE A 38 1.82 -1.66 -7.23
CA ILE A 38 1.02 -2.76 -6.70
C ILE A 38 -0.43 -2.44 -6.96
N VAL A 39 -1.16 -3.42 -7.56
CA VAL A 39 -2.50 -3.20 -8.04
C VAL A 39 -3.46 -4.18 -7.40
N ILE A 40 -4.60 -3.66 -6.89
CA ILE A 40 -5.59 -4.49 -6.22
C ILE A 40 -6.71 -4.69 -7.24
N PRO A 41 -7.11 -5.91 -7.65
CA PRO A 41 -8.25 -6.11 -8.56
C PRO A 41 -9.59 -5.94 -7.85
N GLU A 42 -9.87 -4.73 -7.34
CA GLU A 42 -11.11 -4.35 -6.70
C GLU A 42 -11.76 -3.18 -7.37
N VAL A 43 -13.10 -3.25 -7.52
CA VAL A 43 -13.94 -2.13 -7.92
C VAL A 43 -13.99 -1.06 -6.83
N LEU A 44 -13.72 -1.45 -5.57
CA LEU A 44 -13.52 -0.54 -4.46
C LEU A 44 -12.26 0.28 -4.54
N ALA A 45 -11.22 -0.19 -5.28
CA ALA A 45 -9.97 0.50 -5.37
C ALA A 45 -10.06 1.66 -6.34
N SER A 46 -9.51 2.83 -5.96
CA SER A 46 -9.31 3.97 -6.84
C SER A 46 -8.10 3.75 -7.74
N ARG A 47 -7.97 4.52 -8.85
CA ARG A 47 -6.89 4.36 -9.82
C ARG A 47 -5.52 4.55 -9.20
N HIS A 48 -5.36 5.61 -8.38
CA HIS A 48 -4.32 5.71 -7.37
C HIS A 48 -5.10 5.84 -6.09
N HIS A 49 -4.92 4.91 -5.12
CA HIS A 49 -5.79 4.86 -3.95
C HIS A 49 -5.03 5.35 -2.74
N ALA A 50 -3.78 4.86 -2.60
CA ALA A 50 -2.96 5.18 -1.47
C ALA A 50 -1.52 5.06 -1.90
N THR A 51 -0.60 5.73 -1.19
CA THR A 51 0.80 5.62 -1.45
C THR A 51 1.52 5.30 -0.18
N LEU A 52 2.51 4.42 -0.30
CA LEU A 52 3.58 4.26 0.67
C LEU A 52 4.82 4.98 0.21
N VAL A 53 5.39 5.88 1.05
CA VAL A 53 6.66 6.49 0.79
C VAL A 53 7.54 6.38 2.03
N PRO A 54 8.87 6.18 1.93
CA PRO A 54 9.79 6.30 3.06
C PRO A 54 9.96 7.76 3.43
N THR A 55 10.23 8.05 4.72
CA THR A 55 10.32 9.42 5.20
C THR A 55 11.57 9.49 6.08
N PRO A 56 12.08 10.65 6.49
CA PRO A 56 13.16 10.73 7.47
C PRO A 56 12.84 10.17 8.85
N GLY A 57 11.55 10.04 9.23
CA GLY A 57 11.14 9.59 10.56
C GLY A 57 10.44 8.25 10.59
N GLY A 58 10.43 7.49 9.47
CA GLY A 58 9.69 6.25 9.39
C GLY A 58 9.14 6.09 8.00
N THR A 59 8.06 5.32 7.83
CA THR A 59 7.37 5.16 6.54
C THR A 59 5.95 5.60 6.74
N GLU A 60 5.49 6.50 5.86
CA GLU A 60 4.10 6.93 5.82
C GLU A 60 3.25 6.09 4.90
N ILE A 61 1.99 5.90 5.34
CA ILE A 61 0.88 5.54 4.48
C ILE A 61 0.14 6.82 4.26
N ARG A 62 -0.15 7.18 2.99
CA ARG A 62 -0.88 8.40 2.66
C ARG A 62 -2.07 7.98 1.82
N ASP A 63 -3.28 8.46 2.18
CA ASP A 63 -4.53 7.90 1.73
C ASP A 63 -5.44 8.92 1.04
N ASN A 64 -6.10 8.52 -0.08
CA ASN A 64 -7.23 9.25 -0.63
C ASN A 64 -8.50 8.73 0.02
N ARG A 65 -8.72 9.08 1.31
CA ARG A 65 -9.75 8.49 2.17
C ARG A 65 -11.18 8.86 1.82
N SER A 66 -11.33 9.84 0.91
CA SER A 66 -12.55 10.61 0.68
C SER A 66 -13.76 9.80 0.22
N ILE A 67 -13.59 8.88 -0.76
CA ILE A 67 -14.75 8.31 -1.45
C ILE A 67 -15.14 6.98 -0.83
N ASN A 68 -14.18 6.04 -0.67
CA ASN A 68 -14.42 4.74 -0.05
C ASN A 68 -13.68 4.62 1.26
N GLY A 69 -12.40 5.05 1.30
CA GLY A 69 -11.62 5.10 2.53
C GLY A 69 -10.53 4.07 2.60
N THR A 70 -9.47 4.42 3.35
CA THR A 70 -8.42 3.50 3.79
C THR A 70 -8.48 3.56 5.29
N PHE A 71 -8.54 2.38 5.96
CA PHE A 71 -8.62 2.34 7.40
C PHE A 71 -7.32 1.73 7.92
N VAL A 72 -6.73 2.31 8.98
CA VAL A 72 -5.58 1.71 9.65
C VAL A 72 -6.07 1.39 11.04
N ASN A 73 -5.99 0.10 11.46
CA ASN A 73 -6.44 -0.38 12.75
C ASN A 73 -7.91 -0.10 13.06
N GLY A 74 -8.76 0.02 12.00
CA GLY A 74 -10.18 0.34 12.13
C GLY A 74 -10.52 1.81 12.03
N ALA A 75 -9.53 2.73 11.96
CA ALA A 75 -9.75 4.15 11.89
C ALA A 75 -9.29 4.65 10.54
N ARG A 76 -10.13 5.42 9.80
CA ARG A 76 -9.64 6.05 8.60
C ARG A 76 -8.85 7.31 8.89
N VAL A 77 -7.73 7.45 8.15
CA VAL A 77 -6.76 8.51 8.32
C VAL A 77 -6.36 9.05 6.95
N ASP A 78 -5.88 10.32 6.89
CA ASP A 78 -5.31 10.90 5.69
C ASP A 78 -3.88 10.42 5.52
N ALA A 79 -3.12 10.43 6.64
CA ALA A 79 -1.74 10.00 6.65
C ALA A 79 -1.43 9.46 8.03
N ALA A 80 -0.50 8.49 8.11
CA ALA A 80 -0.06 7.93 9.37
C ALA A 80 1.29 7.29 9.18
N LEU A 81 2.06 7.10 10.28
CA LEU A 81 3.31 6.36 10.25
C LEU A 81 3.05 4.90 10.53
N LEU A 82 3.41 4.00 9.61
CA LEU A 82 3.24 2.58 9.83
C LEU A 82 4.37 1.99 10.64
N HIS A 83 3.96 1.27 11.69
CA HIS A 83 4.79 0.60 12.66
C HIS A 83 4.51 -0.88 12.55
N ASP A 84 5.42 -1.74 13.06
CA ASP A 84 5.37 -3.18 12.85
C ASP A 84 4.14 -3.80 13.46
N GLY A 85 3.39 -4.52 12.61
CA GLY A 85 2.15 -5.19 12.97
C GLY A 85 0.91 -4.37 12.76
N ASP A 86 1.01 -3.13 12.18
CA ASP A 86 -0.16 -2.37 11.82
C ASP A 86 -0.92 -3.03 10.67
N VAL A 87 -2.26 -3.03 10.75
CA VAL A 87 -3.14 -3.64 9.78
C VAL A 87 -3.91 -2.54 9.10
N VAL A 88 -3.86 -2.52 7.75
CA VAL A 88 -4.38 -1.47 6.90
C VAL A 88 -5.45 -2.11 6.03
N THR A 89 -6.66 -1.54 5.94
CA THR A 89 -7.74 -2.12 5.13
C THR A 89 -7.95 -1.21 3.93
N ILE A 90 -7.75 -1.76 2.70
CA ILE A 90 -7.99 -1.09 1.44
C ILE A 90 -8.86 -1.99 0.59
N GLY A 91 -10.05 -1.52 0.12
CA GLY A 91 -10.86 -2.28 -0.84
C GLY A 91 -11.41 -3.59 -0.31
N ASN A 92 -11.58 -3.68 1.03
CA ASN A 92 -11.85 -4.90 1.80
C ASN A 92 -10.73 -5.94 1.72
N ILE A 93 -9.47 -5.49 1.43
CA ILE A 93 -8.29 -6.33 1.44
C ILE A 93 -7.47 -5.87 2.64
N ASP A 94 -7.08 -6.80 3.53
CA ASP A 94 -6.30 -6.46 4.70
C ASP A 94 -4.81 -6.56 4.37
N LEU A 95 -4.08 -5.45 4.55
CA LEU A 95 -2.63 -5.33 4.42
C LEU A 95 -2.02 -5.30 5.80
N VAL A 96 -0.88 -6.00 5.97
CA VAL A 96 -0.14 -6.03 7.22
C VAL A 96 1.27 -5.53 6.97
N PHE A 97 1.79 -4.66 7.87
CA PHE A 97 3.09 -4.02 7.72
C PHE A 97 4.11 -4.71 8.62
N ALA A 98 5.22 -5.20 8.04
CA ALA A 98 6.31 -5.74 8.83
C ALA A 98 7.65 -5.42 8.19
N ASP A 99 8.58 -4.82 8.96
CA ASP A 99 9.98 -4.57 8.60
C ASP A 99 10.18 -3.73 7.34
N GLY A 100 9.21 -2.85 7.01
CA GLY A 100 9.23 -2.04 5.79
C GLY A 100 8.50 -2.67 4.63
N THR A 101 8.01 -3.93 4.79
CA THR A 101 7.40 -4.70 3.72
C THR A 101 5.91 -4.79 3.99
N LEU A 102 5.11 -4.59 2.92
CA LEU A 102 3.67 -4.74 2.94
C LEU A 102 3.33 -6.10 2.41
N ALA A 103 2.44 -6.84 3.13
CA ALA A 103 1.96 -8.14 2.70
C ALA A 103 0.47 -8.19 2.90
N ARG A 104 -0.26 -9.00 2.10
CA ARG A 104 -1.67 -9.24 2.31
C ARG A 104 -1.85 -10.22 3.45
N ARG A 105 -2.83 -9.94 4.35
CA ARG A 105 -3.07 -10.77 5.51
C ARG A 105 -3.96 -11.94 5.14
N GLU A 106 -3.54 -13.18 5.48
CA GLU A 106 -4.26 -14.38 5.13
C GLU A 106 -4.23 -15.30 6.34
N GLU A 107 -5.36 -15.98 6.64
CA GLU A 107 -5.39 -17.00 7.66
C GLU A 107 -5.04 -18.31 6.97
N ASN A 108 -3.72 -18.60 6.87
CA ASN A 108 -3.25 -19.76 6.15
C ASN A 108 -3.23 -21.04 7.05
N GLY A 1 17.71 7.70 20.68
CA GLY A 1 18.17 7.74 19.25
C GLY A 1 17.38 6.79 18.41
N HIS A 2 17.82 6.53 17.16
CA HIS A 2 17.15 5.63 16.25
C HIS A 2 18.19 5.06 15.32
N MET A 3 17.82 4.03 14.54
CA MET A 3 18.66 3.47 13.50
C MET A 3 18.70 4.38 12.28
N TRP A 4 19.81 4.36 11.52
CA TRP A 4 19.95 5.11 10.29
C TRP A 4 19.22 4.45 9.14
N ASN A 5 18.86 5.24 8.10
CA ASN A 5 18.05 4.74 7.01
C ASN A 5 18.31 5.57 5.76
N LEU A 6 17.71 5.18 4.62
CA LEU A 6 17.68 5.94 3.39
C LEU A 6 16.21 6.18 3.10
N ALA A 7 15.82 7.42 2.78
CA ALA A 7 14.43 7.78 2.67
C ALA A 7 14.28 8.89 1.64
N THR A 8 13.02 9.13 1.18
CA THR A 8 12.70 10.14 0.17
C THR A 8 12.93 11.54 0.72
N SER A 9 13.75 12.36 0.01
CA SER A 9 14.11 13.72 0.43
C SER A 9 12.96 14.71 0.41
N MET A 10 12.13 14.69 -0.67
CA MET A 10 11.11 15.71 -0.89
C MET A 10 9.73 15.14 -0.62
N MET A 11 8.87 15.91 0.09
CA MET A 11 7.49 15.55 0.39
C MET A 11 6.58 15.57 -0.82
N LYS A 12 6.86 16.43 -1.81
CA LYS A 12 6.16 16.50 -3.07
C LYS A 12 7.17 16.87 -4.13
N ILE A 13 6.89 16.54 -5.40
CA ILE A 13 7.73 16.89 -6.53
C ILE A 13 6.85 17.49 -7.60
N LEU A 14 7.45 18.21 -8.57
CA LEU A 14 6.76 18.88 -9.66
C LEU A 14 6.05 17.92 -10.62
N ARG A 15 6.69 16.78 -10.96
CA ARG A 15 6.14 15.82 -11.90
C ARG A 15 5.06 14.95 -11.23
N PRO A 16 3.80 14.93 -11.67
CA PRO A 16 2.70 14.36 -10.90
C PRO A 16 2.66 12.84 -10.90
N GLY A 17 3.37 12.17 -11.82
CA GLY A 17 3.23 10.74 -12.06
C GLY A 17 3.13 10.53 -13.54
N ARG A 18 2.16 9.70 -13.97
CA ARG A 18 1.80 9.40 -15.36
C ARG A 18 2.80 8.51 -16.10
N LEU A 19 4.12 8.78 -15.98
CA LEU A 19 5.15 8.02 -16.66
C LEU A 19 5.34 6.61 -16.10
N THR A 20 5.90 5.71 -16.93
CA THR A 20 6.48 4.45 -16.46
C THR A 20 7.82 4.30 -17.14
N GLY A 21 8.67 3.37 -16.65
CA GLY A 21 10.05 3.20 -17.14
C GLY A 21 11.07 3.73 -16.17
N GLU A 22 10.62 4.52 -15.17
CA GLU A 22 11.37 4.89 -14.01
C GLU A 22 10.64 4.27 -12.84
N LEU A 23 11.38 3.74 -11.85
CA LEU A 23 10.82 2.98 -10.75
C LEU A 23 11.46 3.55 -9.50
N PRO A 24 10.79 3.92 -8.41
CA PRO A 24 11.45 4.43 -7.21
C PRO A 24 12.17 3.30 -6.47
N PRO A 25 13.25 3.53 -5.73
CA PRO A 25 14.07 2.47 -5.14
C PRO A 25 13.40 1.78 -3.95
N GLY A 26 12.37 2.38 -3.35
CA GLY A 26 11.72 1.79 -2.20
C GLY A 26 10.52 2.56 -1.76
N ALA A 27 9.55 2.77 -2.66
CA ALA A 27 8.31 3.45 -2.35
C ALA A 27 7.23 2.78 -3.15
N VAL A 28 5.97 2.78 -2.66
CA VAL A 28 4.87 2.08 -3.32
C VAL A 28 3.71 3.03 -3.54
N ARG A 29 3.35 3.28 -4.82
CA ARG A 29 2.02 3.72 -5.16
C ARG A 29 1.07 2.53 -5.16
N ILE A 30 -0.03 2.61 -4.37
CA ILE A 30 -1.07 1.58 -4.34
C ILE A 30 -2.29 2.04 -5.16
N GLY A 31 -2.80 1.18 -6.07
CA GLY A 31 -4.02 1.51 -6.78
C GLY A 31 -4.68 0.35 -7.47
N ARG A 32 -5.48 0.65 -8.51
CA ARG A 32 -6.27 -0.31 -9.27
C ARG A 32 -5.75 -0.50 -10.68
N ALA A 33 -4.94 0.44 -11.20
CA ALA A 33 -4.33 0.29 -12.51
C ALA A 33 -2.83 0.09 -12.42
N ASN A 34 -2.26 -0.60 -13.42
CA ASN A 34 -0.88 -1.06 -13.47
C ASN A 34 0.08 0.03 -13.93
N ASP A 35 -0.33 1.29 -13.66
CA ASP A 35 0.47 2.49 -13.71
C ASP A 35 1.14 2.64 -12.37
N ASN A 36 0.56 2.04 -11.31
CA ASN A 36 1.07 2.14 -9.99
C ASN A 36 2.01 0.98 -9.81
N ASP A 37 2.79 0.99 -8.72
CA ASP A 37 3.69 -0.08 -8.35
C ASP A 37 2.96 -1.39 -8.04
N ILE A 38 1.84 -1.29 -7.28
CA ILE A 38 1.14 -2.44 -6.72
C ILE A 38 -0.33 -2.22 -6.93
N VAL A 39 -1.02 -3.25 -7.46
CA VAL A 39 -2.39 -3.14 -7.91
C VAL A 39 -3.25 -4.17 -7.22
N ILE A 40 -4.39 -3.72 -6.63
CA ILE A 40 -5.32 -4.62 -5.97
C ILE A 40 -6.43 -4.91 -6.97
N PRO A 41 -6.75 -6.15 -7.37
CA PRO A 41 -7.84 -6.44 -8.31
C PRO A 41 -9.21 -6.33 -7.64
N GLU A 42 -9.59 -5.11 -7.19
CA GLU A 42 -10.85 -4.80 -6.57
C GLU A 42 -11.67 -3.74 -7.26
N VAL A 43 -13.01 -3.98 -7.24
CA VAL A 43 -14.07 -3.05 -7.60
C VAL A 43 -14.05 -1.87 -6.65
N LEU A 44 -13.82 -2.14 -5.34
CA LEU A 44 -13.82 -1.14 -4.28
C LEU A 44 -12.53 -0.33 -4.23
N ALA A 45 -11.52 -0.65 -5.07
CA ALA A 45 -10.31 0.13 -5.18
C ALA A 45 -10.53 1.34 -6.07
N SER A 46 -9.69 2.37 -5.87
CA SER A 46 -9.64 3.57 -6.68
C SER A 46 -8.40 3.50 -7.54
N ARG A 47 -8.34 4.26 -8.66
CA ARG A 47 -7.29 4.17 -9.66
C ARG A 47 -5.90 4.48 -9.11
N HIS A 48 -5.79 5.49 -8.21
CA HIS A 48 -4.70 5.61 -7.27
C HIS A 48 -5.38 5.75 -5.93
N HIS A 49 -5.07 4.85 -4.96
CA HIS A 49 -5.87 4.70 -3.77
C HIS A 49 -5.08 5.15 -2.56
N ALA A 50 -3.79 4.75 -2.51
CA ALA A 50 -2.93 5.15 -1.43
C ALA A 50 -1.53 5.25 -1.93
N THR A 51 -0.69 5.91 -1.13
CA THR A 51 0.71 5.99 -1.43
C THR A 51 1.43 5.60 -0.17
N LEU A 52 2.40 4.66 -0.28
CA LEU A 52 3.39 4.41 0.76
C LEU A 52 4.74 5.02 0.40
N VAL A 53 5.30 5.89 1.29
CA VAL A 53 6.63 6.45 1.11
C VAL A 53 7.47 6.29 2.38
N PRO A 54 8.78 6.01 2.32
CA PRO A 54 9.66 6.04 3.49
C PRO A 54 9.94 7.46 3.92
N THR A 55 10.18 7.69 5.23
CA THR A 55 10.46 9.00 5.77
C THR A 55 11.69 8.83 6.64
N PRO A 56 12.46 9.82 7.07
CA PRO A 56 13.62 9.57 7.94
C PRO A 56 13.26 9.06 9.32
N GLY A 57 11.99 9.19 9.76
CA GLY A 57 11.54 8.72 11.06
C GLY A 57 10.65 7.51 11.00
N GLY A 58 10.44 6.90 9.81
CA GLY A 58 9.49 5.81 9.68
C GLY A 58 9.03 5.64 8.26
N THR A 59 7.78 5.18 8.07
CA THR A 59 7.15 5.10 6.75
C THR A 59 5.80 5.73 6.87
N GLU A 60 5.44 6.62 5.93
CA GLU A 60 4.12 7.18 5.83
C GLU A 60 3.24 6.44 4.86
N ILE A 61 1.96 6.31 5.27
CA ILE A 61 0.87 5.95 4.40
C ILE A 61 0.10 7.23 4.17
N ARG A 62 -0.20 7.55 2.89
CA ARG A 62 -0.95 8.74 2.50
C ARG A 62 -2.16 8.23 1.73
N ASP A 63 -3.38 8.67 2.12
CA ASP A 63 -4.61 8.04 1.70
C ASP A 63 -5.52 8.93 0.86
N ASN A 64 -6.19 8.33 -0.16
CA ASN A 64 -7.22 8.95 -0.96
C ASN A 64 -8.54 8.64 -0.27
N ARG A 65 -8.92 9.55 0.64
CA ARG A 65 -10.14 9.55 1.42
C ARG A 65 -11.42 9.70 0.61
N SER A 66 -11.33 10.18 -0.65
CA SER A 66 -12.42 10.84 -1.37
C SER A 66 -13.67 9.99 -1.60
N ILE A 67 -13.52 8.71 -2.03
CA ILE A 67 -14.69 7.90 -2.36
C ILE A 67 -14.94 6.84 -1.30
N ASN A 68 -13.98 5.91 -1.08
CA ASN A 68 -14.14 4.83 -0.12
C ASN A 68 -13.26 5.03 1.11
N GLY A 69 -11.98 5.45 0.89
CA GLY A 69 -11.05 5.71 1.98
C GLY A 69 -10.21 4.51 2.36
N THR A 70 -9.30 4.72 3.32
CA THR A 70 -8.38 3.71 3.82
C THR A 70 -8.51 3.71 5.32
N PHE A 71 -8.59 2.53 5.95
CA PHE A 71 -8.60 2.41 7.40
C PHE A 71 -7.28 1.78 7.83
N VAL A 72 -6.65 2.31 8.89
CA VAL A 72 -5.45 1.73 9.49
C VAL A 72 -5.86 1.33 10.89
N ASN A 73 -5.74 0.02 11.23
CA ASN A 73 -6.07 -0.56 12.53
C ASN A 73 -7.50 -0.26 12.99
N GLY A 74 -8.44 -0.13 12.03
CA GLY A 74 -9.83 0.21 12.29
C GLY A 74 -10.16 1.68 12.23
N ALA A 75 -9.17 2.58 12.06
CA ALA A 75 -9.37 4.01 12.07
C ALA A 75 -9.04 4.59 10.72
N ARG A 76 -9.93 5.42 10.14
CA ARG A 76 -9.61 6.16 8.94
C ARG A 76 -8.75 7.37 9.23
N VAL A 77 -7.75 7.54 8.36
CA VAL A 77 -6.73 8.58 8.43
C VAL A 77 -6.47 9.16 7.06
N ASP A 78 -5.97 10.42 7.00
CA ASP A 78 -5.49 11.02 5.77
C ASP A 78 -4.03 10.67 5.53
N ALA A 79 -3.22 10.72 6.59
CA ALA A 79 -1.82 10.37 6.59
C ALA A 79 -1.51 9.83 7.96
N ALA A 80 -0.57 8.87 8.05
CA ALA A 80 -0.15 8.32 9.33
C ALA A 80 1.21 7.70 9.15
N LEU A 81 1.96 7.54 10.27
CA LEU A 81 3.18 6.76 10.29
C LEU A 81 2.85 5.30 10.55
N LEU A 82 3.34 4.39 9.69
CA LEU A 82 3.26 2.98 9.92
C LEU A 82 4.52 2.43 10.53
N HIS A 83 4.32 1.50 11.48
CA HIS A 83 5.33 0.77 12.20
C HIS A 83 4.85 -0.65 12.09
N ASP A 84 5.72 -1.67 12.25
CA ASP A 84 5.44 -3.03 11.91
C ASP A 84 4.34 -3.67 12.75
N GLY A 85 3.54 -4.49 12.06
CA GLY A 85 2.41 -5.21 12.63
C GLY A 85 1.09 -4.49 12.53
N ASP A 86 0.97 -3.45 11.67
CA ASP A 86 -0.31 -2.84 11.38
C ASP A 86 -1.24 -3.72 10.54
N VAL A 87 -2.55 -3.42 10.58
CA VAL A 87 -3.51 -3.93 9.60
C VAL A 87 -4.09 -2.72 8.92
N VAL A 88 -3.97 -2.65 7.57
CA VAL A 88 -4.49 -1.56 6.76
C VAL A 88 -5.58 -2.17 5.90
N THR A 89 -6.78 -1.55 5.87
CA THR A 89 -7.88 -2.07 5.05
C THR A 89 -8.00 -1.19 3.83
N ILE A 90 -7.79 -1.78 2.63
CA ILE A 90 -8.00 -1.11 1.35
C ILE A 90 -8.88 -2.02 0.52
N GLY A 91 -10.06 -1.56 0.06
CA GLY A 91 -10.89 -2.29 -0.88
C GLY A 91 -11.46 -3.59 -0.34
N ASN A 92 -11.68 -3.64 1.00
CA ASN A 92 -11.98 -4.81 1.81
C ASN A 92 -10.88 -5.87 1.81
N ILE A 93 -9.61 -5.48 1.52
CA ILE A 93 -8.45 -6.36 1.52
C ILE A 93 -7.56 -5.90 2.66
N ASP A 94 -7.11 -6.84 3.52
CA ASP A 94 -6.24 -6.54 4.63
C ASP A 94 -4.77 -6.55 4.20
N LEU A 95 -4.09 -5.40 4.36
CA LEU A 95 -2.66 -5.21 4.13
C LEU A 95 -1.93 -5.13 5.44
N VAL A 96 -0.78 -5.84 5.52
CA VAL A 96 -0.03 -6.01 6.74
C VAL A 96 1.37 -5.51 6.47
N PHE A 97 1.92 -4.60 7.33
CA PHE A 97 3.27 -4.09 7.12
C PHE A 97 4.25 -4.84 8.01
N ALA A 98 5.27 -5.49 7.41
CA ALA A 98 6.29 -6.21 8.15
C ALA A 98 7.64 -6.01 7.48
N ASP A 99 8.66 -5.59 8.27
CA ASP A 99 10.05 -5.41 7.87
C ASP A 99 10.22 -4.55 6.61
N GLY A 100 9.45 -3.45 6.49
CA GLY A 100 9.50 -2.56 5.33
C GLY A 100 8.70 -3.03 4.14
N THR A 101 8.04 -4.20 4.23
CA THR A 101 7.38 -4.85 3.11
C THR A 101 5.90 -4.95 3.41
N LEU A 102 5.05 -4.65 2.40
CA LEU A 102 3.61 -4.83 2.48
C LEU A 102 3.27 -6.25 2.09
N ALA A 103 2.49 -6.95 2.95
CA ALA A 103 1.99 -8.27 2.67
C ALA A 103 0.47 -8.22 2.63
N ARG A 104 -0.16 -8.95 1.68
CA ARG A 104 -1.58 -9.11 1.57
C ARG A 104 -2.02 -10.31 2.39
N ARG A 105 -3.00 -10.13 3.30
CA ARG A 105 -3.42 -11.19 4.19
C ARG A 105 -4.62 -11.93 3.61
N GLU A 106 -4.51 -13.27 3.53
CA GLU A 106 -5.54 -14.13 3.00
C GLU A 106 -5.60 -15.36 3.88
N GLU A 107 -6.81 -15.89 4.15
CA GLU A 107 -7.03 -17.06 5.00
C GLU A 107 -6.84 -18.33 4.19
N ASN A 108 -5.60 -18.57 3.72
CA ASN A 108 -5.32 -19.63 2.77
C ASN A 108 -5.12 -21.05 3.41
N GLY A 1 -9.05 20.56 18.91
CA GLY A 1 -9.31 21.05 17.51
C GLY A 1 -8.23 20.59 16.57
N HIS A 2 -8.37 20.91 15.27
CA HIS A 2 -7.39 20.54 14.25
C HIS A 2 -6.73 21.79 13.73
N MET A 3 -5.50 21.67 13.21
CA MET A 3 -4.80 22.75 12.52
C MET A 3 -4.65 22.26 11.10
N TRP A 4 -4.94 23.13 10.11
CA TRP A 4 -5.19 22.75 8.72
C TRP A 4 -4.00 22.10 8.00
N ASN A 5 -2.77 22.61 8.24
CA ASN A 5 -1.51 22.12 7.69
C ASN A 5 -1.48 22.07 6.16
N LEU A 6 -2.01 23.14 5.51
CA LEU A 6 -2.02 23.29 4.07
C LEU A 6 -0.98 24.34 3.75
N ALA A 7 0.01 24.00 2.89
CA ALA A 7 1.07 24.89 2.53
C ALA A 7 1.60 24.45 1.18
N THR A 8 2.37 25.33 0.50
CA THR A 8 3.04 25.01 -0.75
C THR A 8 4.53 25.19 -0.55
N SER A 9 5.36 24.57 -1.42
CA SER A 9 6.80 24.71 -1.36
C SER A 9 7.29 24.40 -2.75
N MET A 10 8.60 24.55 -3.00
CA MET A 10 9.23 24.27 -4.27
C MET A 10 9.43 22.77 -4.48
N MET A 11 9.28 22.29 -5.73
CA MET A 11 9.46 20.89 -6.07
C MET A 11 10.88 20.66 -6.54
N LYS A 12 11.55 19.61 -5.98
CA LYS A 12 12.89 19.23 -6.35
C LYS A 12 12.84 18.16 -7.44
N ILE A 13 13.86 18.15 -8.32
CA ILE A 13 14.04 17.10 -9.32
C ILE A 13 15.35 16.42 -9.02
N LEU A 14 15.41 15.09 -9.23
CA LEU A 14 16.55 14.29 -8.87
C LEU A 14 16.53 13.03 -9.71
N ARG A 15 17.67 12.30 -9.74
CA ARG A 15 17.79 11.01 -10.38
C ARG A 15 18.32 10.07 -9.32
N PRO A 16 18.10 8.75 -9.36
CA PRO A 16 18.44 7.85 -8.26
C PRO A 16 19.93 7.59 -8.14
N GLY A 17 20.76 7.93 -9.16
CA GLY A 17 22.19 7.66 -9.16
C GLY A 17 22.51 6.20 -9.38
N ARG A 18 21.61 5.46 -10.04
CA ARG A 18 21.66 4.04 -10.22
C ARG A 18 21.42 3.82 -11.69
N LEU A 19 22.28 3.01 -12.31
CA LEU A 19 22.26 2.65 -13.72
C LEU A 19 21.21 1.57 -14.00
N THR A 20 21.18 1.12 -15.28
CA THR A 20 20.44 -0.05 -15.72
C THR A 20 20.81 -1.33 -14.96
N GLY A 21 19.81 -2.01 -14.38
CA GLY A 21 20.04 -3.18 -13.57
C GLY A 21 18.74 -3.53 -12.91
N GLU A 22 18.79 -4.30 -11.80
CA GLU A 22 17.62 -4.59 -11.00
C GLU A 22 17.47 -3.48 -9.98
N LEU A 23 16.33 -2.77 -10.00
CA LEU A 23 16.17 -1.50 -9.35
C LEU A 23 14.97 -1.57 -8.40
N PRO A 24 15.09 -1.35 -7.09
CA PRO A 24 13.94 -1.36 -6.18
C PRO A 24 13.12 -0.08 -6.32
N PRO A 25 11.80 -0.07 -6.15
CA PRO A 25 10.96 1.06 -6.52
C PRO A 25 11.06 2.25 -5.57
N GLY A 26 11.59 2.08 -4.34
CA GLY A 26 11.72 3.16 -3.36
C GLY A 26 10.46 3.42 -2.59
N ALA A 27 9.36 3.72 -3.31
CA ALA A 27 8.06 4.00 -2.77
C ALA A 27 7.04 3.11 -3.45
N VAL A 28 5.87 2.88 -2.82
CA VAL A 28 4.83 2.02 -3.35
C VAL A 28 3.61 2.87 -3.59
N ARG A 29 3.08 2.83 -4.84
CA ARG A 29 1.85 3.53 -5.18
C ARG A 29 0.73 2.50 -5.17
N ILE A 30 -0.27 2.62 -4.28
CA ILE A 30 -1.30 1.58 -4.15
C ILE A 30 -2.50 2.01 -4.98
N GLY A 31 -2.97 1.14 -5.88
CA GLY A 31 -4.03 1.52 -6.81
C GLY A 31 -4.41 0.42 -7.75
N ARG A 32 -4.88 0.81 -8.96
CA ARG A 32 -5.53 -0.10 -9.90
C ARG A 32 -4.64 -0.47 -11.07
N ALA A 33 -3.71 0.40 -11.50
CA ALA A 33 -2.91 0.14 -12.68
C ALA A 33 -1.52 -0.36 -12.37
N ASN A 34 -1.03 -1.33 -13.18
CA ASN A 34 0.07 -2.20 -12.83
C ASN A 34 1.45 -1.58 -13.01
N ASP A 35 1.49 -0.27 -13.34
CA ASP A 35 2.72 0.50 -13.43
C ASP A 35 3.11 1.02 -12.07
N ASN A 36 2.21 0.88 -11.09
CA ASN A 36 2.35 1.46 -9.79
C ASN A 36 2.93 0.49 -8.78
N ASP A 37 3.49 -0.64 -9.25
CA ASP A 37 4.15 -1.69 -8.49
C ASP A 37 3.20 -2.64 -7.74
N ILE A 38 2.24 -2.14 -6.94
CA ILE A 38 1.33 -3.01 -6.19
C ILE A 38 -0.10 -2.63 -6.48
N VAL A 39 -0.88 -3.60 -7.02
CA VAL A 39 -2.24 -3.41 -7.47
C VAL A 39 -3.18 -4.41 -6.83
N ILE A 40 -4.36 -3.91 -6.37
CA ILE A 40 -5.40 -4.75 -5.81
C ILE A 40 -6.44 -4.94 -6.91
N PRO A 41 -6.83 -6.14 -7.36
CA PRO A 41 -7.89 -6.31 -8.35
C PRO A 41 -9.28 -6.10 -7.76
N GLU A 42 -9.56 -4.88 -7.28
CA GLU A 42 -10.84 -4.46 -6.75
C GLU A 42 -11.45 -3.32 -7.51
N VAL A 43 -12.78 -3.38 -7.71
CA VAL A 43 -13.62 -2.29 -8.17
C VAL A 43 -13.67 -1.16 -7.14
N LEU A 44 -13.52 -1.52 -5.84
CA LEU A 44 -13.44 -0.60 -4.72
C LEU A 44 -12.14 0.19 -4.69
N ALA A 45 -11.07 -0.31 -5.36
CA ALA A 45 -9.81 0.39 -5.45
C ALA A 45 -9.89 1.48 -6.50
N SER A 46 -9.41 2.71 -6.17
CA SER A 46 -9.29 3.80 -7.13
C SER A 46 -7.99 3.65 -7.91
N ARG A 47 -7.76 4.48 -8.96
CA ARG A 47 -6.58 4.39 -9.81
C ARG A 47 -5.28 4.62 -9.06
N HIS A 48 -5.28 5.62 -8.13
CA HIS A 48 -4.41 5.64 -6.98
C HIS A 48 -5.33 5.75 -5.78
N HIS A 49 -5.18 4.83 -4.82
CA HIS A 49 -6.07 4.72 -3.68
C HIS A 49 -5.34 5.18 -2.44
N ALA A 50 -4.07 4.76 -2.32
CA ALA A 50 -3.25 5.13 -1.18
C ALA A 50 -1.81 5.12 -1.66
N THR A 51 -0.89 5.77 -0.94
CA THR A 51 0.51 5.73 -1.24
C THR A 51 1.27 5.38 -0.01
N LEU A 52 2.27 4.49 -0.16
CA LEU A 52 3.28 4.23 0.86
C LEU A 52 4.60 4.88 0.45
N VAL A 53 5.12 5.81 1.30
CA VAL A 53 6.35 6.54 1.00
C VAL A 53 7.32 6.48 2.17
N PRO A 54 8.64 6.36 1.98
CA PRO A 54 9.62 6.50 3.05
C PRO A 54 9.78 7.96 3.44
N THR A 55 10.15 8.23 4.70
CA THR A 55 10.31 9.56 5.22
C THR A 55 11.64 9.55 5.98
N PRO A 56 12.28 10.63 6.41
CA PRO A 56 13.48 10.54 7.24
C PRO A 56 13.21 10.02 8.65
N GLY A 57 11.95 9.94 9.12
CA GLY A 57 11.63 9.49 10.46
C GLY A 57 10.89 8.18 10.51
N GLY A 58 10.74 7.47 9.38
CA GLY A 58 9.93 6.26 9.33
C GLY A 58 9.28 6.16 7.97
N THR A 59 8.15 5.44 7.87
CA THR A 59 7.39 5.30 6.63
C THR A 59 5.98 5.78 6.87
N GLU A 60 5.51 6.67 5.97
CA GLU A 60 4.13 7.12 5.96
C GLU A 60 3.27 6.35 4.99
N ILE A 61 2.02 6.13 5.43
CA ILE A 61 0.91 5.80 4.57
C ILE A 61 0.14 7.09 4.40
N ARG A 62 -0.23 7.45 3.14
CA ARG A 62 -1.01 8.62 2.84
C ARG A 62 -2.21 8.17 2.05
N ASP A 63 -3.41 8.66 2.45
CA ASP A 63 -4.68 8.06 2.08
C ASP A 63 -5.56 8.99 1.25
N ASN A 64 -6.30 8.42 0.26
CA ASN A 64 -7.33 9.12 -0.48
C ASN A 64 -8.61 8.83 0.26
N ARG A 65 -8.95 9.78 1.14
CA ARG A 65 -10.14 9.85 1.96
C ARG A 65 -11.45 9.97 1.20
N SER A 66 -11.40 10.46 -0.06
CA SER A 66 -12.53 11.13 -0.72
C SER A 66 -13.77 10.29 -0.96
N ILE A 67 -13.64 9.04 -1.49
CA ILE A 67 -14.81 8.26 -1.87
C ILE A 67 -15.02 7.08 -0.93
N ASN A 68 -14.03 6.16 -0.84
CA ASN A 68 -14.16 4.97 -0.01
C ASN A 68 -13.34 5.11 1.27
N GLY A 69 -12.12 5.66 1.17
CA GLY A 69 -11.24 5.85 2.32
C GLY A 69 -10.33 4.67 2.55
N THR A 70 -9.40 4.83 3.53
CA THR A 70 -8.49 3.78 3.96
C THR A 70 -8.51 3.79 5.47
N PHE A 71 -8.57 2.59 6.11
CA PHE A 71 -8.59 2.47 7.55
C PHE A 71 -7.31 1.77 7.99
N VAL A 72 -6.69 2.20 9.10
CA VAL A 72 -5.56 1.51 9.71
C VAL A 72 -6.04 1.09 11.08
N ASN A 73 -5.97 -0.23 11.41
CA ASN A 73 -6.41 -0.80 12.69
C ASN A 73 -7.87 -0.51 13.04
N GLY A 74 -8.74 -0.26 12.02
CA GLY A 74 -10.13 0.11 12.21
C GLY A 74 -10.38 1.61 12.28
N ALA A 75 -9.33 2.46 12.26
CA ALA A 75 -9.45 3.89 12.36
C ALA A 75 -9.10 4.49 11.01
N ARG A 76 -9.96 5.39 10.48
CA ARG A 76 -9.58 6.14 9.30
C ARG A 76 -8.63 7.28 9.64
N VAL A 77 -7.64 7.47 8.76
CA VAL A 77 -6.58 8.46 8.91
C VAL A 77 -6.33 9.10 7.55
N ASP A 78 -5.78 10.34 7.55
CA ASP A 78 -5.40 11.01 6.31
C ASP A 78 -3.98 10.63 5.93
N ALA A 79 -3.08 10.62 6.95
CA ALA A 79 -1.71 10.20 6.84
C ALA A 79 -1.36 9.65 8.19
N ALA A 80 -0.46 8.64 8.24
CA ALA A 80 -0.01 8.06 9.48
C ALA A 80 1.32 7.39 9.28
N LEU A 81 2.10 7.22 10.37
CA LEU A 81 3.30 6.40 10.37
C LEU A 81 2.92 4.96 10.67
N LEU A 82 3.39 3.99 9.85
CA LEU A 82 3.16 2.60 10.10
C LEU A 82 4.36 1.93 10.72
N HIS A 83 4.08 1.06 11.71
CA HIS A 83 5.04 0.18 12.35
C HIS A 83 4.77 -1.22 11.82
N ASP A 84 5.77 -2.14 11.92
CA ASP A 84 5.69 -3.46 11.35
C ASP A 84 4.62 -4.30 12.02
N GLY A 85 3.76 -4.89 11.17
CA GLY A 85 2.61 -5.67 11.59
C GLY A 85 1.34 -4.89 11.72
N ASP A 86 1.32 -3.57 11.44
CA ASP A 86 0.09 -2.78 11.39
C ASP A 86 -0.79 -3.23 10.22
N VAL A 87 -2.12 -3.25 10.46
CA VAL A 87 -3.09 -3.82 9.53
C VAL A 87 -3.92 -2.70 8.94
N VAL A 88 -3.96 -2.63 7.60
CA VAL A 88 -4.52 -1.55 6.83
C VAL A 88 -5.67 -2.13 5.99
N THR A 89 -6.87 -1.52 5.99
CA THR A 89 -7.97 -2.03 5.18
C THR A 89 -8.12 -1.16 3.94
N ILE A 90 -7.92 -1.77 2.74
CA ILE A 90 -8.13 -1.13 1.44
C ILE A 90 -8.99 -2.07 0.62
N GLY A 91 -10.15 -1.62 0.06
CA GLY A 91 -10.91 -2.40 -0.91
C GLY A 91 -11.53 -3.67 -0.36
N ASN A 92 -11.79 -3.71 0.96
CA ASN A 92 -12.14 -4.88 1.75
C ASN A 92 -11.04 -5.94 1.79
N ILE A 93 -9.78 -5.55 1.55
CA ILE A 93 -8.60 -6.40 1.67
C ILE A 93 -7.89 -5.89 2.91
N ASP A 94 -7.55 -6.76 3.87
CA ASP A 94 -6.70 -6.41 4.99
C ASP A 94 -5.23 -6.62 4.66
N LEU A 95 -4.47 -5.50 4.57
CA LEU A 95 -3.07 -5.40 4.20
C LEU A 95 -2.21 -5.31 5.42
N VAL A 96 -1.06 -6.01 5.39
CA VAL A 96 -0.17 -6.14 6.51
C VAL A 96 1.10 -5.41 6.13
N PHE A 97 1.56 -4.46 6.96
CA PHE A 97 2.75 -3.68 6.67
C PHE A 97 4.01 -4.38 7.17
N ALA A 98 4.96 -4.65 6.25
CA ALA A 98 6.28 -5.15 6.61
C ALA A 98 7.34 -4.50 5.72
N ASP A 99 8.31 -3.78 6.32
CA ASP A 99 9.50 -3.22 5.68
C ASP A 99 9.22 -2.37 4.44
N GLY A 100 8.16 -1.53 4.46
CA GLY A 100 7.80 -0.67 3.34
C GLY A 100 6.87 -1.31 2.34
N THR A 101 6.59 -2.62 2.50
CA THR A 101 5.84 -3.42 1.53
C THR A 101 4.57 -3.89 2.19
N LEU A 102 3.45 -3.90 1.44
CA LEU A 102 2.19 -4.42 1.94
C LEU A 102 2.03 -5.84 1.45
N ALA A 103 1.59 -6.76 2.33
CA ALA A 103 1.20 -8.10 1.95
C ALA A 103 -0.25 -8.31 2.33
N ARG A 104 -1.03 -9.09 1.56
CA ARG A 104 -2.38 -9.48 1.97
C ARG A 104 -2.31 -10.49 3.09
N ARG A 105 -3.21 -10.37 4.11
CA ARG A 105 -3.10 -11.16 5.31
C ARG A 105 -3.64 -12.56 5.03
N GLU A 106 -2.78 -13.60 5.20
CA GLU A 106 -3.09 -14.94 4.85
C GLU A 106 -2.52 -15.89 5.89
N GLU A 107 -3.19 -17.04 6.12
CA GLU A 107 -2.80 -18.03 7.10
C GLU A 107 -1.87 -19.10 6.56
N ASN A 108 -1.58 -19.02 5.25
CA ASN A 108 -0.88 -20.06 4.50
C ASN A 108 0.59 -20.30 4.97
N GLY A 1 -23.78 9.60 -18.64
CA GLY A 1 -23.25 10.65 -17.71
C GLY A 1 -23.49 10.22 -16.30
N HIS A 2 -24.13 11.08 -15.47
CA HIS A 2 -24.70 10.68 -14.18
C HIS A 2 -25.83 9.68 -14.37
N MET A 3 -26.68 9.93 -15.39
CA MET A 3 -27.65 8.99 -15.91
C MET A 3 -27.04 8.31 -17.14
N TRP A 4 -27.33 7.00 -17.33
CA TRP A 4 -26.92 6.24 -18.48
C TRP A 4 -28.03 5.24 -18.75
N ASN A 5 -28.06 4.65 -19.98
CA ASN A 5 -29.05 3.66 -20.34
C ASN A 5 -28.54 2.28 -19.95
N LEU A 6 -29.37 1.49 -19.23
CA LEU A 6 -29.04 0.15 -18.77
C LEU A 6 -28.83 -0.85 -19.90
N ALA A 7 -29.71 -0.80 -20.93
CA ALA A 7 -29.67 -1.61 -22.13
C ALA A 7 -29.60 -3.13 -21.90
N THR A 8 -28.58 -3.80 -22.46
CA THR A 8 -28.34 -5.22 -22.26
C THR A 8 -26.83 -5.40 -22.28
N SER A 9 -26.31 -6.55 -21.84
CA SER A 9 -24.88 -6.78 -21.73
C SER A 9 -24.57 -8.24 -21.97
N MET A 10 -23.28 -8.54 -22.22
CA MET A 10 -22.78 -9.89 -22.39
C MET A 10 -21.59 -10.01 -21.47
N MET A 11 -21.31 -11.22 -20.95
CA MET A 11 -20.28 -11.42 -19.96
C MET A 11 -19.59 -12.75 -20.21
N LYS A 12 -18.37 -12.90 -19.67
CA LYS A 12 -17.59 -14.11 -19.73
C LYS A 12 -16.86 -14.16 -18.41
N ILE A 13 -16.35 -15.35 -18.02
CA ILE A 13 -15.68 -15.54 -16.73
C ILE A 13 -14.23 -15.90 -16.97
N LEU A 14 -13.34 -15.36 -16.11
CA LEU A 14 -11.92 -15.59 -16.15
C LEU A 14 -11.41 -15.33 -14.76
N ARG A 15 -10.18 -15.75 -14.45
CA ARG A 15 -9.54 -15.49 -13.17
C ARG A 15 -8.31 -14.63 -13.41
N PRO A 16 -7.84 -13.81 -12.45
CA PRO A 16 -6.60 -13.07 -12.59
C PRO A 16 -5.40 -14.01 -12.45
N GLY A 17 -4.19 -13.55 -12.86
CA GLY A 17 -2.95 -14.33 -12.77
C GLY A 17 -2.51 -14.64 -11.35
N ARG A 18 -3.00 -13.84 -10.37
CA ARG A 18 -2.94 -14.04 -8.94
C ARG A 18 -1.56 -13.88 -8.32
N LEU A 19 -0.51 -14.48 -8.91
CA LEU A 19 0.85 -14.35 -8.44
C LEU A 19 1.58 -13.38 -9.36
N THR A 20 2.41 -12.51 -8.77
CA THR A 20 3.17 -11.48 -9.46
C THR A 20 4.56 -11.50 -8.85
N GLY A 21 5.57 -10.99 -9.57
CA GLY A 21 6.92 -10.84 -9.05
C GLY A 21 7.34 -9.40 -9.14
N GLU A 22 7.47 -8.74 -7.98
CA GLU A 22 7.81 -7.37 -7.84
C GLU A 22 8.60 -7.25 -6.57
N LEU A 23 9.47 -6.22 -6.46
CA LEU A 23 10.14 -5.90 -5.22
C LEU A 23 10.02 -4.39 -5.12
N PRO A 24 9.49 -3.76 -4.08
CA PRO A 24 9.32 -2.31 -4.07
C PRO A 24 10.64 -1.58 -3.81
N PRO A 25 10.82 -0.33 -4.22
CA PRO A 25 12.01 0.48 -3.89
C PRO A 25 11.96 1.01 -2.46
N GLY A 26 10.85 0.78 -1.74
CA GLY A 26 10.60 1.30 -0.40
C GLY A 26 9.50 2.32 -0.41
N ALA A 27 9.12 2.80 -1.61
CA ALA A 27 7.93 3.59 -1.84
C ALA A 27 6.99 2.73 -2.67
N VAL A 28 5.68 2.73 -2.32
CA VAL A 28 4.67 2.00 -3.06
C VAL A 28 3.54 2.95 -3.37
N ARG A 29 3.24 3.23 -4.66
CA ARG A 29 1.99 3.88 -4.98
C ARG A 29 0.95 2.79 -5.20
N ILE A 30 -0.17 2.85 -4.44
CA ILE A 30 -1.23 1.84 -4.46
C ILE A 30 -2.44 2.32 -5.28
N GLY A 31 -2.97 1.47 -6.19
CA GLY A 31 -4.15 1.85 -6.95
C GLY A 31 -4.61 0.73 -7.82
N ARG A 32 -5.43 1.02 -8.86
CA ARG A 32 -6.09 -0.04 -9.62
C ARG A 32 -5.44 -0.32 -10.96
N ALA A 33 -4.53 0.57 -11.43
CA ALA A 33 -3.91 0.41 -12.72
C ALA A 33 -2.45 0.10 -12.61
N ASN A 34 -1.94 -0.72 -13.57
CA ASN A 34 -0.65 -1.38 -13.53
C ASN A 34 0.48 -0.46 -13.97
N ASP A 35 0.22 0.86 -13.87
CA ASP A 35 1.17 1.93 -13.98
C ASP A 35 1.80 2.15 -12.63
N ASN A 36 1.11 1.73 -11.55
CA ASN A 36 1.55 1.96 -10.22
C ASN A 36 2.37 0.76 -9.82
N ASP A 37 3.03 0.83 -8.65
CA ASP A 37 3.89 -0.23 -8.15
C ASP A 37 3.13 -1.52 -7.85
N ILE A 38 1.94 -1.39 -7.23
CA ILE A 38 1.18 -2.52 -6.69
C ILE A 38 -0.27 -2.24 -6.96
N VAL A 39 -0.98 -3.25 -7.51
CA VAL A 39 -2.36 -3.12 -7.92
C VAL A 39 -3.19 -4.20 -7.27
N ILE A 40 -4.32 -3.79 -6.63
CA ILE A 40 -5.25 -4.74 -6.04
C ILE A 40 -6.34 -4.98 -7.07
N PRO A 41 -6.66 -6.18 -7.56
CA PRO A 41 -7.73 -6.40 -8.52
C PRO A 41 -9.11 -6.33 -7.87
N GLU A 42 -9.49 -5.15 -7.35
CA GLU A 42 -10.76 -4.86 -6.75
C GLU A 42 -11.54 -3.77 -7.45
N VAL A 43 -12.88 -3.96 -7.51
CA VAL A 43 -13.86 -2.96 -7.89
C VAL A 43 -13.90 -1.81 -6.89
N LEU A 44 -13.60 -2.10 -5.61
CA LEU A 44 -13.58 -1.15 -4.53
C LEU A 44 -12.28 -0.36 -4.44
N ALA A 45 -11.28 -0.66 -5.30
CA ALA A 45 -10.04 0.07 -5.33
C ALA A 45 -10.14 1.28 -6.24
N SER A 46 -9.79 2.48 -5.71
CA SER A 46 -9.68 3.70 -6.50
C SER A 46 -8.43 3.70 -7.35
N ARG A 47 -8.41 4.49 -8.44
CA ARG A 47 -7.32 4.44 -9.40
C ARG A 47 -5.96 4.84 -8.86
N HIS A 48 -5.92 5.87 -7.99
CA HIS A 48 -4.86 6.03 -7.02
C HIS A 48 -5.58 6.00 -5.69
N HIS A 49 -5.25 5.03 -4.81
CA HIS A 49 -6.05 4.77 -3.62
C HIS A 49 -5.26 5.15 -2.39
N ALA A 50 -3.96 4.81 -2.40
CA ALA A 50 -3.07 5.25 -1.36
C ALA A 50 -1.70 5.40 -1.92
N THR A 51 -0.85 6.09 -1.16
CA THR A 51 0.55 6.16 -1.52
C THR A 51 1.34 5.87 -0.27
N LEU A 52 2.31 4.96 -0.36
CA LEU A 52 3.35 4.78 0.66
C LEU A 52 4.62 5.51 0.28
N VAL A 53 5.18 6.35 1.19
CA VAL A 53 6.48 7.00 1.01
C VAL A 53 7.36 6.79 2.23
N PRO A 54 8.66 6.52 2.13
CA PRO A 54 9.54 6.30 3.28
C PRO A 54 9.87 7.59 4.00
N THR A 55 10.16 7.52 5.31
CA THR A 55 10.51 8.69 6.12
C THR A 55 11.72 8.26 6.94
N PRO A 56 12.48 9.10 7.64
CA PRO A 56 13.52 8.61 8.54
C PRO A 56 12.99 7.92 9.80
N GLY A 57 11.69 8.04 10.15
CA GLY A 57 11.14 7.47 11.37
C GLY A 57 10.17 6.34 11.16
N GLY A 58 10.07 5.81 9.92
CA GLY A 58 9.09 4.80 9.55
C GLY A 58 8.67 5.06 8.13
N THR A 59 7.50 4.55 7.71
CA THR A 59 6.98 4.82 6.38
C THR A 59 5.64 5.48 6.54
N GLU A 60 5.43 6.64 5.86
CA GLU A 60 4.12 7.23 5.74
C GLU A 60 3.23 6.54 4.73
N ILE A 61 1.96 6.35 5.12
CA ILE A 61 0.89 6.04 4.21
C ILE A 61 0.08 7.32 4.08
N ARG A 62 -0.23 7.71 2.83
CA ARG A 62 -1.06 8.86 2.51
C ARG A 62 -2.31 8.33 1.84
N ASP A 63 -3.51 8.78 2.31
CA ASP A 63 -4.76 8.10 2.05
C ASP A 63 -5.67 8.91 1.13
N ASN A 64 -6.31 8.26 0.13
CA ASN A 64 -7.37 8.87 -0.66
C ASN A 64 -8.66 8.51 0.04
N ARG A 65 -9.04 9.39 0.98
CA ARG A 65 -10.24 9.37 1.78
C ARG A 65 -11.54 9.52 0.99
N SER A 66 -11.45 10.09 -0.24
CA SER A 66 -12.55 10.75 -0.92
C SER A 66 -13.74 9.86 -1.29
N ILE A 67 -13.50 8.67 -1.88
CA ILE A 67 -14.61 7.88 -2.42
C ILE A 67 -14.95 6.72 -1.50
N ASN A 68 -13.99 5.80 -1.26
CA ASN A 68 -14.21 4.63 -0.42
C ASN A 68 -13.49 4.74 0.90
N GLY A 69 -12.24 5.26 0.91
CA GLY A 69 -11.46 5.50 2.12
C GLY A 69 -10.46 4.40 2.41
N THR A 70 -9.52 4.69 3.32
CA THR A 70 -8.50 3.76 3.78
C THR A 70 -8.50 3.81 5.29
N PHE A 71 -8.47 2.64 5.97
CA PHE A 71 -8.43 2.57 7.42
C PHE A 71 -7.08 2.01 7.82
N VAL A 72 -6.48 2.52 8.93
CA VAL A 72 -5.30 1.91 9.54
C VAL A 72 -5.70 1.54 10.95
N ASN A 73 -5.55 0.25 11.32
CA ASN A 73 -5.86 -0.34 12.63
C ASN A 73 -7.30 -0.09 13.07
N GLY A 74 -8.25 -0.02 12.10
CA GLY A 74 -9.66 0.25 12.37
C GLY A 74 -10.06 1.71 12.33
N ALA A 75 -9.11 2.66 12.19
CA ALA A 75 -9.38 4.07 12.20
C ALA A 75 -9.06 4.67 10.84
N ARG A 76 -9.93 5.54 10.32
CA ARG A 76 -9.56 6.37 9.19
C ARG A 76 -8.57 7.44 9.56
N VAL A 77 -7.55 7.61 8.71
CA VAL A 77 -6.50 8.59 8.85
C VAL A 77 -6.28 9.26 7.50
N ASP A 78 -5.76 10.52 7.50
CA ASP A 78 -5.44 11.24 6.28
C ASP A 78 -4.04 10.85 5.81
N ALA A 79 -3.11 10.80 6.77
CA ALA A 79 -1.76 10.34 6.60
C ALA A 79 -1.37 9.78 7.94
N ALA A 80 -0.49 8.77 7.97
CA ALA A 80 -0.06 8.18 9.22
C ALA A 80 1.27 7.49 8.97
N LEU A 81 2.07 7.28 10.03
CA LEU A 81 3.26 6.45 9.97
C LEU A 81 2.88 5.00 10.21
N LEU A 82 3.36 4.09 9.34
CA LEU A 82 3.25 2.66 9.53
C LEU A 82 4.56 2.13 10.06
N HIS A 83 4.43 1.26 11.08
CA HIS A 83 5.50 0.56 11.74
C HIS A 83 5.11 -0.91 11.77
N ASP A 84 6.07 -1.80 12.12
CA ASP A 84 6.00 -3.22 11.90
C ASP A 84 4.83 -3.85 12.67
N GLY A 85 3.86 -4.40 11.90
CA GLY A 85 2.67 -5.04 12.45
C GLY A 85 1.40 -4.24 12.37
N ASP A 86 1.39 -3.01 11.79
CA ASP A 86 0.15 -2.29 11.56
C ASP A 86 -0.68 -2.91 10.45
N VAL A 87 -2.03 -2.84 10.59
CA VAL A 87 -2.98 -3.45 9.68
C VAL A 87 -3.74 -2.35 8.98
N VAL A 88 -3.79 -2.39 7.63
CA VAL A 88 -4.35 -1.36 6.79
C VAL A 88 -5.49 -2.01 6.00
N THR A 89 -6.68 -1.38 5.92
CA THR A 89 -7.78 -1.93 5.14
C THR A 89 -7.93 -1.11 3.87
N ILE A 90 -7.75 -1.74 2.69
CA ILE A 90 -7.96 -1.14 1.38
C ILE A 90 -8.85 -2.07 0.58
N GLY A 91 -10.03 -1.60 0.07
CA GLY A 91 -10.84 -2.37 -0.86
C GLY A 91 -11.47 -3.61 -0.29
N ASN A 92 -11.68 -3.61 1.05
CA ASN A 92 -12.01 -4.74 1.90
C ASN A 92 -10.95 -5.85 1.90
N ILE A 93 -9.68 -5.50 1.60
CA ILE A 93 -8.54 -6.41 1.65
C ILE A 93 -7.70 -5.93 2.82
N ASP A 94 -7.32 -6.84 3.75
CA ASP A 94 -6.50 -6.49 4.89
C ASP A 94 -5.03 -6.58 4.51
N LEU A 95 -4.32 -5.45 4.62
CA LEU A 95 -2.90 -5.31 4.37
C LEU A 95 -2.14 -5.20 5.65
N VAL A 96 -0.98 -5.90 5.72
CA VAL A 96 -0.17 -5.97 6.91
C VAL A 96 1.16 -5.35 6.54
N PHE A 97 1.66 -4.40 7.36
CA PHE A 97 2.93 -3.75 7.11
C PHE A 97 4.02 -4.46 7.90
N ALA A 98 5.04 -5.00 7.21
CA ALA A 98 6.16 -5.61 7.89
C ALA A 98 7.44 -5.42 7.11
N ASP A 99 8.54 -5.00 7.79
CA ASP A 99 9.87 -4.81 7.24
C ASP A 99 9.93 -3.95 5.97
N GLY A 100 9.11 -2.87 5.90
CA GLY A 100 9.04 -2.00 4.73
C GLY A 100 8.19 -2.53 3.61
N THR A 101 7.57 -3.72 3.77
CA THR A 101 6.86 -4.42 2.73
C THR A 101 5.41 -4.56 3.13
N LEU A 102 4.49 -4.35 2.17
CA LEU A 102 3.06 -4.53 2.35
C LEU A 102 2.70 -5.93 1.91
N ALA A 103 2.06 -6.72 2.80
CA ALA A 103 1.64 -8.08 2.51
C ALA A 103 0.17 -8.24 2.82
N ARG A 104 -0.58 -8.96 1.96
CA ARG A 104 -1.97 -9.29 2.17
C ARG A 104 -2.11 -10.30 3.31
N ARG A 105 -3.08 -10.06 4.24
CA ARG A 105 -3.30 -10.96 5.36
C ARG A 105 -3.85 -12.31 4.93
N GLU A 106 -3.25 -13.41 5.44
CA GLU A 106 -3.64 -14.76 5.09
C GLU A 106 -4.48 -15.36 6.20
N GLU A 107 -5.52 -16.14 5.82
CA GLU A 107 -6.15 -17.06 6.74
C GLU A 107 -5.70 -18.44 6.31
N ASN A 108 -4.85 -19.10 7.12
CA ASN A 108 -4.38 -20.45 6.86
C ASN A 108 -5.27 -21.58 7.47
N GLY A 1 49.72 -21.23 -5.18
CA GLY A 1 49.50 -20.03 -4.29
C GLY A 1 50.50 -20.04 -3.16
N HIS A 2 50.21 -19.32 -2.06
CA HIS A 2 51.01 -19.38 -0.85
C HIS A 2 50.65 -20.60 -0.02
N MET A 3 51.51 -20.95 0.96
CA MET A 3 51.19 -21.95 1.96
C MET A 3 50.58 -21.26 3.16
N TRP A 4 49.49 -21.84 3.72
CA TRP A 4 48.77 -21.23 4.82
C TRP A 4 49.42 -21.53 6.15
N ASN A 5 49.57 -20.48 7.00
CA ASN A 5 49.91 -20.60 8.40
C ASN A 5 48.63 -20.37 9.19
N LEU A 6 48.46 -21.07 10.33
CA LEU A 6 47.22 -20.99 11.09
C LEU A 6 47.17 -19.73 11.94
N ALA A 7 46.05 -18.99 11.84
CA ALA A 7 45.79 -17.80 12.59
C ALA A 7 44.29 -17.60 12.51
N THR A 8 43.70 -16.73 13.35
CA THR A 8 42.30 -16.39 13.26
C THR A 8 42.19 -14.91 13.56
N SER A 9 41.18 -14.22 13.01
CA SER A 9 40.94 -12.81 13.23
C SER A 9 39.49 -12.60 12.89
N MET A 10 38.89 -11.45 13.28
CA MET A 10 37.50 -11.16 13.00
C MET A 10 37.41 -10.25 11.78
N MET A 11 36.64 -10.69 10.77
CA MET A 11 36.37 -9.91 9.58
C MET A 11 34.92 -10.18 9.22
N LYS A 12 34.16 -9.14 8.82
CA LYS A 12 32.76 -9.29 8.44
C LYS A 12 32.66 -9.29 6.93
N ILE A 13 32.02 -10.33 6.36
CA ILE A 13 31.69 -10.40 4.94
C ILE A 13 30.18 -10.47 4.89
N LEU A 14 29.54 -9.60 4.08
CA LEU A 14 28.10 -9.61 3.94
C LEU A 14 27.74 -9.21 2.54
N ARG A 15 26.48 -9.53 2.14
CA ARG A 15 25.88 -9.08 0.91
C ARG A 15 24.53 -8.56 1.43
N PRO A 16 23.95 -7.43 1.04
CA PRO A 16 22.71 -6.95 1.64
C PRO A 16 21.52 -7.80 1.27
N GLY A 17 20.48 -7.84 2.11
CA GLY A 17 19.32 -8.69 1.91
C GLY A 17 18.31 -8.11 0.96
N ARG A 18 18.71 -7.90 -0.30
CA ARG A 18 17.86 -7.43 -1.35
C ARG A 18 18.04 -8.34 -2.54
N LEU A 19 16.91 -8.90 -3.02
CA LEU A 19 16.80 -9.55 -4.31
C LEU A 19 16.05 -8.57 -5.20
N THR A 20 16.60 -8.22 -6.38
CA THR A 20 15.98 -7.25 -7.27
C THR A 20 14.80 -7.86 -8.02
N GLY A 21 13.90 -7.02 -8.57
CA GLY A 21 12.71 -7.46 -9.29
C GLY A 21 11.56 -7.78 -8.38
N GLU A 22 11.82 -8.65 -7.39
CA GLU A 22 10.81 -9.23 -6.50
C GLU A 22 10.50 -8.39 -5.29
N LEU A 23 11.20 -7.27 -5.18
CA LEU A 23 11.06 -6.28 -4.13
C LEU A 23 10.89 -4.89 -4.74
N PRO A 24 10.11 -3.98 -4.17
CA PRO A 24 9.98 -2.61 -4.66
C PRO A 24 11.23 -1.80 -4.34
N PRO A 25 11.50 -0.65 -4.97
CA PRO A 25 12.72 0.14 -4.74
C PRO A 25 12.74 0.84 -3.39
N GLY A 26 11.59 0.91 -2.68
CA GLY A 26 11.51 1.51 -1.36
C GLY A 26 10.19 2.17 -1.15
N ALA A 27 9.64 2.79 -2.21
CA ALA A 27 8.32 3.37 -2.20
C ALA A 27 7.36 2.47 -2.97
N VAL A 28 6.11 2.37 -2.50
CA VAL A 28 5.08 1.56 -3.12
C VAL A 28 3.89 2.45 -3.40
N ARG A 29 3.38 2.48 -4.65
CA ARG A 29 2.11 3.13 -4.91
C ARG A 29 1.03 2.06 -4.88
N ILE A 30 -0.09 2.32 -4.18
CA ILE A 30 -1.19 1.36 -4.10
C ILE A 30 -2.35 1.85 -4.98
N GLY A 31 -2.87 0.99 -5.87
CA GLY A 31 -3.96 1.37 -6.75
C GLY A 31 -4.53 0.24 -7.57
N ARG A 32 -5.20 0.60 -8.70
CA ARG A 32 -5.91 -0.32 -9.58
C ARG A 32 -5.14 -0.59 -10.86
N ALA A 33 -4.30 0.37 -11.33
CA ALA A 33 -3.55 0.18 -12.56
C ALA A 33 -2.10 -0.12 -12.30
N ASN A 34 -1.46 -0.89 -13.21
CA ASN A 34 -0.22 -1.57 -12.97
C ASN A 34 1.00 -0.69 -13.16
N ASP A 35 0.76 0.64 -13.19
CA ASP A 35 1.76 1.69 -13.18
C ASP A 35 2.19 1.93 -11.76
N ASN A 36 1.35 1.52 -10.80
CA ASN A 36 1.56 1.75 -9.41
C ASN A 36 2.49 0.73 -8.77
N ASP A 37 2.94 -0.30 -9.53
CA ASP A 37 3.72 -1.44 -9.10
C ASP A 37 2.92 -2.50 -8.35
N ILE A 38 2.11 -2.13 -7.33
CA ILE A 38 1.34 -3.10 -6.55
C ILE A 38 -0.13 -2.72 -6.65
N VAL A 39 -0.92 -3.67 -7.16
CA VAL A 39 -2.30 -3.46 -7.59
C VAL A 39 -3.24 -4.43 -6.94
N ILE A 40 -4.38 -3.91 -6.42
CA ILE A 40 -5.41 -4.74 -5.78
C ILE A 40 -6.50 -4.93 -6.82
N PRO A 41 -6.92 -6.14 -7.23
CA PRO A 41 -7.99 -6.32 -8.21
C PRO A 41 -9.37 -6.07 -7.59
N GLU A 42 -9.64 -4.83 -7.15
CA GLU A 42 -10.90 -4.41 -6.58
C GLU A 42 -11.53 -3.23 -7.28
N VAL A 43 -12.87 -3.30 -7.46
CA VAL A 43 -13.70 -2.18 -7.89
C VAL A 43 -13.84 -1.14 -6.79
N LEU A 44 -13.63 -1.54 -5.51
CA LEU A 44 -13.57 -0.64 -4.37
C LEU A 44 -12.25 0.12 -4.32
N ALA A 45 -11.20 -0.34 -5.03
CA ALA A 45 -9.96 0.38 -5.12
C ALA A 45 -10.09 1.51 -6.12
N SER A 46 -9.50 2.67 -5.81
CA SER A 46 -9.38 3.79 -6.74
C SER A 46 -8.17 3.58 -7.63
N ARG A 47 -8.02 4.34 -8.74
CA ARG A 47 -6.96 4.17 -9.71
C ARG A 47 -5.58 4.38 -9.12
N HIS A 48 -5.45 5.38 -8.22
CA HIS A 48 -4.39 5.46 -7.24
C HIS A 48 -5.12 5.64 -5.92
N HIS A 49 -4.88 4.74 -4.94
CA HIS A 49 -5.73 4.65 -3.75
C HIS A 49 -4.96 5.06 -2.52
N ALA A 50 -3.71 4.59 -2.42
CA ALA A 50 -2.86 4.94 -1.31
C ALA A 50 -1.46 5.03 -1.78
N THR A 51 -0.62 5.65 -0.95
CA THR A 51 0.78 5.70 -1.26
C THR A 51 1.50 5.23 -0.01
N LEU A 52 2.45 4.28 -0.16
CA LEU A 52 3.47 4.03 0.88
C LEU A 52 4.80 4.66 0.50
N VAL A 53 5.33 5.58 1.35
CA VAL A 53 6.63 6.20 1.16
C VAL A 53 7.48 6.18 2.44
N PRO A 54 8.81 6.02 2.36
CA PRO A 54 9.74 6.43 3.40
C PRO A 54 9.72 7.93 3.63
N THR A 55 9.90 8.39 4.89
CA THR A 55 9.81 9.79 5.21
C THR A 55 10.99 10.08 6.13
N PRO A 56 11.42 11.32 6.45
CA PRO A 56 12.46 11.54 7.44
C PRO A 56 12.03 11.21 8.87
N GLY A 57 10.72 11.02 9.15
CA GLY A 57 10.22 10.71 10.48
C GLY A 57 9.82 9.27 10.69
N GLY A 58 9.90 8.42 9.65
CA GLY A 58 9.33 7.08 9.70
C GLY A 58 8.92 6.66 8.32
N THR A 59 7.97 5.72 8.20
CA THR A 59 7.35 5.37 6.92
C THR A 59 5.90 5.71 7.05
N GLU A 60 5.38 6.51 6.09
CA GLU A 60 4.00 6.92 6.07
C GLU A 60 3.18 6.18 5.06
N ILE A 61 1.93 5.91 5.46
CA ILE A 61 0.86 5.56 4.56
C ILE A 61 0.09 6.84 4.33
N ARG A 62 -0.17 7.18 3.05
CA ARG A 62 -0.89 8.39 2.68
C ARG A 62 -2.12 7.95 1.91
N ASP A 63 -3.29 8.55 2.20
CA ASP A 63 -4.57 8.08 1.73
C ASP A 63 -5.15 8.98 0.62
N ASN A 64 -5.75 8.36 -0.44
CA ASN A 64 -6.72 9.02 -1.28
C ASN A 64 -8.06 8.84 -0.59
N ARG A 65 -8.34 9.78 0.34
CA ARG A 65 -9.47 9.86 1.25
C ARG A 65 -10.81 9.99 0.54
N SER A 66 -10.78 10.51 -0.70
CA SER A 66 -11.87 11.17 -1.39
C SER A 66 -13.11 10.31 -1.63
N ILE A 67 -12.97 9.04 -2.07
CA ILE A 67 -14.13 8.25 -2.44
C ILE A 67 -14.43 7.22 -1.35
N ASN A 68 -13.49 6.29 -1.07
CA ASN A 68 -13.68 5.26 -0.05
C ASN A 68 -12.74 5.48 1.12
N GLY A 69 -11.45 5.80 0.86
CA GLY A 69 -10.46 6.01 1.90
C GLY A 69 -9.80 4.73 2.39
N THR A 70 -8.92 4.86 3.41
CA THR A 70 -8.10 3.77 3.95
C THR A 70 -8.24 3.76 5.45
N PHE A 71 -8.42 2.56 6.06
CA PHE A 71 -8.45 2.41 7.50
C PHE A 71 -7.18 1.67 7.93
N VAL A 72 -6.53 2.12 9.03
CA VAL A 72 -5.40 1.42 9.63
C VAL A 72 -5.86 1.00 11.01
N ASN A 73 -5.82 -0.32 11.33
CA ASN A 73 -6.24 -0.87 12.62
C ASN A 73 -7.69 -0.54 13.01
N GLY A 74 -8.56 -0.27 12.00
CA GLY A 74 -9.93 0.17 12.22
C GLY A 74 -10.10 1.68 12.31
N ALA A 75 -9.01 2.46 12.23
CA ALA A 75 -9.04 3.90 12.35
C ALA A 75 -8.83 4.54 10.99
N ARG A 76 -9.69 5.50 10.64
CA ARG A 76 -9.61 6.22 9.39
C ARG A 76 -8.61 7.35 9.49
N VAL A 77 -7.65 7.41 8.55
CA VAL A 77 -6.53 8.35 8.59
C VAL A 77 -6.32 9.00 7.24
N ASP A 78 -5.81 10.26 7.23
CA ASP A 78 -5.41 10.95 6.01
C ASP A 78 -3.96 10.54 5.69
N ALA A 79 -3.11 10.54 6.73
CA ALA A 79 -1.76 10.05 6.66
C ALA A 79 -1.46 9.53 8.04
N ALA A 80 -0.60 8.50 8.14
CA ALA A 80 -0.18 7.95 9.41
C ALA A 80 1.14 7.26 9.24
N LEU A 81 1.93 7.13 10.32
CA LEU A 81 3.09 6.26 10.34
C LEU A 81 2.65 4.82 10.59
N LEU A 82 3.22 3.86 9.83
CA LEU A 82 3.04 2.45 10.10
C LEU A 82 4.25 1.85 10.76
N HIS A 83 4.00 0.99 11.77
CA HIS A 83 4.98 0.15 12.42
C HIS A 83 4.76 -1.28 11.94
N ASP A 84 5.75 -2.18 12.12
CA ASP A 84 5.74 -3.51 11.59
C ASP A 84 4.67 -4.36 12.23
N GLY A 85 3.86 -4.99 11.35
CA GLY A 85 2.71 -5.80 11.74
C GLY A 85 1.41 -5.05 11.81
N ASP A 86 1.37 -3.73 11.52
CA ASP A 86 0.13 -2.99 11.43
C ASP A 86 -0.73 -3.46 10.25
N VAL A 87 -2.07 -3.53 10.48
CA VAL A 87 -3.02 -4.08 9.54
C VAL A 87 -3.86 -2.95 8.99
N VAL A 88 -3.94 -2.89 7.65
CA VAL A 88 -4.48 -1.79 6.88
C VAL A 88 -5.63 -2.36 6.07
N THR A 89 -6.81 -1.72 6.05
CA THR A 89 -7.91 -2.18 5.20
C THR A 89 -7.98 -1.27 3.99
N ILE A 90 -7.77 -1.84 2.78
CA ILE A 90 -7.87 -1.13 1.50
C ILE A 90 -8.80 -1.96 0.63
N GLY A 91 -9.91 -1.39 0.11
CA GLY A 91 -10.75 -2.06 -0.87
C GLY A 91 -11.48 -3.27 -0.34
N ASN A 92 -11.73 -3.30 0.98
CA ASN A 92 -12.17 -4.43 1.79
C ASN A 92 -11.19 -5.59 1.82
N ILE A 93 -9.89 -5.34 1.53
CA ILE A 93 -8.83 -6.33 1.57
C ILE A 93 -7.93 -5.93 2.73
N ASP A 94 -7.60 -6.89 3.62
CA ASP A 94 -6.73 -6.66 4.75
C ASP A 94 -5.26 -6.85 4.40
N LEU A 95 -4.50 -5.72 4.41
CA LEU A 95 -3.09 -5.61 4.10
C LEU A 95 -2.32 -5.52 5.38
N VAL A 96 -1.13 -6.14 5.43
CA VAL A 96 -0.27 -6.14 6.60
C VAL A 96 1.09 -5.61 6.21
N PHE A 97 1.65 -4.69 7.05
CA PHE A 97 2.87 -3.94 6.77
C PHE A 97 4.10 -4.66 7.29
N ALA A 98 5.05 -4.99 6.37
CA ALA A 98 6.32 -5.57 6.73
C ALA A 98 7.43 -4.86 5.96
N ASP A 99 8.36 -4.19 6.68
CA ASP A 99 9.59 -3.59 6.17
C ASP A 99 9.39 -2.65 4.97
N GLY A 100 8.35 -1.78 5.01
CA GLY A 100 8.06 -0.83 3.94
C GLY A 100 7.09 -1.35 2.91
N THR A 101 6.79 -2.66 2.92
CA THR A 101 6.02 -3.32 1.86
C THR A 101 4.76 -3.89 2.46
N LEU A 102 3.63 -3.78 1.73
CA LEU A 102 2.38 -4.37 2.16
C LEU A 102 2.26 -5.76 1.56
N ALA A 103 1.82 -6.73 2.38
CA ALA A 103 1.44 -8.04 1.91
C ALA A 103 -0.02 -8.24 2.29
N ARG A 104 -0.79 -9.08 1.55
CA ARG A 104 -2.11 -9.49 1.97
C ARG A 104 -2.00 -10.37 3.19
N ARG A 105 -2.85 -10.16 4.23
CA ARG A 105 -2.66 -10.84 5.49
C ARG A 105 -3.31 -12.22 5.41
N GLU A 106 -2.55 -13.29 5.72
CA GLU A 106 -3.03 -14.65 5.52
C GLU A 106 -4.05 -15.13 6.55
N GLU A 107 -5.16 -15.74 6.07
CA GLU A 107 -6.14 -16.42 6.89
C GLU A 107 -5.75 -17.88 7.01
N ASN A 108 -4.75 -18.17 7.88
CA ASN A 108 -4.16 -19.50 7.99
C ASN A 108 -5.11 -20.52 8.72
N GLY A 1 -6.00 36.22 -8.11
CA GLY A 1 -6.50 34.92 -8.68
C GLY A 1 -5.72 34.58 -9.91
N HIS A 2 -5.78 33.30 -10.35
CA HIS A 2 -5.06 32.85 -11.53
C HIS A 2 -6.03 32.07 -12.39
N MET A 3 -5.78 32.04 -13.72
CA MET A 3 -6.60 31.30 -14.66
C MET A 3 -5.75 30.21 -15.28
N TRP A 4 -6.28 28.97 -15.36
CA TRP A 4 -5.59 27.85 -15.97
C TRP A 4 -5.75 27.91 -17.48
N ASN A 5 -4.61 27.89 -18.22
CA ASN A 5 -4.58 28.00 -19.66
C ASN A 5 -3.60 26.97 -20.19
N LEU A 6 -3.79 26.54 -21.46
CA LEU A 6 -2.86 25.69 -22.17
C LEU A 6 -2.82 26.09 -23.62
N ALA A 7 -1.77 25.69 -24.36
CA ALA A 7 -1.51 26.17 -25.71
C ALA A 7 -2.30 25.41 -26.77
N THR A 8 -3.65 25.50 -26.72
CA THR A 8 -4.64 25.03 -27.69
C THR A 8 -4.80 23.51 -27.71
N SER A 9 -3.69 22.75 -27.84
CA SER A 9 -3.71 21.30 -27.94
C SER A 9 -3.88 20.63 -26.59
N MET A 10 -4.73 19.57 -26.55
CA MET A 10 -4.89 18.74 -25.36
C MET A 10 -3.71 17.78 -25.24
N MET A 11 -3.25 17.54 -23.98
CA MET A 11 -2.08 16.72 -23.72
C MET A 11 -2.51 15.38 -23.19
N LYS A 12 -1.90 14.29 -23.70
CA LYS A 12 -2.14 12.93 -23.24
C LYS A 12 -0.82 12.37 -22.77
N ILE A 13 -0.85 11.53 -21.71
CA ILE A 13 0.35 10.90 -21.17
C ILE A 13 0.19 9.41 -21.40
N LEU A 14 1.18 8.78 -22.07
CA LEU A 14 1.20 7.35 -22.31
C LEU A 14 2.36 6.76 -21.53
N ARG A 15 2.08 5.75 -20.68
CA ARG A 15 3.12 5.01 -19.97
C ARG A 15 3.39 3.71 -20.70
N PRO A 16 4.61 3.16 -20.70
CA PRO A 16 4.91 1.89 -21.34
C PRO A 16 4.33 0.71 -20.57
N GLY A 17 4.15 -0.45 -21.25
CA GLY A 17 3.71 -1.66 -20.59
C GLY A 17 4.91 -2.46 -20.16
N ARG A 18 5.16 -2.51 -18.84
CA ARG A 18 6.30 -3.16 -18.26
C ARG A 18 5.74 -3.94 -17.09
N LEU A 19 6.17 -5.20 -16.96
CA LEU A 19 5.80 -6.11 -15.89
C LEU A 19 6.37 -5.66 -14.54
N THR A 20 5.50 -5.55 -13.51
CA THR A 20 5.90 -5.20 -12.15
C THR A 20 6.40 -6.43 -11.40
N GLY A 21 7.02 -6.25 -10.22
CA GLY A 21 7.68 -7.33 -9.51
C GLY A 21 7.81 -7.01 -8.06
N GLU A 22 8.35 -7.96 -7.27
CA GLU A 22 8.34 -7.93 -5.81
C GLU A 22 9.39 -7.06 -5.16
N LEU A 23 10.19 -6.40 -5.98
CA LEU A 23 11.26 -5.51 -5.57
C LEU A 23 10.76 -4.09 -5.81
N PRO A 24 10.41 -3.28 -4.80
CA PRO A 24 9.90 -1.93 -5.02
C PRO A 24 11.03 -0.94 -5.33
N PRO A 25 10.80 0.18 -6.00
CA PRO A 25 11.84 1.18 -6.28
C PRO A 25 12.21 1.99 -5.07
N GLY A 26 11.46 1.89 -3.96
CA GLY A 26 11.71 2.61 -2.72
C GLY A 26 10.44 3.16 -2.15
N ALA A 27 9.43 3.40 -3.01
CA ALA A 27 8.11 3.84 -2.61
C ALA A 27 7.13 3.03 -3.42
N VAL A 28 5.88 2.87 -2.91
CA VAL A 28 4.84 2.16 -3.63
C VAL A 28 3.62 3.06 -3.72
N ARG A 29 3.19 3.46 -4.93
CA ARG A 29 1.86 4.00 -5.09
C ARG A 29 0.90 2.86 -5.43
N ILE A 30 -0.24 2.83 -4.70
CA ILE A 30 -1.25 1.75 -4.76
C ILE A 30 -2.50 2.21 -5.53
N GLY A 31 -2.99 1.36 -6.46
CA GLY A 31 -4.27 1.64 -7.10
C GLY A 31 -4.85 0.47 -7.85
N ARG A 32 -5.77 0.77 -8.79
CA ARG A 32 -6.46 -0.17 -9.65
C ARG A 32 -5.88 -0.20 -11.06
N ALA A 33 -5.14 0.84 -11.48
CA ALA A 33 -4.54 0.83 -12.80
C ALA A 33 -3.05 0.64 -12.78
N ASN A 34 -2.53 0.06 -13.88
CA ASN A 34 -1.18 -0.43 -14.04
C ASN A 34 -0.21 0.68 -14.43
N ASP A 35 -0.62 1.93 -14.13
CA ASP A 35 0.19 3.12 -14.13
C ASP A 35 0.94 3.18 -12.82
N ASN A 36 0.40 2.50 -11.78
CA ASN A 36 0.94 2.52 -10.47
C ASN A 36 1.95 1.38 -10.38
N ASP A 37 2.72 1.35 -9.28
CA ASP A 37 3.65 0.30 -8.99
C ASP A 37 2.97 -1.06 -8.79
N ILE A 38 1.85 -1.06 -8.02
CA ILE A 38 1.21 -2.26 -7.52
C ILE A 38 -0.27 -2.06 -7.64
N VAL A 39 -0.98 -3.07 -8.19
CA VAL A 39 -2.37 -2.93 -8.55
C VAL A 39 -3.22 -3.99 -7.87
N ILE A 40 -4.33 -3.58 -7.21
CA ILE A 40 -5.22 -4.49 -6.50
C ILE A 40 -6.42 -4.68 -7.43
N PRO A 41 -6.87 -5.88 -7.80
CA PRO A 41 -7.97 -6.09 -8.76
C PRO A 41 -9.35 -5.76 -8.21
N GLU A 42 -9.45 -5.21 -6.98
CA GLU A 42 -10.68 -4.87 -6.31
C GLU A 42 -11.55 -3.82 -6.97
N VAL A 43 -12.89 -4.06 -6.94
CA VAL A 43 -13.92 -3.14 -7.38
C VAL A 43 -14.01 -1.93 -6.46
N LEU A 44 -13.52 -2.08 -5.21
CA LEU A 44 -13.46 -1.01 -4.24
C LEU A 44 -12.14 -0.24 -4.31
N ALA A 45 -11.20 -0.62 -5.20
CA ALA A 45 -9.97 0.12 -5.39
C ALA A 45 -10.17 1.23 -6.41
N SER A 46 -9.76 2.47 -6.09
CA SER A 46 -9.78 3.59 -7.01
C SER A 46 -8.55 3.54 -7.91
N ARG A 47 -8.49 4.38 -8.97
CA ARG A 47 -7.42 4.37 -9.96
C ARG A 47 -6.07 4.67 -9.32
N HIS A 48 -6.02 5.70 -8.43
CA HIS A 48 -5.04 5.82 -7.39
C HIS A 48 -5.78 5.80 -6.06
N HIS A 49 -5.39 4.90 -5.12
CA HIS A 49 -6.17 4.65 -3.92
C HIS A 49 -5.37 5.07 -2.70
N ALA A 50 -4.09 4.70 -2.68
CA ALA A 50 -3.20 5.06 -1.60
C ALA A 50 -1.83 5.25 -2.14
N THR A 51 -0.97 5.88 -1.33
CA THR A 51 0.44 5.96 -1.65
C THR A 51 1.21 5.64 -0.41
N LEU A 52 2.21 4.73 -0.52
CA LEU A 52 3.22 4.52 0.50
C LEU A 52 4.52 5.25 0.15
N VAL A 53 5.05 6.10 1.07
CA VAL A 53 6.33 6.77 0.91
C VAL A 53 7.22 6.60 2.14
N PRO A 54 8.53 6.34 2.03
CA PRO A 54 9.41 6.16 3.18
C PRO A 54 9.72 7.48 3.87
N THR A 55 10.04 7.44 5.18
CA THR A 55 10.40 8.62 5.96
C THR A 55 11.63 8.18 6.75
N PRO A 56 12.42 9.01 7.42
CA PRO A 56 13.48 8.53 8.31
C PRO A 56 12.98 7.86 9.58
N GLY A 57 11.68 7.99 9.95
CA GLY A 57 11.15 7.44 11.20
C GLY A 57 10.15 6.31 11.02
N GLY A 58 10.00 5.79 9.79
CA GLY A 58 8.99 4.80 9.45
C GLY A 58 8.55 5.04 8.05
N THR A 59 7.37 4.53 7.65
CA THR A 59 6.80 4.77 6.32
C THR A 59 5.47 5.44 6.47
N GLU A 60 5.27 6.59 5.79
CA GLU A 60 3.96 7.18 5.66
C GLU A 60 3.10 6.55 4.63
N ILE A 61 1.80 6.40 4.99
CA ILE A 61 0.77 6.03 4.06
C ILE A 61 -0.07 7.27 3.86
N ARG A 62 -0.36 7.61 2.58
CA ARG A 62 -1.22 8.71 2.20
C ARG A 62 -2.47 8.09 1.65
N ASP A 63 -3.65 8.50 2.14
CA ASP A 63 -4.89 7.79 1.92
C ASP A 63 -5.91 8.60 1.12
N ASN A 64 -6.68 7.94 0.22
CA ASN A 64 -7.88 8.51 -0.36
C ASN A 64 -9.01 8.28 0.63
N ARG A 65 -9.05 9.16 1.66
CA ARG A 65 -10.08 9.34 2.65
C ARG A 65 -11.39 9.74 1.99
N SER A 66 -11.24 10.56 0.93
CA SER A 66 -12.28 11.36 0.29
C SER A 66 -13.38 10.55 -0.38
N ILE A 67 -13.04 9.52 -1.20
CA ILE A 67 -14.07 8.86 -2.00
C ILE A 67 -14.53 7.55 -1.37
N ASN A 68 -13.60 6.61 -1.10
CA ASN A 68 -13.94 5.31 -0.52
C ASN A 68 -13.47 5.21 0.91
N GLY A 69 -12.25 5.72 1.22
CA GLY A 69 -11.65 5.65 2.54
C GLY A 69 -10.69 4.50 2.67
N THR A 70 -9.65 4.69 3.51
CA THR A 70 -8.68 3.66 3.85
C THR A 70 -8.58 3.65 5.35
N PHE A 71 -8.57 2.46 5.99
CA PHE A 71 -8.57 2.36 7.44
C PHE A 71 -7.20 1.85 7.87
N VAL A 72 -6.61 2.42 8.94
CA VAL A 72 -5.40 1.87 9.56
C VAL A 72 -5.81 1.51 10.98
N ASN A 73 -5.62 0.21 11.35
CA ASN A 73 -5.96 -0.37 12.65
C ASN A 73 -7.42 -0.15 13.05
N GLY A 74 -8.34 -0.11 12.06
CA GLY A 74 -9.76 0.13 12.27
C GLY A 74 -10.19 1.58 12.21
N ALA A 75 -9.26 2.54 12.09
CA ALA A 75 -9.56 3.96 12.09
C ALA A 75 -9.23 4.54 10.73
N ARG A 76 -10.17 5.30 10.13
CA ARG A 76 -9.90 6.02 8.90
C ARG A 76 -9.12 7.29 9.14
N VAL A 77 -8.09 7.45 8.31
CA VAL A 77 -7.05 8.46 8.42
C VAL A 77 -6.75 9.06 7.06
N ASP A 78 -6.19 10.29 7.02
CA ASP A 78 -5.73 10.93 5.81
C ASP A 78 -4.27 10.59 5.51
N ALA A 79 -3.45 10.59 6.58
CA ALA A 79 -2.05 10.22 6.58
C ALA A 79 -1.80 9.55 7.90
N ALA A 80 -0.85 8.60 7.95
CA ALA A 80 -0.51 7.90 9.16
C ALA A 80 0.88 7.38 8.93
N LEU A 81 1.61 7.07 10.01
CA LEU A 81 2.97 6.62 9.92
C LEU A 81 2.97 5.17 10.35
N LEU A 82 3.37 4.25 9.44
CA LEU A 82 3.27 2.83 9.64
C LEU A 82 4.57 2.26 10.18
N HIS A 83 4.41 1.40 11.20
CA HIS A 83 5.46 0.68 11.88
C HIS A 83 5.02 -0.77 11.92
N ASP A 84 5.93 -1.69 12.29
CA ASP A 84 5.74 -3.11 12.11
C ASP A 84 4.56 -3.67 12.89
N GLY A 85 3.68 -4.37 12.14
CA GLY A 85 2.48 -4.98 12.68
C GLY A 85 1.22 -4.16 12.59
N ASP A 86 1.25 -2.93 12.02
CA ASP A 86 0.02 -2.21 11.73
C ASP A 86 -0.80 -2.89 10.62
N VAL A 87 -2.14 -2.84 10.75
CA VAL A 87 -3.07 -3.41 9.79
C VAL A 87 -3.70 -2.28 9.03
N VAL A 88 -3.67 -2.35 7.68
CA VAL A 88 -4.28 -1.34 6.82
C VAL A 88 -5.38 -2.07 6.06
N THR A 89 -6.61 -1.51 5.97
CA THR A 89 -7.66 -2.12 5.16
C THR A 89 -7.84 -1.29 3.92
N ILE A 90 -7.58 -1.90 2.73
CA ILE A 90 -7.79 -1.29 1.42
C ILE A 90 -8.70 -2.21 0.65
N GLY A 91 -9.91 -1.77 0.25
CA GLY A 91 -10.78 -2.54 -0.65
C GLY A 91 -11.23 -3.88 -0.14
N ASN A 92 -11.40 -4.01 1.20
CA ASN A 92 -11.60 -5.23 1.96
C ASN A 92 -10.41 -6.20 1.90
N ILE A 93 -9.19 -5.71 1.57
CA ILE A 93 -7.95 -6.45 1.67
C ILE A 93 -7.30 -5.98 2.97
N ASP A 94 -6.98 -6.92 3.89
CA ASP A 94 -6.18 -6.65 5.06
C ASP A 94 -4.71 -6.74 4.70
N LEU A 95 -4.07 -5.58 4.79
CA LEU A 95 -2.65 -5.37 4.60
C LEU A 95 -1.97 -5.37 5.94
N VAL A 96 -0.81 -6.05 5.99
CA VAL A 96 0.06 -6.08 7.14
C VAL A 96 1.38 -5.45 6.73
N PHE A 97 1.92 -4.56 7.59
CA PHE A 97 3.15 -3.85 7.33
C PHE A 97 4.28 -4.54 8.09
N ALA A 98 5.32 -5.01 7.38
CA ALA A 98 6.46 -5.65 7.99
C ALA A 98 7.75 -5.18 7.36
N ASP A 99 8.59 -4.44 8.14
CA ASP A 99 9.94 -4.01 7.79
C ASP A 99 10.05 -3.27 6.44
N GLY A 100 9.08 -2.37 6.14
CA GLY A 100 9.05 -1.64 4.89
C GLY A 100 8.23 -2.30 3.81
N THR A 101 7.84 -3.57 3.99
CA THR A 101 7.17 -4.37 2.97
C THR A 101 5.72 -4.53 3.36
N LEU A 102 4.83 -4.36 2.37
CA LEU A 102 3.40 -4.56 2.49
C LEU A 102 3.05 -5.93 1.95
N ALA A 103 2.23 -6.68 2.70
CA ALA A 103 1.74 -7.98 2.29
C ALA A 103 0.27 -8.04 2.67
N ARG A 104 -0.57 -8.81 1.93
CA ARG A 104 -1.93 -9.03 2.38
C ARG A 104 -2.06 -10.31 3.19
N ARG A 105 -2.94 -10.30 4.21
CA ARG A 105 -3.09 -11.39 5.14
C ARG A 105 -4.31 -12.21 4.78
N GLU A 106 -4.13 -13.54 4.62
CA GLU A 106 -5.16 -14.51 4.41
C GLU A 106 -4.91 -15.63 5.38
N GLU A 107 -5.99 -16.31 5.87
CA GLU A 107 -5.86 -17.41 6.79
C GLU A 107 -5.72 -18.68 5.97
N ASN A 108 -4.47 -19.01 5.58
CA ASN A 108 -4.19 -20.10 4.65
C ASN A 108 -4.50 -21.51 5.25
N GLY A 1 -17.98 -0.65 12.90
CA GLY A 1 -18.11 -1.09 11.47
C GLY A 1 -18.42 0.08 10.58
N HIS A 2 -18.42 -0.13 9.25
CA HIS A 2 -18.82 0.88 8.29
C HIS A 2 -19.38 0.12 7.12
N MET A 3 -20.06 0.82 6.17
CA MET A 3 -20.55 0.23 4.95
C MET A 3 -19.73 0.78 3.79
N TRP A 4 -19.37 -0.10 2.82
CA TRP A 4 -18.62 0.29 1.64
C TRP A 4 -19.58 0.74 0.56
N ASN A 5 -19.16 1.67 -0.33
CA ASN A 5 -20.01 2.09 -1.44
C ASN A 5 -19.67 1.32 -2.71
N LEU A 6 -20.69 0.70 -3.33
CA LEU A 6 -20.54 -0.16 -4.48
C LEU A 6 -20.91 0.56 -5.76
N ALA A 7 -20.19 0.25 -6.86
CA ALA A 7 -20.43 0.77 -8.17
C ALA A 7 -19.85 -0.27 -9.10
N THR A 8 -20.15 -0.20 -10.42
CA THR A 8 -19.64 -1.16 -11.41
C THR A 8 -18.13 -1.07 -11.58
N SER A 9 -17.59 0.17 -11.64
CA SER A 9 -16.19 0.55 -11.43
C SER A 9 -15.21 0.08 -12.49
N MET A 10 -15.17 -1.24 -12.78
CA MET A 10 -14.15 -1.92 -13.57
C MET A 10 -14.11 -1.46 -15.03
N MET A 11 -15.30 -1.25 -15.63
CA MET A 11 -15.48 -0.85 -17.00
C MET A 11 -14.96 0.53 -17.37
N LYS A 12 -14.83 1.46 -16.37
CA LYS A 12 -14.44 2.84 -16.58
C LYS A 12 -13.03 3.02 -17.15
N ILE A 13 -12.03 2.28 -16.60
CA ILE A 13 -10.64 2.44 -17.00
C ILE A 13 -10.16 1.12 -17.58
N LEU A 14 -9.70 1.14 -18.85
CA LEU A 14 -9.09 -0.03 -19.47
C LEU A 14 -7.63 0.27 -19.72
N ARG A 15 -6.73 -0.65 -19.29
CA ARG A 15 -5.30 -0.56 -19.54
C ARG A 15 -4.90 -2.01 -19.73
N PRO A 16 -4.06 -2.45 -20.66
CA PRO A 16 -3.69 -3.86 -20.79
C PRO A 16 -2.77 -4.32 -19.66
N GLY A 17 -2.85 -5.61 -19.28
CA GLY A 17 -2.05 -6.17 -18.18
C GLY A 17 -0.68 -6.60 -18.62
N ARG A 18 0.05 -5.69 -19.29
CA ARG A 18 1.41 -5.89 -19.80
C ARG A 18 2.44 -6.08 -18.69
N LEU A 19 2.39 -5.24 -17.64
CA LEU A 19 3.35 -5.17 -16.59
C LEU A 19 2.66 -4.98 -15.26
N THR A 20 3.35 -5.33 -14.15
CA THR A 20 3.13 -4.78 -12.82
C THR A 20 4.51 -4.50 -12.25
N GLY A 21 4.61 -3.67 -11.19
CA GLY A 21 5.90 -3.34 -10.58
C GLY A 21 6.29 -4.33 -9.52
N GLU A 22 6.78 -5.50 -9.98
CA GLU A 22 7.09 -6.66 -9.15
C GLU A 22 8.26 -6.48 -8.22
N LEU A 23 9.05 -5.50 -8.62
CA LEU A 23 10.19 -4.94 -7.93
C LEU A 23 9.89 -3.47 -7.66
N PRO A 24 9.36 -3.07 -6.50
CA PRO A 24 9.13 -1.67 -6.19
C PRO A 24 10.45 -0.98 -5.81
N PRO A 25 10.60 0.35 -5.94
CA PRO A 25 11.82 1.06 -5.55
C PRO A 25 11.97 1.23 -4.06
N GLY A 26 10.94 0.86 -3.28
CA GLY A 26 10.87 1.05 -1.83
C GLY A 26 9.67 1.87 -1.45
N ALA A 27 9.07 2.56 -2.44
CA ALA A 27 7.80 3.23 -2.33
C ALA A 27 6.80 2.46 -3.16
N VAL A 28 5.51 2.46 -2.75
CA VAL A 28 4.45 1.81 -3.50
C VAL A 28 3.35 2.83 -3.71
N ARG A 29 3.04 3.18 -4.98
CA ARG A 29 1.86 3.97 -5.25
C ARG A 29 0.73 3.03 -5.66
N ILE A 30 -0.36 3.03 -4.87
CA ILE A 30 -1.47 2.06 -4.98
C ILE A 30 -2.65 2.64 -5.79
N GLY A 31 -3.23 1.86 -6.72
CA GLY A 31 -4.44 2.32 -7.41
C GLY A 31 -4.99 1.34 -8.40
N ARG A 32 -5.60 1.85 -9.50
CA ARG A 32 -6.18 1.05 -10.57
C ARG A 32 -5.21 0.82 -11.70
N ALA A 33 -4.43 1.84 -12.06
CA ALA A 33 -3.58 1.69 -13.24
C ALA A 33 -2.24 1.05 -12.98
N ASN A 34 -1.97 -0.02 -13.76
CA ASN A 34 -0.92 -1.01 -13.51
C ASN A 34 0.43 -0.57 -14.04
N ASP A 35 0.55 0.76 -14.28
CA ASP A 35 1.76 1.46 -14.60
C ASP A 35 2.46 1.78 -13.31
N ASN A 36 1.72 1.75 -12.18
CA ASN A 36 2.23 2.03 -10.89
C ASN A 36 2.67 0.70 -10.31
N ASP A 37 3.21 0.73 -9.09
CA ASP A 37 3.84 -0.42 -8.49
C ASP A 37 2.87 -1.58 -8.26
N ILE A 38 1.68 -1.28 -7.71
CA ILE A 38 0.74 -2.30 -7.26
C ILE A 38 -0.67 -1.85 -7.60
N VAL A 39 -1.44 -2.75 -8.23
CA VAL A 39 -2.85 -2.56 -8.53
C VAL A 39 -3.67 -3.65 -7.92
N ILE A 40 -4.78 -3.26 -7.24
CA ILE A 40 -5.63 -4.17 -6.51
C ILE A 40 -6.82 -4.47 -7.44
N PRO A 41 -7.25 -5.71 -7.70
CA PRO A 41 -8.33 -6.01 -8.64
C PRO A 41 -9.71 -5.67 -8.11
N GLU A 42 -9.81 -5.08 -6.89
CA GLU A 42 -11.05 -4.71 -6.24
C GLU A 42 -11.89 -3.67 -6.94
N VAL A 43 -13.23 -3.88 -6.89
CA VAL A 43 -14.24 -2.95 -7.37
C VAL A 43 -14.27 -1.69 -6.51
N LEU A 44 -13.86 -1.82 -5.23
CA LEU A 44 -13.81 -0.75 -4.26
C LEU A 44 -12.63 0.18 -4.47
N ALA A 45 -11.59 -0.27 -5.21
CA ALA A 45 -10.38 0.48 -5.37
C ALA A 45 -10.53 1.65 -6.33
N SER A 46 -10.07 2.84 -5.90
CA SER A 46 -9.99 4.06 -6.69
C SER A 46 -8.80 4.07 -7.62
N ARG A 47 -8.79 4.96 -8.65
CA ARG A 47 -7.75 5.03 -9.66
C ARG A 47 -6.38 5.35 -9.13
N HIS A 48 -6.31 6.25 -8.14
CA HIS A 48 -5.28 6.26 -7.14
C HIS A 48 -6.02 6.15 -5.83
N HIS A 49 -5.61 5.22 -4.94
CA HIS A 49 -6.35 4.97 -3.72
C HIS A 49 -5.47 5.31 -2.53
N ALA A 50 -4.20 4.86 -2.57
CA ALA A 50 -3.28 5.16 -1.48
C ALA A 50 -1.88 5.27 -1.98
N THR A 51 -1.04 5.90 -1.14
CA THR A 51 0.36 6.00 -1.45
C THR A 51 1.09 5.45 -0.24
N LEU A 52 2.04 4.50 -0.44
CA LEU A 52 3.05 4.20 0.57
C LEU A 52 4.39 4.85 0.21
N VAL A 53 4.99 5.65 1.13
CA VAL A 53 6.33 6.22 0.94
C VAL A 53 7.23 6.00 2.17
N PRO A 54 8.54 5.73 2.02
CA PRO A 54 9.48 5.74 3.12
C PRO A 54 9.77 7.16 3.58
N THR A 55 10.14 7.34 4.87
CA THR A 55 10.42 8.64 5.45
C THR A 55 11.71 8.45 6.24
N PRO A 56 12.44 9.45 6.73
CA PRO A 56 13.59 9.22 7.60
C PRO A 56 13.22 8.66 8.97
N GLY A 57 11.94 8.70 9.39
CA GLY A 57 11.51 8.24 10.72
C GLY A 57 10.62 7.03 10.70
N GLY A 58 10.45 6.36 9.53
CA GLY A 58 9.51 5.25 9.40
C GLY A 58 8.93 5.25 8.02
N THR A 59 7.72 4.68 7.84
CA THR A 59 7.03 4.67 6.56
C THR A 59 5.68 5.29 6.73
N GLU A 60 5.35 6.29 5.89
CA GLU A 60 4.02 6.84 5.80
C GLU A 60 3.14 6.12 4.83
N ILE A 61 1.86 6.03 5.21
CA ILE A 61 0.78 5.69 4.32
C ILE A 61 -0.03 6.95 4.18
N ARG A 62 -0.39 7.32 2.93
CA ARG A 62 -1.19 8.48 2.62
C ARG A 62 -2.43 8.01 1.89
N ASP A 63 -3.60 8.57 2.23
CA ASP A 63 -4.87 8.24 1.62
C ASP A 63 -5.16 9.20 0.48
N ASN A 64 -5.61 8.67 -0.69
CA ASN A 64 -6.35 9.49 -1.62
C ASN A 64 -7.80 9.31 -1.20
N ARG A 65 -8.27 10.25 -0.36
CA ARG A 65 -9.52 10.38 0.37
C ARG A 65 -10.69 10.67 -0.55
N SER A 66 -10.77 9.73 -1.48
CA SER A 66 -11.90 9.30 -2.28
C SER A 66 -12.91 8.58 -1.39
N ILE A 67 -14.04 8.12 -1.96
CA ILE A 67 -15.25 7.75 -1.24
C ILE A 67 -15.06 6.61 -0.23
N ASN A 68 -14.38 5.50 -0.61
CA ASN A 68 -14.26 4.34 0.25
C ASN A 68 -13.24 4.49 1.36
N GLY A 69 -12.05 5.09 1.07
CA GLY A 69 -11.07 5.41 2.10
C GLY A 69 -10.07 4.31 2.40
N THR A 70 -9.05 4.67 3.21
CA THR A 70 -8.01 3.74 3.67
C THR A 70 -8.10 3.72 5.18
N PHE A 71 -8.19 2.51 5.78
CA PHE A 71 -8.31 2.36 7.22
C PHE A 71 -7.03 1.74 7.74
N VAL A 72 -6.48 2.30 8.85
CA VAL A 72 -5.32 1.74 9.53
C VAL A 72 -5.80 1.36 10.91
N ASN A 73 -5.64 0.07 11.31
CA ASN A 73 -6.05 -0.51 12.58
C ASN A 73 -7.51 -0.27 12.92
N GLY A 74 -8.39 -0.23 11.89
CA GLY A 74 -9.82 0.02 12.04
C GLY A 74 -10.23 1.47 11.96
N ALA A 75 -9.27 2.42 11.82
CA ALA A 75 -9.53 3.84 11.84
C ALA A 75 -9.22 4.43 10.48
N ARG A 76 -10.15 5.24 9.94
CA ARG A 76 -9.91 5.95 8.68
C ARG A 76 -9.03 7.16 8.91
N VAL A 77 -7.93 7.27 8.11
CA VAL A 77 -6.90 8.26 8.30
C VAL A 77 -6.55 8.93 6.97
N ASP A 78 -6.06 10.19 7.03
CA ASP A 78 -5.53 10.88 5.86
C ASP A 78 -4.08 10.51 5.61
N ALA A 79 -3.29 10.46 6.69
CA ALA A 79 -1.92 10.03 6.71
C ALA A 79 -1.70 9.36 8.05
N ALA A 80 -0.77 8.40 8.11
CA ALA A 80 -0.42 7.73 9.34
C ALA A 80 0.97 7.20 9.14
N LEU A 81 1.72 6.98 10.24
CA LEU A 81 3.06 6.47 10.18
C LEU A 81 2.94 5.01 10.58
N LEU A 82 3.30 4.09 9.65
CA LEU A 82 3.13 2.67 9.88
C LEU A 82 4.28 2.08 10.68
N HIS A 83 3.88 1.36 11.74
CA HIS A 83 4.72 0.70 12.71
C HIS A 83 4.51 -0.79 12.52
N ASP A 84 5.47 -1.63 12.97
CA ASP A 84 5.47 -3.06 12.76
C ASP A 84 4.28 -3.71 13.44
N GLY A 85 3.51 -4.47 12.64
CA GLY A 85 2.32 -5.15 13.08
C GLY A 85 1.04 -4.37 12.90
N ASP A 86 1.08 -3.14 12.31
CA ASP A 86 -0.12 -2.44 11.93
C ASP A 86 -0.87 -3.13 10.80
N VAL A 87 -2.23 -3.07 10.86
CA VAL A 87 -3.10 -3.71 9.88
C VAL A 87 -3.77 -2.61 9.09
N VAL A 88 -3.69 -2.67 7.75
CA VAL A 88 -4.22 -1.63 6.87
C VAL A 88 -5.31 -2.28 6.04
N THR A 89 -6.51 -1.67 5.96
CA THR A 89 -7.59 -2.19 5.12
C THR A 89 -7.83 -1.25 3.96
N ILE A 90 -7.65 -1.78 2.72
CA ILE A 90 -8.03 -1.14 1.47
C ILE A 90 -8.93 -2.12 0.75
N GLY A 91 -10.20 -1.77 0.44
CA GLY A 91 -11.07 -2.57 -0.43
C GLY A 91 -11.39 -3.98 0.03
N ASN A 92 -11.50 -4.22 1.36
CA ASN A 92 -11.54 -5.52 2.01
C ASN A 92 -10.26 -6.35 1.87
N ILE A 93 -9.12 -5.73 1.50
CA ILE A 93 -7.82 -6.40 1.49
C ILE A 93 -7.16 -5.95 2.79
N ASP A 94 -6.87 -6.90 3.70
CA ASP A 94 -6.18 -6.60 4.94
C ASP A 94 -4.68 -6.83 4.81
N LEU A 95 -3.93 -5.71 4.76
CA LEU A 95 -2.47 -5.66 4.71
C LEU A 95 -1.92 -5.69 6.10
N VAL A 96 -0.76 -6.36 6.25
CA VAL A 96 0.05 -6.33 7.46
C VAL A 96 1.37 -5.69 7.11
N PHE A 97 1.85 -4.77 7.99
CA PHE A 97 3.09 -4.05 7.78
C PHE A 97 4.18 -4.68 8.64
N ALA A 98 5.28 -5.15 8.01
CA ALA A 98 6.42 -5.66 8.74
C ALA A 98 7.71 -5.30 8.03
N ASP A 99 8.66 -4.65 8.76
CA ASP A 99 10.01 -4.35 8.34
C ASP A 99 10.12 -3.61 7.00
N GLY A 100 9.20 -2.65 6.74
CA GLY A 100 9.16 -1.89 5.49
C GLY A 100 8.43 -2.59 4.37
N THR A 101 7.89 -3.80 4.61
CA THR A 101 7.26 -4.62 3.60
C THR A 101 5.78 -4.73 3.91
N LEU A 102 4.95 -4.58 2.85
CA LEU A 102 3.51 -4.76 2.90
C LEU A 102 3.21 -6.16 2.40
N ALA A 103 2.37 -6.92 3.13
CA ALA A 103 1.94 -8.23 2.72
C ALA A 103 0.47 -8.38 3.03
N ARG A 104 -0.27 -9.18 2.23
CA ARG A 104 -1.62 -9.59 2.57
C ARG A 104 -1.58 -10.71 3.60
N ARG A 105 -2.46 -10.66 4.61
CA ARG A 105 -2.73 -11.72 5.52
C ARG A 105 -3.39 -12.91 4.84
N GLU A 106 -2.97 -14.14 5.19
CA GLU A 106 -3.43 -15.35 4.56
C GLU A 106 -4.27 -16.16 5.51
N GLU A 107 -5.39 -16.73 5.02
CA GLU A 107 -6.13 -17.72 5.77
C GLU A 107 -5.60 -19.07 5.34
N ASN A 108 -4.67 -19.65 6.15
CA ASN A 108 -3.94 -20.84 5.75
C ASN A 108 -4.69 -22.15 6.18
N GLY A 1 -16.04 -14.86 6.32
CA GLY A 1 -15.22 -13.80 5.64
C GLY A 1 -16.12 -12.79 5.00
N HIS A 2 -15.61 -12.00 4.03
CA HIS A 2 -16.42 -11.08 3.25
C HIS A 2 -17.20 -11.83 2.17
N MET A 3 -18.35 -11.27 1.73
CA MET A 3 -19.21 -11.87 0.75
C MET A 3 -18.68 -11.80 -0.67
N TRP A 4 -19.09 -12.75 -1.53
CA TRP A 4 -18.69 -12.79 -2.92
C TRP A 4 -19.95 -13.03 -3.72
N ASN A 5 -20.04 -12.46 -4.94
CA ASN A 5 -21.19 -12.61 -5.81
C ASN A 5 -21.31 -14.03 -6.36
N LEU A 6 -22.55 -14.57 -6.40
CA LEU A 6 -22.83 -15.92 -6.89
C LEU A 6 -22.53 -16.10 -8.37
N ALA A 7 -22.86 -15.09 -9.20
CA ALA A 7 -22.54 -15.07 -10.60
C ALA A 7 -21.69 -13.83 -10.88
N THR A 8 -20.76 -13.93 -11.84
CA THR A 8 -19.83 -12.87 -12.19
C THR A 8 -19.94 -12.60 -13.68
N SER A 9 -19.42 -11.43 -14.14
CA SER A 9 -19.35 -11.08 -15.55
C SER A 9 -18.44 -12.01 -16.33
N MET A 10 -18.76 -12.26 -17.62
CA MET A 10 -18.00 -13.11 -18.50
C MET A 10 -16.62 -12.55 -18.82
N MET A 11 -15.58 -13.41 -18.69
CA MET A 11 -14.20 -13.06 -19.05
C MET A 11 -13.73 -14.14 -19.99
N LYS A 12 -13.02 -13.76 -21.08
CA LYS A 12 -12.45 -14.71 -22.02
C LYS A 12 -11.32 -15.55 -21.43
N ILE A 13 -10.40 -14.91 -20.67
CA ILE A 13 -9.31 -15.57 -19.98
C ILE A 13 -9.28 -15.03 -18.56
N LEU A 14 -8.66 -15.77 -17.63
CA LEU A 14 -8.42 -15.31 -16.28
C LEU A 14 -6.93 -15.12 -16.12
N ARG A 15 -6.48 -13.89 -15.73
CA ARG A 15 -5.08 -13.59 -15.53
C ARG A 15 -4.75 -13.69 -14.04
N PRO A 16 -3.77 -14.45 -13.58
CA PRO A 16 -3.26 -14.35 -12.21
C PRO A 16 -2.37 -13.13 -12.08
N GLY A 17 -1.97 -12.75 -10.84
CA GLY A 17 -0.95 -11.74 -10.63
C GLY A 17 0.42 -12.36 -10.67
N ARG A 18 0.84 -12.96 -9.53
CA ARG A 18 2.04 -13.80 -9.41
C ARG A 18 3.36 -13.19 -9.86
N LEU A 19 3.56 -11.88 -9.63
CA LEU A 19 4.84 -11.22 -9.90
C LEU A 19 5.47 -10.88 -8.57
N THR A 20 6.78 -11.16 -8.45
CA THR A 20 7.53 -11.07 -7.21
C THR A 20 8.90 -10.53 -7.55
N GLY A 21 9.63 -9.99 -6.55
CA GLY A 21 11.00 -9.57 -6.72
C GLY A 21 11.67 -9.65 -5.38
N GLU A 22 13.00 -9.92 -5.36
CA GLU A 22 13.76 -10.15 -4.13
C GLU A 22 14.18 -8.90 -3.40
N LEU A 23 13.95 -7.79 -4.09
CA LEU A 23 14.28 -6.44 -3.67
C LEU A 23 12.96 -5.68 -3.53
N PRO A 24 12.55 -5.13 -2.39
CA PRO A 24 11.37 -4.27 -2.31
C PRO A 24 11.66 -2.90 -2.91
N PRO A 25 10.68 -2.16 -3.45
CA PRO A 25 10.92 -0.92 -4.20
C PRO A 25 11.24 0.26 -3.31
N GLY A 26 11.07 0.16 -1.98
CA GLY A 26 11.32 1.25 -1.04
C GLY A 26 10.11 2.10 -0.83
N ALA A 27 9.54 2.64 -1.92
CA ALA A 27 8.27 3.34 -1.92
C ALA A 27 7.26 2.53 -2.71
N VAL A 28 6.01 2.46 -2.25
CA VAL A 28 4.95 1.71 -2.92
C VAL A 28 3.82 2.64 -3.24
N ARG A 29 3.49 2.83 -4.54
CA ARG A 29 2.21 3.37 -4.90
C ARG A 29 1.20 2.22 -4.91
N ILE A 30 0.08 2.37 -4.18
CA ILE A 30 -0.99 1.37 -4.12
C ILE A 30 -2.14 1.82 -5.02
N GLY A 31 -2.66 0.93 -5.90
CA GLY A 31 -3.83 1.29 -6.69
C GLY A 31 -4.48 0.14 -7.40
N ARG A 32 -5.16 0.46 -8.52
CA ARG A 32 -5.99 -0.45 -9.30
C ARG A 32 -5.42 -0.71 -10.68
N ALA A 33 -4.56 0.18 -11.19
CA ALA A 33 -3.89 -0.06 -12.45
C ALA A 33 -2.42 -0.32 -12.27
N ASN A 34 -1.82 -1.08 -13.22
CA ASN A 34 -0.47 -1.59 -13.17
C ASN A 34 0.55 -0.55 -13.65
N ASP A 35 0.20 0.73 -13.43
CA ASP A 35 1.05 1.89 -13.44
C ASP A 35 1.67 2.04 -12.08
N ASN A 36 1.02 1.48 -11.03
CA ASN A 36 1.47 1.58 -9.70
C ASN A 36 2.37 0.38 -9.46
N ASP A 37 3.09 0.39 -8.33
CA ASP A 37 3.92 -0.70 -7.89
C ASP A 37 3.11 -1.96 -7.56
N ILE A 38 1.97 -1.77 -6.87
CA ILE A 38 1.18 -2.85 -6.29
C ILE A 38 -0.27 -2.56 -6.57
N VAL A 39 -0.99 -3.57 -7.10
CA VAL A 39 -2.33 -3.40 -7.61
C VAL A 39 -3.28 -4.35 -6.94
N ILE A 40 -4.42 -3.83 -6.43
CA ILE A 40 -5.40 -4.65 -5.72
C ILE A 40 -6.49 -4.98 -6.72
N PRO A 41 -6.85 -6.23 -7.02
CA PRO A 41 -7.92 -6.56 -7.97
C PRO A 41 -9.31 -6.33 -7.36
N GLU A 42 -9.65 -5.07 -7.05
CA GLU A 42 -10.92 -4.66 -6.48
C GLU A 42 -11.70 -3.65 -7.27
N VAL A 43 -13.04 -3.84 -7.25
CA VAL A 43 -14.09 -2.95 -7.72
C VAL A 43 -14.07 -1.67 -6.89
N LEU A 44 -13.86 -1.82 -5.57
CA LEU A 44 -13.86 -0.73 -4.61
C LEU A 44 -12.54 0.02 -4.55
N ALA A 45 -11.52 -0.37 -5.35
CA ALA A 45 -10.27 0.35 -5.43
C ALA A 45 -10.36 1.53 -6.39
N SER A 46 -9.47 2.51 -6.19
CA SER A 46 -9.30 3.68 -7.04
C SER A 46 -8.00 3.52 -7.81
N ARG A 47 -7.81 4.28 -8.92
CA ARG A 47 -6.69 4.12 -9.84
C ARG A 47 -5.33 4.34 -9.19
N HIS A 48 -5.23 5.37 -8.31
CA HIS A 48 -4.20 5.50 -7.31
C HIS A 48 -5.00 5.64 -6.05
N HIS A 49 -4.84 4.72 -5.08
CA HIS A 49 -5.75 4.66 -3.93
C HIS A 49 -5.04 5.18 -2.71
N ALA A 50 -3.78 4.74 -2.53
CA ALA A 50 -2.97 5.17 -1.42
C ALA A 50 -1.52 5.11 -1.84
N THR A 51 -0.63 5.86 -1.18
CA THR A 51 0.78 5.80 -1.41
C THR A 51 1.49 5.50 -0.13
N LEU A 52 2.53 4.65 -0.23
CA LEU A 52 3.55 4.51 0.80
C LEU A 52 4.79 5.27 0.39
N VAL A 53 5.29 6.19 1.26
CA VAL A 53 6.53 6.88 1.03
C VAL A 53 7.41 6.80 2.29
N PRO A 54 8.73 6.60 2.19
CA PRO A 54 9.63 6.68 3.35
C PRO A 54 9.83 8.11 3.77
N THR A 55 10.13 8.35 5.07
CA THR A 55 10.31 9.68 5.62
C THR A 55 11.57 9.60 6.46
N PRO A 56 12.22 10.66 6.94
CA PRO A 56 13.34 10.53 7.87
C PRO A 56 12.94 10.04 9.26
N GLY A 57 11.63 10.03 9.62
CA GLY A 57 11.18 9.65 10.95
C GLY A 57 10.37 8.37 10.98
N GLY A 58 10.30 7.63 9.86
CA GLY A 58 9.44 6.46 9.75
C GLY A 58 8.98 6.32 8.32
N THR A 59 7.88 5.59 8.08
CA THR A 59 7.27 5.48 6.77
C THR A 59 5.84 5.92 6.89
N GLU A 60 5.43 6.87 6.02
CA GLU A 60 4.05 7.28 5.91
C GLU A 60 3.27 6.45 4.92
N ILE A 61 2.00 6.21 5.28
CA ILE A 61 0.97 5.83 4.34
C ILE A 61 0.14 7.08 4.16
N ARG A 62 -0.14 7.46 2.89
CA ARG A 62 -0.92 8.64 2.57
C ARG A 62 -2.11 8.19 1.73
N ASP A 63 -3.34 8.61 2.12
CA ASP A 63 -4.55 7.95 1.69
C ASP A 63 -5.51 8.86 0.94
N ASN A 64 -6.31 8.27 0.01
CA ASN A 64 -7.43 8.94 -0.60
C ASN A 64 -8.61 8.80 0.34
N ARG A 65 -8.64 9.73 1.32
CA ARG A 65 -9.68 9.93 2.31
C ARG A 65 -11.03 10.31 1.72
N SER A 66 -11.00 10.88 0.49
CA SER A 66 -12.11 11.64 -0.08
C SER A 66 -13.07 10.75 -0.83
N ILE A 67 -12.58 9.86 -1.72
CA ILE A 67 -13.46 9.10 -2.60
C ILE A 67 -13.86 7.79 -1.94
N ASN A 68 -12.88 7.03 -1.41
CA ASN A 68 -13.13 5.72 -0.83
C ASN A 68 -12.84 5.69 0.65
N GLY A 69 -11.69 6.26 1.08
CA GLY A 69 -11.22 6.16 2.45
C GLY A 69 -10.29 4.95 2.61
N THR A 70 -9.41 4.98 3.62
CA THR A 70 -8.52 3.88 3.96
C THR A 70 -8.50 3.73 5.46
N PHE A 71 -8.56 2.50 5.99
CA PHE A 71 -8.50 2.27 7.42
C PHE A 71 -7.14 1.69 7.78
N VAL A 72 -6.52 2.18 8.87
CA VAL A 72 -5.32 1.59 9.45
C VAL A 72 -5.69 1.17 10.86
N ASN A 73 -5.52 -0.13 11.20
CA ASN A 73 -5.82 -0.75 12.49
C ASN A 73 -7.27 -0.51 12.93
N GLY A 74 -8.22 -0.42 11.97
CA GLY A 74 -9.62 -0.14 12.24
C GLY A 74 -9.98 1.33 12.27
N ALA A 75 -9.02 2.26 12.12
CA ALA A 75 -9.25 3.68 12.21
C ALA A 75 -9.04 4.31 10.84
N ARG A 76 -10.00 5.14 10.39
CA ARG A 76 -9.93 5.82 9.11
C ARG A 76 -9.03 7.03 9.21
N VAL A 77 -8.02 7.13 8.32
CA VAL A 77 -6.97 8.12 8.40
C VAL A 77 -6.69 8.77 7.06
N ASP A 78 -6.15 10.01 7.07
CA ASP A 78 -5.67 10.70 5.89
C ASP A 78 -4.22 10.38 5.61
N ALA A 79 -3.39 10.36 6.68
CA ALA A 79 -2.01 10.01 6.64
C ALA A 79 -1.68 9.42 7.99
N ALA A 80 -0.71 8.49 8.06
CA ALA A 80 -0.30 7.90 9.30
C ALA A 80 1.10 7.35 9.14
N LEU A 81 1.86 7.21 10.25
CA LEU A 81 3.12 6.51 10.26
C LEU A 81 2.87 5.04 10.52
N LEU A 82 3.40 4.14 9.67
CA LEU A 82 3.28 2.72 9.87
C LEU A 82 4.53 2.12 10.47
N HIS A 83 4.31 1.21 11.44
CA HIS A 83 5.32 0.41 12.08
C HIS A 83 5.00 -1.04 11.74
N ASP A 84 6.00 -1.95 11.83
CA ASP A 84 5.90 -3.31 11.37
C ASP A 84 4.82 -4.07 12.11
N GLY A 85 3.91 -4.67 11.33
CA GLY A 85 2.77 -5.40 11.83
C GLY A 85 1.48 -4.61 11.91
N ASP A 86 1.45 -3.30 11.53
CA ASP A 86 0.20 -2.58 11.37
C ASP A 86 -0.63 -3.12 10.21
N VAL A 87 -1.97 -3.08 10.36
CA VAL A 87 -2.92 -3.70 9.43
C VAL A 87 -3.70 -2.59 8.76
N VAL A 88 -3.77 -2.62 7.41
CA VAL A 88 -4.38 -1.58 6.60
C VAL A 88 -5.54 -2.24 5.88
N THR A 89 -6.75 -1.63 5.84
CA THR A 89 -7.86 -2.19 5.07
C THR A 89 -8.12 -1.28 3.88
N ILE A 90 -7.97 -1.81 2.64
CA ILE A 90 -8.26 -1.12 1.38
C ILE A 90 -9.16 -2.03 0.57
N GLY A 91 -10.36 -1.55 0.14
CA GLY A 91 -11.23 -2.28 -0.79
C GLY A 91 -11.80 -3.57 -0.25
N ASN A 92 -11.99 -3.62 1.09
CA ASN A 92 -12.30 -4.80 1.90
C ASN A 92 -11.21 -5.88 1.85
N ILE A 93 -9.95 -5.50 1.52
CA ILE A 93 -8.80 -6.37 1.54
C ILE A 93 -7.96 -5.92 2.71
N ASP A 94 -7.61 -6.84 3.63
CA ASP A 94 -6.72 -6.53 4.73
C ASP A 94 -5.29 -6.68 4.25
N LEU A 95 -4.45 -5.66 4.50
CA LEU A 95 -3.05 -5.66 4.18
C LEU A 95 -2.23 -5.51 5.42
N VAL A 96 -1.03 -6.12 5.43
CA VAL A 96 -0.13 -6.12 6.57
C VAL A 96 1.18 -5.47 6.17
N PHE A 97 1.70 -4.55 7.01
CA PHE A 97 2.89 -3.76 6.72
C PHE A 97 4.13 -4.45 7.27
N ALA A 98 5.11 -4.74 6.39
CA ALA A 98 6.41 -5.23 6.80
C ALA A 98 7.49 -4.60 5.94
N ASP A 99 8.52 -4.00 6.57
CA ASP A 99 9.73 -3.47 5.95
C ASP A 99 9.46 -2.49 4.80
N GLY A 100 8.47 -1.58 4.96
CA GLY A 100 8.12 -0.57 3.97
C GLY A 100 7.06 -1.00 2.99
N THR A 101 6.70 -2.30 2.94
CA THR A 101 5.88 -2.87 1.87
C THR A 101 4.68 -3.55 2.46
N LEU A 102 3.51 -3.39 1.79
CA LEU A 102 2.31 -4.11 2.17
C LEU A 102 2.26 -5.48 1.52
N ALA A 103 1.91 -6.51 2.31
CA ALA A 103 1.63 -7.85 1.84
C ALA A 103 0.16 -8.11 2.11
N ARG A 104 -0.47 -9.02 1.32
CA ARG A 104 -1.87 -9.29 1.43
C ARG A 104 -2.18 -10.22 2.58
N ARG A 105 -3.07 -9.78 3.49
CA ARG A 105 -3.35 -10.52 4.72
C ARG A 105 -4.67 -11.27 4.64
N GLU A 106 -4.63 -12.59 4.90
CA GLU A 106 -5.75 -13.46 4.97
C GLU A 106 -5.61 -14.29 6.23
N GLU A 107 -6.75 -14.74 6.83
CA GLU A 107 -6.76 -15.55 8.05
C GLU A 107 -6.36 -16.96 7.73
N ASN A 108 -6.81 -17.32 6.54
CA ASN A 108 -6.88 -18.65 5.96
C ASN A 108 -5.48 -19.31 5.76
N GLY A 1 1.18 33.19 -21.28
CA GLY A 1 0.48 32.64 -22.50
C GLY A 1 -0.86 33.31 -22.66
N HIS A 2 -1.52 33.10 -23.82
CA HIS A 2 -2.81 33.68 -24.11
C HIS A 2 -3.75 32.56 -24.49
N MET A 3 -5.06 32.72 -24.22
CA MET A 3 -6.09 31.83 -24.75
C MET A 3 -6.48 32.30 -26.14
N TRP A 4 -6.74 31.34 -27.06
CA TRP A 4 -7.20 31.56 -28.43
C TRP A 4 -6.26 32.36 -29.33
N ASN A 5 -4.94 32.35 -29.05
CA ASN A 5 -3.92 32.77 -30.00
C ASN A 5 -3.17 31.52 -30.41
N LEU A 6 -2.90 31.36 -31.73
CA LEU A 6 -2.22 30.19 -32.25
C LEU A 6 -1.48 30.59 -33.50
N ALA A 7 -0.54 29.72 -33.95
CA ALA A 7 0.21 29.90 -35.16
C ALA A 7 -0.15 28.76 -36.11
N THR A 8 -0.03 28.99 -37.44
CA THR A 8 -0.38 28.00 -38.46
C THR A 8 0.64 26.88 -38.60
N SER A 9 1.89 27.10 -38.17
CA SER A 9 2.91 26.07 -38.11
C SER A 9 3.57 26.22 -36.75
N MET A 10 3.90 25.09 -36.10
CA MET A 10 4.52 25.09 -34.78
C MET A 10 5.22 23.76 -34.62
N MET A 11 6.15 23.65 -33.65
CA MET A 11 6.82 22.40 -33.34
C MET A 11 6.02 21.62 -32.30
N LYS A 12 5.93 20.28 -32.47
CA LYS A 12 5.28 19.41 -31.52
C LYS A 12 6.27 18.30 -31.22
N ILE A 13 6.39 17.90 -29.93
CA ILE A 13 7.37 16.92 -29.50
C ILE A 13 6.68 15.58 -29.34
N LEU A 14 7.21 14.54 -30.01
CA LEU A 14 6.73 13.17 -29.90
C LEU A 14 7.75 12.39 -29.08
N ARG A 15 7.29 11.45 -28.22
CA ARG A 15 8.18 10.64 -27.41
C ARG A 15 8.91 9.58 -28.23
N PRO A 16 10.18 9.26 -27.98
CA PRO A 16 10.92 8.26 -28.74
C PRO A 16 10.48 6.85 -28.40
N GLY A 17 10.70 5.89 -29.33
CA GLY A 17 10.43 4.48 -29.10
C GLY A 17 11.65 3.82 -28.51
N ARG A 18 11.81 3.91 -27.17
CA ARG A 18 12.92 3.35 -26.45
C ARG A 18 12.30 2.61 -25.28
N LEU A 19 12.71 1.35 -25.10
CA LEU A 19 12.25 0.47 -24.04
C LEU A 19 12.95 0.82 -22.72
N THR A 20 12.21 0.73 -21.59
CA THR A 20 12.64 1.15 -20.28
C THR A 20 13.60 0.17 -19.62
N GLY A 21 14.30 0.64 -18.56
CA GLY A 21 15.09 -0.21 -17.68
C GLY A 21 14.27 -0.70 -16.52
N GLU A 22 14.93 -1.22 -15.46
CA GLU A 22 14.32 -1.71 -14.28
C GLU A 22 15.17 -1.21 -13.15
N LEU A 23 14.51 -0.72 -12.09
CA LEU A 23 15.10 0.02 -11.02
C LEU A 23 14.24 -0.25 -9.81
N PRO A 24 14.68 -0.11 -8.56
CA PRO A 24 13.78 -0.21 -7.40
C PRO A 24 12.82 0.98 -7.37
N PRO A 25 11.57 0.86 -6.90
CA PRO A 25 10.54 1.86 -7.14
C PRO A 25 10.67 3.10 -6.28
N GLY A 26 11.43 3.06 -5.16
CA GLY A 26 11.58 4.19 -4.26
C GLY A 26 10.44 4.33 -3.28
N ALA A 27 9.21 4.48 -3.83
CA ALA A 27 7.97 4.61 -3.11
C ALA A 27 6.98 3.62 -3.70
N VAL A 28 5.90 3.28 -2.94
CA VAL A 28 4.90 2.33 -3.38
C VAL A 28 3.59 3.06 -3.48
N ARG A 29 2.88 2.95 -4.62
CA ARG A 29 1.54 3.50 -4.69
C ARG A 29 0.56 2.35 -4.60
N ILE A 30 -0.50 2.49 -3.79
CA ILE A 30 -1.56 1.49 -3.71
C ILE A 30 -2.63 1.88 -4.71
N GLY A 31 -3.06 0.92 -5.55
CA GLY A 31 -4.09 1.21 -6.54
C GLY A 31 -4.46 0.01 -7.36
N ARG A 32 -4.98 0.27 -8.58
CA ARG A 32 -5.51 -0.72 -9.49
C ARG A 32 -4.55 -1.06 -10.61
N ALA A 33 -3.70 -0.11 -11.08
CA ALA A 33 -2.83 -0.37 -12.20
C ALA A 33 -1.42 -0.75 -11.82
N ASN A 34 -0.87 -1.78 -12.51
CA ASN A 34 0.26 -2.56 -12.04
C ASN A 34 1.60 -1.91 -12.41
N ASP A 35 1.56 -0.59 -12.68
CA ASP A 35 2.70 0.30 -12.73
C ASP A 35 3.11 0.69 -11.33
N ASN A 36 2.17 0.59 -10.37
CA ASN A 36 2.28 1.23 -9.09
C ASN A 36 3.03 0.42 -8.06
N ASP A 37 3.62 -0.72 -8.48
CA ASP A 37 4.32 -1.73 -7.70
C ASP A 37 3.39 -2.68 -6.94
N ILE A 38 2.38 -2.17 -6.18
CA ILE A 38 1.47 -3.03 -5.42
C ILE A 38 0.04 -2.70 -5.78
N VAL A 39 -0.70 -3.72 -6.30
CA VAL A 39 -2.06 -3.61 -6.78
C VAL A 39 -3.00 -4.57 -6.09
N ILE A 40 -4.19 -4.05 -5.69
CA ILE A 40 -5.22 -4.83 -5.01
C ILE A 40 -6.23 -5.25 -6.09
N PRO A 41 -6.58 -6.51 -6.32
CA PRO A 41 -7.54 -6.89 -7.37
C PRO A 41 -8.98 -6.59 -6.96
N GLU A 42 -9.34 -5.30 -6.80
CA GLU A 42 -10.66 -4.83 -6.43
C GLU A 42 -11.30 -3.85 -7.39
N VAL A 43 -12.64 -3.99 -7.51
CA VAL A 43 -13.57 -3.08 -8.16
C VAL A 43 -13.57 -1.76 -7.41
N LEU A 44 -13.56 -1.83 -6.06
CA LEU A 44 -13.53 -0.69 -5.17
C LEU A 44 -12.22 0.09 -5.20
N ALA A 45 -11.12 -0.48 -5.76
CA ALA A 45 -9.84 0.18 -5.78
C ALA A 45 -9.73 1.18 -6.92
N SER A 46 -9.46 2.47 -6.59
CA SER A 46 -9.13 3.52 -7.54
C SER A 46 -7.77 3.29 -8.19
N ARG A 47 -7.49 3.94 -9.35
CA ARG A 47 -6.27 3.72 -10.11
C ARG A 47 -5.02 4.08 -9.31
N HIS A 48 -5.05 5.22 -8.59
CA HIS A 48 -4.26 5.43 -7.40
C HIS A 48 -5.26 5.64 -6.28
N HIS A 49 -5.13 4.87 -5.18
CA HIS A 49 -6.10 4.87 -4.09
C HIS A 49 -5.46 5.44 -2.85
N ALA A 50 -4.22 5.01 -2.56
CA ALA A 50 -3.49 5.47 -1.40
C ALA A 50 -2.03 5.41 -1.76
N THR A 51 -1.14 6.14 -1.06
CA THR A 51 0.26 6.16 -1.34
C THR A 51 1.05 5.80 -0.12
N LEU A 52 2.14 5.04 -0.32
CA LEU A 52 3.19 4.87 0.68
C LEU A 52 4.41 5.68 0.24
N VAL A 53 4.92 6.56 1.12
CA VAL A 53 6.12 7.34 0.84
C VAL A 53 7.14 7.18 1.96
N PRO A 54 8.44 7.04 1.70
CA PRO A 54 9.46 6.97 2.74
C PRO A 54 9.68 8.32 3.40
N THR A 55 10.09 8.31 4.68
CA THR A 55 10.31 9.51 5.46
C THR A 55 11.64 9.27 6.16
N PRO A 56 12.34 10.22 6.79
CA PRO A 56 13.55 9.90 7.56
C PRO A 56 13.28 9.11 8.83
N GLY A 57 12.01 9.00 9.30
CA GLY A 57 11.68 8.29 10.54
C GLY A 57 10.87 7.04 10.35
N GLY A 58 10.69 6.56 9.10
CA GLY A 58 9.83 5.42 8.81
C GLY A 58 9.14 5.64 7.49
N THR A 59 7.98 5.01 7.28
CA THR A 59 7.19 5.17 6.06
C THR A 59 5.81 5.64 6.43
N GLU A 60 5.36 6.74 5.79
CA GLU A 60 3.99 7.20 5.87
C GLU A 60 3.11 6.59 4.82
N ILE A 61 1.85 6.31 5.24
CA ILE A 61 0.77 5.97 4.36
C ILE A 61 -0.12 7.20 4.28
N ARG A 62 -0.55 7.58 3.06
CA ARG A 62 -1.40 8.75 2.85
C ARG A 62 -2.63 8.32 2.06
N ASP A 63 -3.81 8.90 2.40
CA ASP A 63 -5.09 8.45 1.87
C ASP A 63 -5.53 9.10 0.55
N ASN A 64 -6.67 8.61 0.03
CA ASN A 64 -7.61 9.40 -0.75
C ASN A 64 -8.94 9.17 -0.04
N ARG A 65 -9.37 10.18 0.72
CA ARG A 65 -10.59 10.22 1.52
C ARG A 65 -11.89 10.19 0.75
N SER A 66 -11.86 10.56 -0.56
CA SER A 66 -13.00 11.06 -1.31
C SER A 66 -14.15 10.08 -1.49
N ILE A 67 -13.88 8.79 -1.83
CA ILE A 67 -14.95 7.84 -2.10
C ILE A 67 -15.03 6.79 -1.01
N ASN A 68 -13.94 6.00 -0.81
CA ASN A 68 -13.92 4.93 0.18
C ASN A 68 -13.09 5.31 1.39
N GLY A 69 -11.90 5.93 1.17
CA GLY A 69 -10.95 6.23 2.23
C GLY A 69 -10.00 5.09 2.45
N THR A 70 -9.14 5.20 3.49
CA THR A 70 -8.21 4.16 3.91
C THR A 70 -8.34 4.01 5.41
N PHE A 71 -8.42 2.77 5.94
CA PHE A 71 -8.41 2.55 7.38
C PHE A 71 -7.11 1.87 7.74
N VAL A 72 -6.46 2.30 8.84
CA VAL A 72 -5.26 1.65 9.38
C VAL A 72 -5.62 1.18 10.77
N ASN A 73 -5.48 -0.14 11.05
CA ASN A 73 -5.76 -0.80 12.32
C ASN A 73 -7.19 -0.58 12.81
N GLY A 74 -8.15 -0.39 11.86
CA GLY A 74 -9.55 -0.10 12.17
C GLY A 74 -9.87 1.36 12.30
N ALA A 75 -8.88 2.26 12.17
CA ALA A 75 -9.05 3.69 12.35
C ALA A 75 -8.90 4.39 11.02
N ARG A 76 -9.81 5.32 10.71
CA ARG A 76 -9.76 6.10 9.49
C ARG A 76 -8.79 7.24 9.65
N VAL A 77 -7.82 7.36 8.72
CA VAL A 77 -6.70 8.27 8.85
C VAL A 77 -6.44 9.03 7.57
N ASP A 78 -5.93 10.28 7.69
CA ASP A 78 -5.48 11.07 6.56
C ASP A 78 -4.05 10.67 6.20
N ALA A 79 -3.20 10.55 7.24
CA ALA A 79 -1.83 10.11 7.14
C ALA A 79 -1.56 9.37 8.41
N ALA A 80 -0.61 8.41 8.39
CA ALA A 80 -0.25 7.65 9.55
C ALA A 80 1.13 7.16 9.24
N LEU A 81 1.93 6.84 10.27
CA LEU A 81 3.28 6.38 10.07
C LEU A 81 3.23 4.90 10.37
N LEU A 82 3.65 4.03 9.43
CA LEU A 82 3.49 2.60 9.58
C LEU A 82 4.73 1.94 10.13
N HIS A 83 4.48 0.98 11.06
CA HIS A 83 5.48 0.19 11.72
C HIS A 83 5.13 -1.27 11.46
N ASP A 84 6.10 -2.19 11.71
CA ASP A 84 6.05 -3.58 11.32
C ASP A 84 4.90 -4.29 12.04
N GLY A 85 3.91 -4.77 11.25
CA GLY A 85 2.74 -5.47 11.74
C GLY A 85 1.45 -4.67 11.74
N ASP A 86 1.43 -3.42 11.20
CA ASP A 86 0.19 -2.69 11.03
C ASP A 86 -0.66 -3.24 9.91
N VAL A 87 -2.01 -3.17 10.07
CA VAL A 87 -2.96 -3.74 9.14
C VAL A 87 -3.76 -2.59 8.52
N VAL A 88 -3.82 -2.54 7.17
CA VAL A 88 -4.43 -1.47 6.42
C VAL A 88 -5.63 -2.07 5.68
N THR A 89 -6.82 -1.45 5.74
CA THR A 89 -7.99 -1.95 5.01
C THR A 89 -8.33 -0.97 3.90
N ILE A 90 -8.22 -1.47 2.64
CA ILE A 90 -8.65 -0.81 1.41
C ILE A 90 -9.46 -1.82 0.61
N GLY A 91 -10.67 -1.43 0.11
CA GLY A 91 -11.44 -2.27 -0.81
C GLY A 91 -12.03 -3.50 -0.17
N ASN A 92 -12.19 -3.46 1.18
CA ASN A 92 -12.49 -4.57 2.07
C ASN A 92 -11.41 -5.65 2.08
N ILE A 93 -10.16 -5.30 1.70
CA ILE A 93 -9.03 -6.22 1.67
C ILE A 93 -8.06 -5.75 2.73
N ASP A 94 -7.62 -6.68 3.62
CA ASP A 94 -6.66 -6.39 4.67
C ASP A 94 -5.21 -6.59 4.21
N LEU A 95 -4.48 -5.46 4.14
CA LEU A 95 -3.07 -5.36 3.74
C LEU A 95 -2.22 -5.25 4.97
N VAL A 96 -1.11 -6.00 5.02
CA VAL A 96 -0.32 -6.14 6.22
C VAL A 96 1.04 -5.56 5.91
N PHE A 97 1.53 -4.62 6.75
CA PHE A 97 2.78 -3.93 6.51
C PHE A 97 3.90 -4.62 7.26
N ALA A 98 4.91 -5.14 6.54
CA ALA A 98 6.06 -5.74 7.19
C ALA A 98 7.33 -5.47 6.40
N ASP A 99 8.41 -5.09 7.10
CA ASP A 99 9.73 -4.79 6.57
C ASP A 99 9.72 -3.81 5.40
N GLY A 100 8.86 -2.76 5.46
CA GLY A 100 8.72 -1.76 4.41
C GLY A 100 7.79 -2.14 3.29
N THR A 101 7.25 -3.38 3.28
CA THR A 101 6.53 -3.95 2.15
C THR A 101 5.13 -4.32 2.61
N LEU A 102 4.11 -4.05 1.76
CA LEU A 102 2.75 -4.51 2.02
C LEU A 102 2.54 -5.89 1.44
N ALA A 103 1.91 -6.77 2.24
CA ALA A 103 1.50 -8.09 1.83
C ALA A 103 -0.01 -8.19 1.96
N ARG A 104 -0.69 -8.86 1.00
CA ARG A 104 -2.09 -9.14 1.06
C ARG A 104 -2.28 -10.44 1.82
N ARG A 105 -3.11 -10.43 2.89
CA ARG A 105 -3.29 -11.60 3.72
C ARG A 105 -4.30 -12.56 3.11
N GLU A 106 -3.93 -13.86 3.02
CA GLU A 106 -4.73 -14.87 2.39
C GLU A 106 -4.68 -16.10 3.27
N GLU A 107 -5.82 -16.83 3.40
CA GLU A 107 -5.90 -18.01 4.24
C GLU A 107 -5.42 -19.21 3.44
N ASN A 108 -4.08 -19.30 3.25
CA ASN A 108 -3.45 -20.29 2.38
C ASN A 108 -3.61 -21.76 2.90
N GLY A 1 -19.40 0.63 -7.87
CA GLY A 1 -20.64 -0.18 -7.56
C GLY A 1 -20.50 -1.57 -8.12
N HIS A 2 -21.64 -2.28 -8.27
CA HIS A 2 -21.66 -3.63 -8.80
C HIS A 2 -22.99 -3.80 -9.49
N MET A 3 -23.16 -4.90 -10.25
CA MET A 3 -24.42 -5.26 -10.86
C MET A 3 -25.39 -5.85 -9.84
N TRP A 4 -26.71 -5.78 -10.13
CA TRP A 4 -27.76 -6.23 -9.22
C TRP A 4 -28.11 -7.69 -9.44
N ASN A 5 -27.54 -8.35 -10.48
CA ASN A 5 -27.81 -9.72 -10.81
C ASN A 5 -26.92 -10.63 -9.97
N LEU A 6 -27.53 -11.59 -9.25
CA LEU A 6 -26.87 -12.65 -8.50
C LEU A 6 -26.10 -13.61 -9.40
N ALA A 7 -26.66 -13.95 -10.58
CA ALA A 7 -26.03 -14.87 -11.51
C ALA A 7 -24.94 -14.19 -12.32
N THR A 8 -23.82 -14.91 -12.57
CA THR A 8 -22.66 -14.39 -13.28
C THR A 8 -23.00 -14.08 -14.73
N SER A 9 -22.81 -12.80 -15.15
CA SER A 9 -23.13 -12.35 -16.49
C SER A 9 -21.87 -12.23 -17.33
N MET A 10 -20.80 -11.64 -16.74
CA MET A 10 -19.49 -11.56 -17.35
C MET A 10 -18.53 -11.64 -16.17
N MET A 11 -17.36 -12.27 -16.35
CA MET A 11 -16.37 -12.39 -15.29
C MET A 11 -14.99 -12.30 -15.90
N LYS A 12 -13.99 -11.96 -15.07
CA LYS A 12 -12.58 -11.98 -15.44
C LYS A 12 -11.89 -12.85 -14.41
N ILE A 13 -10.80 -13.54 -14.81
CA ILE A 13 -10.06 -14.42 -13.91
C ILE A 13 -9.15 -13.63 -12.98
N LEU A 14 -9.04 -14.09 -11.71
CA LEU A 14 -8.22 -13.44 -10.70
C LEU A 14 -7.03 -14.30 -10.39
N ARG A 15 -5.84 -13.67 -10.28
CA ARG A 15 -4.57 -14.28 -9.89
C ARG A 15 -4.16 -15.57 -10.61
N PRO A 16 -3.95 -15.60 -11.94
CA PRO A 16 -3.67 -16.82 -12.68
C PRO A 16 -2.30 -17.43 -12.42
N GLY A 17 -1.36 -16.69 -11.79
CA GLY A 17 -0.05 -17.21 -11.40
C GLY A 17 0.97 -17.21 -12.50
N ARG A 18 0.65 -16.58 -13.65
CA ARG A 18 1.48 -16.53 -14.85
C ARG A 18 2.80 -15.79 -14.68
N LEU A 19 2.83 -14.71 -13.87
CA LEU A 19 4.03 -14.03 -13.48
C LEU A 19 4.00 -13.95 -11.97
N THR A 20 5.16 -14.11 -11.31
CA THR A 20 5.30 -14.04 -9.87
C THR A 20 6.50 -13.16 -9.58
N GLY A 21 6.55 -12.55 -8.38
CA GLY A 21 7.63 -11.68 -7.95
C GLY A 21 7.27 -10.23 -8.06
N GLU A 22 7.29 -9.51 -6.92
CA GLU A 22 7.14 -8.08 -6.85
C GLU A 22 8.33 -7.58 -6.06
N LEU A 23 9.01 -6.51 -6.54
CA LEU A 23 10.11 -5.90 -5.83
C LEU A 23 9.81 -4.41 -5.76
N PRO A 24 9.58 -3.77 -4.62
CA PRO A 24 9.35 -2.33 -4.59
C PRO A 24 10.66 -1.55 -4.74
N PRO A 25 10.68 -0.32 -5.26
CA PRO A 25 11.88 0.52 -5.31
C PRO A 25 12.23 1.14 -3.96
N GLY A 26 11.33 1.04 -2.96
CA GLY A 26 11.51 1.64 -1.64
C GLY A 26 10.31 2.46 -1.25
N ALA A 27 9.51 2.87 -2.25
CA ALA A 27 8.20 3.45 -2.06
C ALA A 27 7.21 2.53 -2.75
N VAL A 28 5.98 2.43 -2.23
CA VAL A 28 4.95 1.56 -2.81
C VAL A 28 3.75 2.43 -3.10
N ARG A 29 3.24 2.44 -4.34
CA ARG A 29 1.96 3.08 -4.58
C ARG A 29 0.90 2.00 -4.49
N ILE A 30 -0.25 2.29 -3.86
CA ILE A 30 -1.37 1.35 -3.81
C ILE A 30 -2.46 1.80 -4.77
N GLY A 31 -2.98 0.88 -5.63
CA GLY A 31 -4.13 1.19 -6.46
C GLY A 31 -4.67 -0.02 -7.14
N ARG A 32 -5.60 0.17 -8.11
CA ARG A 32 -6.12 -0.88 -8.97
C ARG A 32 -5.39 -1.01 -10.29
N ALA A 33 -4.40 -0.14 -10.59
CA ALA A 33 -3.68 -0.21 -11.85
C ALA A 33 -2.21 -0.48 -11.72
N ASN A 34 -1.60 -1.05 -12.78
CA ASN A 34 -0.29 -1.67 -12.75
C ASN A 34 0.85 -0.69 -12.98
N ASP A 35 0.56 0.62 -12.81
CA ASP A 35 1.55 1.67 -12.73
C ASP A 35 2.08 1.73 -11.32
N ASN A 36 1.31 1.21 -10.35
CA ASN A 36 1.54 1.45 -8.96
C ASN A 36 2.51 0.47 -8.31
N ASP A 37 3.03 -0.52 -9.08
CA ASP A 37 3.87 -1.62 -8.64
C ASP A 37 3.12 -2.73 -7.89
N ILE A 38 2.29 -2.39 -6.87
CA ILE A 38 1.55 -3.38 -6.09
C ILE A 38 0.09 -3.01 -6.17
N VAL A 39 -0.74 -3.97 -6.65
CA VAL A 39 -2.07 -3.67 -7.15
C VAL A 39 -3.10 -4.55 -6.47
N ILE A 40 -4.22 -3.95 -5.98
CA ILE A 40 -5.27 -4.69 -5.29
C ILE A 40 -6.33 -5.05 -6.33
N PRO A 41 -6.73 -6.31 -6.56
CA PRO A 41 -7.77 -6.64 -7.54
C PRO A 41 -9.17 -6.32 -7.04
N GLU A 42 -9.49 -5.04 -6.80
CA GLU A 42 -10.76 -4.55 -6.34
C GLU A 42 -11.43 -3.52 -7.21
N VAL A 43 -12.77 -3.68 -7.35
CA VAL A 43 -13.72 -2.70 -7.88
C VAL A 43 -13.85 -1.49 -6.96
N LEU A 44 -13.67 -1.70 -5.64
CA LEU A 44 -13.74 -0.67 -4.62
C LEU A 44 -12.42 0.10 -4.49
N ALA A 45 -11.36 -0.32 -5.20
CA ALA A 45 -10.09 0.36 -5.19
C ALA A 45 -10.06 1.41 -6.29
N SER A 46 -9.55 2.62 -5.99
CA SER A 46 -9.28 3.64 -6.99
C SER A 46 -7.99 3.31 -7.72
N ARG A 47 -7.79 3.83 -8.96
CA ARG A 47 -6.64 3.51 -9.80
C ARG A 47 -5.33 3.94 -9.17
N HIS A 48 -5.31 5.06 -8.43
CA HIS A 48 -4.32 5.34 -7.41
C HIS A 48 -5.13 5.58 -6.15
N HIS A 49 -4.98 4.74 -5.11
CA HIS A 49 -5.87 4.78 -3.96
C HIS A 49 -5.15 5.37 -2.77
N ALA A 50 -3.91 4.92 -2.54
CA ALA A 50 -3.13 5.35 -1.42
C ALA A 50 -1.67 5.23 -1.79
N THR A 51 -0.77 5.95 -1.10
CA THR A 51 0.64 5.87 -1.33
C THR A 51 1.35 5.56 -0.07
N LEU A 52 2.37 4.68 -0.17
CA LEU A 52 3.41 4.56 0.82
C LEU A 52 4.64 5.32 0.40
N VAL A 53 5.16 6.22 1.27
CA VAL A 53 6.42 6.91 1.04
C VAL A 53 7.31 6.80 2.27
N PRO A 54 8.63 6.61 2.16
CA PRO A 54 9.54 6.67 3.29
C PRO A 54 9.73 8.10 3.76
N THR A 55 10.02 8.29 5.06
CA THR A 55 10.17 9.61 5.65
C THR A 55 11.42 9.52 6.51
N PRO A 56 12.04 10.58 7.04
CA PRO A 56 13.16 10.43 7.97
C PRO A 56 12.77 9.87 9.33
N GLY A 57 11.46 9.82 9.68
CA GLY A 57 11.01 9.34 10.99
C GLY A 57 10.25 8.04 10.95
N GLY A 58 10.20 7.35 9.79
CA GLY A 58 9.39 6.15 9.62
C GLY A 58 8.87 6.12 8.21
N THR A 59 7.78 5.39 7.96
CA THR A 59 7.13 5.33 6.65
C THR A 59 5.70 5.76 6.81
N GLU A 60 5.26 6.73 5.98
CA GLU A 60 3.89 7.15 5.91
C GLU A 60 3.04 6.33 4.97
N ILE A 61 1.77 6.14 5.39
CA ILE A 61 0.66 5.77 4.54
C ILE A 61 -0.12 7.05 4.34
N ARG A 62 -0.43 7.39 3.06
CA ARG A 62 -1.17 8.59 2.74
C ARG A 62 -2.35 8.22 1.87
N ASP A 63 -3.54 8.81 2.16
CA ASP A 63 -4.80 8.46 1.54
C ASP A 63 -5.15 9.43 0.41
N ASN A 64 -5.61 8.92 -0.75
CA ASN A 64 -6.37 9.73 -1.69
C ASN A 64 -7.82 9.63 -1.22
N ARG A 65 -8.17 10.53 -0.27
CA ARG A 65 -9.34 10.62 0.59
C ARG A 65 -10.57 11.06 -0.16
N SER A 66 -10.79 10.27 -1.20
CA SER A 66 -12.04 10.03 -1.91
C SER A 66 -12.92 9.10 -1.06
N ILE A 67 -14.09 8.67 -1.61
CA ILE A 67 -15.22 8.16 -0.84
C ILE A 67 -14.93 6.92 0.00
N ASN A 68 -14.26 5.89 -0.56
CA ASN A 68 -13.99 4.64 0.12
C ASN A 68 -13.04 4.78 1.32
N GLY A 69 -11.95 5.55 1.17
CA GLY A 69 -11.00 5.82 2.25
C GLY A 69 -9.96 4.75 2.45
N THR A 70 -8.99 5.02 3.34
CA THR A 70 -7.99 4.05 3.78
C THR A 70 -8.08 3.98 5.29
N PHE A 71 -8.19 2.74 5.84
CA PHE A 71 -8.31 2.54 7.26
C PHE A 71 -7.03 1.88 7.76
N VAL A 72 -6.47 2.29 8.92
CA VAL A 72 -5.36 1.58 9.55
C VAL A 72 -5.89 1.18 10.91
N ASN A 73 -5.81 -0.13 11.26
CA ASN A 73 -6.37 -0.71 12.49
C ASN A 73 -7.88 -0.54 12.63
N GLY A 74 -8.60 -0.25 11.53
CA GLY A 74 -10.02 0.07 11.56
C GLY A 74 -10.32 1.55 11.71
N ALA A 75 -9.30 2.43 11.81
CA ALA A 75 -9.46 3.85 11.93
C ALA A 75 -9.15 4.51 10.60
N ARG A 76 -10.09 5.34 10.09
CA ARG A 76 -9.89 6.07 8.85
C ARG A 76 -8.96 7.25 9.06
N VAL A 77 -7.90 7.34 8.23
CA VAL A 77 -6.85 8.34 8.37
C VAL A 77 -6.55 9.00 7.03
N ASP A 78 -6.15 10.29 7.05
CA ASP A 78 -5.68 10.99 5.87
C ASP A 78 -4.23 10.67 5.60
N ALA A 79 -3.43 10.64 6.70
CA ALA A 79 -2.06 10.22 6.69
C ALA A 79 -1.76 9.62 8.04
N ALA A 80 -0.82 8.65 8.11
CA ALA A 80 -0.42 8.04 9.35
C ALA A 80 0.94 7.42 9.15
N LEU A 81 1.65 7.11 10.26
CA LEU A 81 2.90 6.37 10.23
C LEU A 81 2.61 4.89 10.41
N LEU A 82 3.24 4.02 9.59
CA LEU A 82 3.19 2.60 9.77
C LEU A 82 4.46 2.07 10.42
N HIS A 83 4.31 1.01 11.23
CA HIS A 83 5.39 0.26 11.82
C HIS A 83 5.06 -1.19 11.54
N ASP A 84 6.04 -2.10 11.71
CA ASP A 84 5.93 -3.47 11.25
C ASP A 84 4.83 -4.26 11.93
N GLY A 85 4.03 -4.91 11.09
CA GLY A 85 2.87 -5.70 11.49
C GLY A 85 1.58 -4.94 11.56
N ASP A 86 1.55 -3.64 11.19
CA ASP A 86 0.34 -2.86 11.19
C ASP A 86 -0.48 -3.19 9.95
N VAL A 87 -1.82 -3.13 10.09
CA VAL A 87 -2.77 -3.66 9.13
C VAL A 87 -3.58 -2.50 8.57
N VAL A 88 -3.60 -2.40 7.23
CA VAL A 88 -4.20 -1.33 6.47
C VAL A 88 -5.35 -1.96 5.70
N THR A 89 -6.57 -1.38 5.76
CA THR A 89 -7.72 -1.95 5.05
C THR A 89 -8.09 -1.00 3.93
N ILE A 90 -8.00 -1.49 2.68
CA ILE A 90 -8.42 -0.82 1.44
C ILE A 90 -9.30 -1.78 0.66
N GLY A 91 -10.51 -1.34 0.23
CA GLY A 91 -11.36 -2.14 -0.65
C GLY A 91 -11.90 -3.41 -0.04
N ASN A 92 -12.01 -3.42 1.31
CA ASN A 92 -12.24 -4.58 2.18
C ASN A 92 -11.14 -5.64 2.12
N ILE A 93 -9.91 -5.25 1.72
CA ILE A 93 -8.76 -6.14 1.62
C ILE A 93 -7.77 -5.66 2.66
N ASP A 94 -7.25 -6.58 3.51
CA ASP A 94 -6.28 -6.23 4.53
C ASP A 94 -4.86 -6.35 3.98
N LEU A 95 -4.12 -5.23 4.03
CA LEU A 95 -2.72 -5.13 3.64
C LEU A 95 -1.89 -5.01 4.89
N VAL A 96 -0.81 -5.81 4.96
CA VAL A 96 -0.04 -6.01 6.17
C VAL A 96 1.34 -5.45 5.89
N PHE A 97 1.84 -4.54 6.75
CA PHE A 97 3.07 -3.82 6.49
C PHE A 97 4.26 -4.54 7.12
N ALA A 98 5.23 -4.98 6.30
CA ALA A 98 6.47 -5.55 6.78
C ALA A 98 7.65 -4.94 6.05
N ASP A 99 8.51 -4.17 6.77
CA ASP A 99 9.78 -3.61 6.32
C ASP A 99 9.68 -2.81 5.01
N GLY A 100 8.63 -1.97 4.85
CA GLY A 100 8.44 -1.17 3.65
C GLY A 100 7.63 -1.85 2.58
N THR A 101 7.32 -3.15 2.75
CA THR A 101 6.67 -3.98 1.74
C THR A 101 5.34 -4.42 2.28
N LEU A 102 4.30 -4.42 1.41
CA LEU A 102 2.97 -4.82 1.80
C LEU A 102 2.77 -6.29 1.44
N ALA A 103 2.16 -7.06 2.36
CA ALA A 103 1.64 -8.38 2.07
C ALA A 103 0.13 -8.31 2.10
N ARG A 104 -0.55 -8.95 1.13
CA ARG A 104 -1.99 -9.04 1.08
C ARG A 104 -2.44 -10.24 1.89
N ARG A 105 -3.37 -10.04 2.85
CA ARG A 105 -3.78 -11.09 3.75
C ARG A 105 -4.87 -11.96 3.17
N GLU A 106 -4.66 -13.30 3.18
CA GLU A 106 -5.68 -14.27 2.87
C GLU A 106 -5.77 -15.19 4.06
N GLU A 107 -7.01 -15.48 4.51
CA GLU A 107 -7.25 -16.34 5.65
C GLU A 107 -7.42 -17.75 5.13
N ASN A 108 -6.29 -18.42 4.79
CA ASN A 108 -6.31 -19.74 4.18
C ASN A 108 -6.42 -20.86 5.26
N GLY A 1 17.89 -0.14 -55.42
CA GLY A 1 19.11 -0.99 -55.17
C GLY A 1 19.12 -1.37 -53.71
N HIS A 2 20.25 -1.92 -53.21
CA HIS A 2 20.46 -2.26 -51.80
C HIS A 2 19.42 -3.22 -51.20
N MET A 3 19.19 -4.38 -51.86
CA MET A 3 18.42 -5.49 -51.31
C MET A 3 19.09 -6.10 -50.08
N TRP A 4 20.41 -6.32 -50.16
CA TRP A 4 21.25 -6.76 -49.08
C TRP A 4 22.38 -5.76 -49.01
N ASN A 5 22.89 -5.45 -47.79
CA ASN A 5 23.99 -4.51 -47.58
C ASN A 5 25.30 -5.07 -48.15
N LEU A 6 25.50 -6.41 -48.00
CA LEU A 6 26.61 -7.22 -48.48
C LEU A 6 27.89 -7.01 -47.69
N ALA A 7 28.28 -5.74 -47.45
CA ALA A 7 29.38 -5.39 -46.57
C ALA A 7 29.00 -5.51 -45.10
N THR A 8 30.00 -5.82 -44.24
CA THR A 8 29.83 -5.95 -42.78
C THR A 8 29.49 -4.61 -42.15
N SER A 9 28.45 -4.58 -41.28
CA SER A 9 28.00 -3.37 -40.62
C SER A 9 27.49 -3.75 -39.25
N MET A 10 27.30 -2.77 -38.35
CA MET A 10 26.65 -3.01 -37.07
C MET A 10 25.15 -3.00 -37.26
N MET A 11 24.46 -4.05 -36.77
CA MET A 11 23.04 -4.24 -36.92
C MET A 11 22.39 -4.10 -35.57
N LYS A 12 21.16 -3.53 -35.52
CA LYS A 12 20.42 -3.39 -34.29
C LYS A 12 19.72 -4.69 -33.94
N ILE A 13 19.77 -5.09 -32.65
CA ILE A 13 19.33 -6.40 -32.20
C ILE A 13 18.13 -6.18 -31.28
N LEU A 14 17.00 -6.87 -31.54
CA LEU A 14 15.86 -6.86 -30.66
C LEU A 14 16.06 -7.91 -29.58
N ARG A 15 15.94 -7.53 -28.29
CA ARG A 15 16.17 -8.39 -27.16
C ARG A 15 14.88 -8.50 -26.35
N PRO A 16 14.59 -9.59 -25.64
CA PRO A 16 13.42 -9.69 -24.78
C PRO A 16 13.58 -8.84 -23.53
N GLY A 17 12.46 -8.49 -22.85
CA GLY A 17 12.45 -7.66 -21.66
C GLY A 17 13.18 -8.24 -20.46
N ARG A 18 13.00 -9.58 -20.24
CA ARG A 18 13.66 -10.41 -19.24
C ARG A 18 13.27 -10.12 -17.80
N LEU A 19 13.24 -8.84 -17.40
CA LEU A 19 12.81 -8.39 -16.09
C LEU A 19 11.29 -8.35 -16.04
N THR A 20 10.68 -8.94 -14.97
CA THR A 20 9.23 -8.97 -14.81
C THR A 20 8.71 -7.64 -14.28
N GLY A 21 7.37 -7.44 -14.33
CA GLY A 21 6.70 -6.23 -13.90
C GLY A 21 6.37 -6.23 -12.43
N GLU A 22 5.70 -5.14 -11.98
CA GLU A 22 5.19 -4.92 -10.65
C GLU A 22 6.23 -4.98 -9.52
N LEU A 23 7.45 -4.48 -9.81
CA LEU A 23 8.51 -4.34 -8.83
C LEU A 23 8.58 -2.88 -8.40
N PRO A 24 8.34 -2.49 -7.14
CA PRO A 24 8.48 -1.11 -6.70
C PRO A 24 9.94 -0.70 -6.54
N PRO A 25 10.32 0.58 -6.65
CA PRO A 25 11.68 1.04 -6.35
C PRO A 25 11.93 1.14 -4.86
N GLY A 26 10.88 1.05 -4.02
CA GLY A 26 10.99 1.22 -2.58
C GLY A 26 9.73 1.87 -2.07
N ALA A 27 9.35 3.01 -2.70
CA ALA A 27 8.04 3.62 -2.50
C ALA A 27 7.00 2.89 -3.33
N VAL A 28 5.73 2.86 -2.86
CA VAL A 28 4.65 2.19 -3.54
C VAL A 28 3.52 3.18 -3.77
N ARG A 29 3.11 3.40 -5.03
CA ARG A 29 1.85 4.03 -5.33
C ARG A 29 0.81 2.92 -5.55
N ILE A 30 -0.26 2.93 -4.73
CA ILE A 30 -1.28 1.88 -4.65
C ILE A 30 -2.50 2.25 -5.49
N GLY A 31 -3.01 1.30 -6.31
CA GLY A 31 -4.25 1.55 -7.03
C GLY A 31 -4.81 0.34 -7.71
N ARG A 32 -5.75 0.59 -8.65
CA ARG A 32 -6.37 -0.38 -9.54
C ARG A 32 -5.67 -0.46 -10.88
N ALA A 33 -4.91 0.59 -11.29
CA ALA A 33 -4.29 0.57 -12.61
C ALA A 33 -2.80 0.30 -12.62
N ASN A 34 -2.37 -0.48 -13.63
CA ASN A 34 -1.09 -1.14 -13.74
C ASN A 34 0.01 -0.23 -14.27
N ASP A 35 -0.24 1.09 -14.19
CA ASP A 35 0.73 2.13 -14.40
C ASP A 35 1.45 2.40 -13.11
N ASN A 36 0.84 2.01 -11.95
CA ASN A 36 1.38 2.29 -10.67
C ASN A 36 2.18 1.08 -10.26
N ASP A 37 2.87 1.18 -9.11
CA ASP A 37 3.78 0.14 -8.65
C ASP A 37 3.11 -1.19 -8.36
N ILE A 38 1.95 -1.15 -7.67
CA ILE A 38 1.30 -2.34 -7.13
C ILE A 38 -0.20 -2.16 -7.30
N VAL A 39 -0.88 -3.22 -7.80
CA VAL A 39 -2.28 -3.14 -8.13
C VAL A 39 -3.12 -4.19 -7.42
N ILE A 40 -4.24 -3.77 -6.80
CA ILE A 40 -5.17 -4.66 -6.12
C ILE A 40 -6.31 -4.90 -7.12
N PRO A 41 -6.66 -6.11 -7.55
CA PRO A 41 -7.78 -6.34 -8.47
C PRO A 41 -9.12 -6.24 -7.76
N GLU A 42 -9.50 -5.04 -7.28
CA GLU A 42 -10.75 -4.74 -6.63
C GLU A 42 -11.65 -3.76 -7.32
N VAL A 43 -12.97 -4.02 -7.19
CA VAL A 43 -14.08 -3.17 -7.58
C VAL A 43 -14.04 -1.89 -6.76
N LEU A 44 -13.73 -2.03 -5.45
CA LEU A 44 -13.70 -0.95 -4.51
C LEU A 44 -12.40 -0.15 -4.55
N ALA A 45 -11.42 -0.55 -5.39
CA ALA A 45 -10.16 0.14 -5.52
C ALA A 45 -10.24 1.23 -6.58
N SER A 46 -9.79 2.45 -6.24
CA SER A 46 -9.66 3.57 -7.18
C SER A 46 -8.41 3.40 -8.04
N ARG A 47 -8.35 4.08 -9.21
CA ARG A 47 -7.29 3.90 -10.20
C ARG A 47 -5.91 4.23 -9.64
N HIS A 48 -5.80 5.34 -8.90
CA HIS A 48 -4.82 5.55 -7.86
C HIS A 48 -5.59 5.77 -6.57
N HIS A 49 -5.25 5.01 -5.50
CA HIS A 49 -6.09 4.93 -4.32
C HIS A 49 -5.36 5.48 -3.12
N ALA A 50 -4.08 5.10 -2.97
CA ALA A 50 -3.30 5.47 -1.82
C ALA A 50 -1.84 5.47 -2.19
N THR A 51 -0.97 6.06 -1.34
CA THR A 51 0.45 6.04 -1.50
C THR A 51 1.11 5.57 -0.23
N LEU A 52 2.09 4.65 -0.38
CA LEU A 52 3.05 4.32 0.67
C LEU A 52 4.42 4.92 0.35
N VAL A 53 4.99 5.76 1.25
CA VAL A 53 6.29 6.39 1.06
C VAL A 53 7.20 6.20 2.27
N PRO A 54 8.50 5.96 2.13
CA PRO A 54 9.44 5.92 3.26
C PRO A 54 9.72 7.31 3.78
N THR A 55 10.11 7.45 5.06
CA THR A 55 10.48 8.73 5.65
C THR A 55 11.79 8.47 6.38
N PRO A 56 12.60 9.43 6.84
CA PRO A 56 13.79 9.12 7.63
C PRO A 56 13.47 8.56 9.01
N GLY A 57 12.20 8.65 9.49
CA GLY A 57 11.81 8.16 10.79
C GLY A 57 10.87 6.99 10.76
N GLY A 58 10.63 6.37 9.57
CA GLY A 58 9.63 5.32 9.46
C GLY A 58 9.07 5.26 8.07
N THR A 59 7.80 4.85 7.94
CA THR A 59 7.07 4.83 6.67
C THR A 59 5.74 5.48 6.87
N GLU A 60 5.37 6.42 5.97
CA GLU A 60 4.04 7.00 5.93
C GLU A 60 3.16 6.36 4.91
N ILE A 61 1.87 6.25 5.31
CA ILE A 61 0.79 5.89 4.44
C ILE A 61 -0.03 7.16 4.25
N ARG A 62 -0.37 7.48 2.99
CA ARG A 62 -1.11 8.68 2.64
C ARG A 62 -2.26 8.31 1.74
N ASP A 63 -3.41 9.02 1.89
CA ASP A 63 -4.61 8.76 1.12
C ASP A 63 -4.60 9.41 -0.27
N ASN A 64 -5.70 9.18 -1.01
CA ASN A 64 -6.45 10.28 -1.54
C ASN A 64 -7.83 9.89 -1.04
N ARG A 65 -8.59 10.87 -0.58
CA ARG A 65 -9.86 10.81 0.10
C ARG A 65 -10.96 10.68 -0.94
N SER A 66 -10.79 9.60 -1.69
CA SER A 66 -11.81 8.89 -2.44
C SER A 66 -12.79 8.26 -1.46
N ILE A 67 -14.00 7.90 -1.93
CA ILE A 67 -15.18 7.57 -1.13
C ILE A 67 -14.94 6.39 -0.19
N ASN A 68 -14.28 5.33 -0.70
CA ASN A 68 -14.03 4.08 0.02
C ASN A 68 -13.09 4.26 1.21
N GLY A 69 -12.02 5.08 1.04
CA GLY A 69 -11.10 5.40 2.10
C GLY A 69 -9.97 4.42 2.27
N THR A 70 -9.06 4.72 3.20
CA THR A 70 -8.00 3.82 3.64
C THR A 70 -8.09 3.77 5.14
N PHE A 71 -8.14 2.56 5.74
CA PHE A 71 -8.23 2.41 7.18
C PHE A 71 -6.92 1.86 7.69
N VAL A 72 -6.39 2.40 8.81
CA VAL A 72 -5.24 1.83 9.51
C VAL A 72 -5.73 1.44 10.87
N ASN A 73 -5.59 0.14 11.23
CA ASN A 73 -5.99 -0.48 12.49
C ASN A 73 -7.46 -0.24 12.84
N GLY A 74 -8.34 -0.16 11.80
CA GLY A 74 -9.76 0.10 11.95
C GLY A 74 -10.15 1.56 11.88
N ALA A 75 -9.19 2.50 11.82
CA ALA A 75 -9.45 3.92 11.83
C ALA A 75 -9.15 4.51 10.47
N ARG A 76 -10.09 5.32 9.92
CA ARG A 76 -9.90 6.00 8.66
C ARG A 76 -9.03 7.23 8.85
N VAL A 77 -7.95 7.35 8.05
CA VAL A 77 -6.90 8.33 8.26
C VAL A 77 -6.54 9.02 6.97
N ASP A 78 -6.06 10.28 7.06
CA ASP A 78 -5.52 11.02 5.92
C ASP A 78 -4.05 10.68 5.69
N ALA A 79 -3.30 10.62 6.79
CA ALA A 79 -1.90 10.23 6.84
C ALA A 79 -1.72 9.53 8.17
N ALA A 80 -0.78 8.58 8.25
CA ALA A 80 -0.48 7.89 9.47
C ALA A 80 0.90 7.35 9.29
N LEU A 81 1.61 7.04 10.39
CA LEU A 81 2.98 6.60 10.32
C LEU A 81 2.96 5.12 10.70
N LEU A 82 3.35 4.24 9.76
CA LEU A 82 3.23 2.81 9.95
C LEU A 82 4.44 2.22 10.63
N HIS A 83 4.13 1.39 11.63
CA HIS A 83 5.05 0.70 12.50
C HIS A 83 4.74 -0.78 12.35
N ASP A 84 5.66 -1.68 12.75
CA ASP A 84 5.55 -3.09 12.46
C ASP A 84 4.37 -3.75 13.15
N GLY A 85 3.58 -4.46 12.33
CA GLY A 85 2.39 -5.17 12.76
C GLY A 85 1.11 -4.39 12.63
N ASP A 86 1.14 -3.15 12.06
CA ASP A 86 -0.08 -2.42 11.75
C ASP A 86 -0.83 -3.06 10.59
N VAL A 87 -2.18 -2.99 10.66
CA VAL A 87 -3.06 -3.61 9.69
C VAL A 87 -3.76 -2.48 8.95
N VAL A 88 -3.69 -2.50 7.60
CA VAL A 88 -4.21 -1.46 6.73
C VAL A 88 -5.31 -2.09 5.90
N THR A 89 -6.50 -1.48 5.80
CA THR A 89 -7.56 -2.02 4.93
C THR A 89 -7.75 -1.10 3.74
N ILE A 90 -7.54 -1.64 2.52
CA ILE A 90 -7.79 -0.99 1.24
C ILE A 90 -8.68 -1.91 0.44
N GLY A 91 -9.87 -1.45 -0.02
CA GLY A 91 -10.73 -2.22 -0.92
C GLY A 91 -11.30 -3.49 -0.34
N ASN A 92 -11.47 -3.50 1.01
CA ASN A 92 -11.77 -4.66 1.86
C ASN A 92 -10.68 -5.74 1.84
N ILE A 93 -9.43 -5.38 1.48
CA ILE A 93 -8.28 -6.28 1.51
C ILE A 93 -7.42 -5.77 2.66
N ASP A 94 -7.10 -6.64 3.64
CA ASP A 94 -6.29 -6.26 4.77
C ASP A 94 -4.80 -6.56 4.57
N LEU A 95 -4.00 -5.48 4.60
CA LEU A 95 -2.57 -5.41 4.38
C LEU A 95 -1.86 -5.29 5.70
N VAL A 96 -0.74 -6.04 5.85
CA VAL A 96 -0.03 -6.14 7.10
C VAL A 96 1.35 -5.55 6.85
N PHE A 97 1.79 -4.59 7.69
CA PHE A 97 3.05 -3.90 7.49
C PHE A 97 4.15 -4.56 8.32
N ALA A 98 5.23 -5.03 7.65
CA ALA A 98 6.37 -5.59 8.34
C ALA A 98 7.67 -5.16 7.66
N ASP A 99 8.57 -4.47 8.41
CA ASP A 99 9.93 -4.12 8.00
C ASP A 99 10.03 -3.37 6.67
N GLY A 100 9.10 -2.43 6.39
CA GLY A 100 9.08 -1.68 5.14
C GLY A 100 8.32 -2.36 4.03
N THR A 101 7.81 -3.59 4.26
CA THR A 101 7.16 -4.40 3.24
C THR A 101 5.72 -4.63 3.66
N LEU A 102 4.79 -4.53 2.70
CA LEU A 102 3.39 -4.86 2.91
C LEU A 102 3.12 -6.24 2.36
N ALA A 103 2.36 -7.06 3.14
CA ALA A 103 1.89 -8.36 2.70
C ALA A 103 0.40 -8.46 2.93
N ARG A 104 -0.33 -9.16 2.04
CA ARG A 104 -1.76 -9.44 2.20
C ARG A 104 -1.94 -10.55 3.23
N ARG A 105 -2.97 -10.44 4.09
CA ARG A 105 -3.26 -11.50 5.05
C ARG A 105 -4.05 -12.60 4.36
N GLU A 106 -3.53 -13.85 4.40
CA GLU A 106 -4.10 -14.98 3.74
C GLU A 106 -4.16 -16.21 4.61
N GLU A 107 -5.23 -17.01 4.40
CA GLU A 107 -5.20 -18.42 4.69
C GLU A 107 -5.30 -19.10 3.33
N ASN A 108 -4.24 -19.84 2.92
CA ASN A 108 -4.22 -20.56 1.66
C ASN A 108 -4.99 -21.92 1.74
#